data_4L0A
# 
_entry.id   4L0A 
# 
_audit_conform.dict_name       mmcif_pdbx.dic 
_audit_conform.dict_version    5.379 
_audit_conform.dict_location   http://mmcif.pdb.org/dictionaries/ascii/mmcif_pdbx.dic 
# 
loop_
_database_2.database_id 
_database_2.database_code 
_database_2.pdbx_database_accession 
_database_2.pdbx_DOI 
PDB   4L0A         pdb_00004l0a 10.2210/pdb4l0a/pdb 
NDB   NA2481       ?            ?                   
RCSB  RCSB080018   ?            ?                   
WWPDB D_1000080018 ?            ?                   
# 
_pdbx_database_status.status_code                     REL 
_pdbx_database_status.entry_id                        4L0A 
_pdbx_database_status.recvd_initial_deposition_date   2013-05-31 
_pdbx_database_status.deposit_site                    RCSB 
_pdbx_database_status.process_site                    RCSB 
_pdbx_database_status.status_code_sf                  REL 
_pdbx_database_status.status_code_mr                  ? 
_pdbx_database_status.SG_entry                        ? 
_pdbx_database_status.status_code_cs                  ? 
_pdbx_database_status.methods_development_category    ? 
_pdbx_database_status.pdb_format_compatible           Y 
_pdbx_database_status.status_code_nmr_data            ? 
# 
loop_
_audit_author.name 
_audit_author.pdbx_ordinal 
'Russo Krauss, I.' 1 
'Parkinson, G.'    2 
'Merlino, A.'      3 
'Mazzarella, L.'   4 
'Sica, F.'         5 
# 
_citation.id                        primary 
_citation.title                     
'A regular thymine tetrad and a peculiar supramolecular assembly in the first crystal structure of an all-LNA G-quadruplex.' 
_citation.journal_abbrev            'Acta Crystallogr.,Sect.D' 
_citation.journal_volume            70 
_citation.page_first                362 
_citation.page_last                 370 
_citation.year                      2014 
_citation.journal_id_ASTM           ABCRE6 
_citation.country                   DK 
_citation.journal_id_ISSN           0907-4449 
_citation.journal_id_CSD            0766 
_citation.book_publisher            ? 
_citation.pdbx_database_id_PubMed   24531470 
_citation.pdbx_database_id_DOI      10.1107/S1399004713028095 
# 
loop_
_citation_author.citation_id 
_citation_author.name 
_citation_author.ordinal 
_citation_author.identifier_ORCID 
primary 'Russo Krauss, I.' 1 ? 
primary 'Parkinson, G.N.'  2 ? 
primary 'Merlino, A.'      3 ? 
primary 'Mattia, C.A.'     4 ? 
primary 'Randazzo, A.'     5 ? 
primary 'Novellino, E.'    6 ? 
primary 'Mazzarella, L.'   7 ? 
primary 'Sica, F.'         8 ? 
# 
_cell.entry_id           4L0A 
_cell.length_a           27.670 
_cell.length_b           27.670 
_cell.length_c           196.830 
_cell.angle_alpha        90.00 
_cell.angle_beta         90.00 
_cell.angle_gamma        120.00 
_cell.Z_PDB              48 
_cell.pdbx_unique_axis   ? 
_cell.length_a_esd       ? 
_cell.length_b_esd       ? 
_cell.length_c_esd       ? 
_cell.angle_alpha_esd    ? 
_cell.angle_beta_esd     ? 
_cell.angle_gamma_esd    ? 
# 
_symmetry.entry_id                         4L0A 
_symmetry.space_group_name_H-M             'P 65' 
_symmetry.pdbx_full_space_group_name_H-M   ? 
_symmetry.cell_setting                     ? 
_symmetry.Int_Tables_number                170 
_symmetry.space_group_name_Hall            ? 
# 
loop_
_entity.id 
_entity.type 
_entity.src_method 
_entity.pdbx_description 
_entity.formula_weight 
_entity.pdbx_number_of_molecules 
_entity.pdbx_ec 
_entity.pdbx_mutation 
_entity.pdbx_fragment 
_entity.details 
1 polymer     syn 
;DNA/RNA (5'-R(*(TLN)P*(LCG)P*(LCG)P*(LCG)P*(TLN))-3')
;
1691.098 8   ? ? ? 
;locked nucleic acid 5'-TGGGT-3'
;
2 non-polymer syn 'POTASSIUM ION'                                         39.098   6   ? ? ? ?                                 
3 non-polymer syn GLYCEROL                                                92.094   3   ? ? ? ?                                 
4 water       nat water                                                   18.015   236 ? ? ? ?                                 
# 
_entity_poly.entity_id                      1 
_entity_poly.type                           'polydeoxyribonucleotide/polyribonucleotide hybrid' 
_entity_poly.nstd_linkage                   no 
_entity_poly.nstd_monomer                   yes 
_entity_poly.pdbx_seq_one_letter_code       '(TLN)(LCG)(LCG)(LCG)(TLN)' 
_entity_poly.pdbx_seq_one_letter_code_can   UGGGU 
_entity_poly.pdbx_strand_id                 A,B,C,D,E,F,G,H 
_entity_poly.pdbx_target_identifier         ? 
# 
loop_
_entity_poly_seq.entity_id 
_entity_poly_seq.num 
_entity_poly_seq.mon_id 
_entity_poly_seq.hetero 
1 1 TLN n 
1 2 LCG n 
1 3 LCG n 
1 4 LCG n 
1 5 TLN n 
# 
_struct_ref.id                         1 
_struct_ref.db_name                    PDB 
_struct_ref.db_code                    4L0A 
_struct_ref.pdbx_db_accession          4L0A 
_struct_ref.entity_id                  1 
_struct_ref.pdbx_align_begin           ? 
_struct_ref.pdbx_seq_one_letter_code   ? 
_struct_ref.pdbx_db_isoform            ? 
# 
loop_
_struct_ref_seq.align_id 
_struct_ref_seq.ref_id 
_struct_ref_seq.pdbx_PDB_id_code 
_struct_ref_seq.pdbx_strand_id 
_struct_ref_seq.seq_align_beg 
_struct_ref_seq.pdbx_seq_align_beg_ins_code 
_struct_ref_seq.seq_align_end 
_struct_ref_seq.pdbx_seq_align_end_ins_code 
_struct_ref_seq.pdbx_db_accession 
_struct_ref_seq.db_align_beg 
_struct_ref_seq.pdbx_db_align_beg_ins_code 
_struct_ref_seq.db_align_end 
_struct_ref_seq.pdbx_db_align_end_ins_code 
_struct_ref_seq.pdbx_auth_seq_align_beg 
_struct_ref_seq.pdbx_auth_seq_align_end 
1 1 4L0A A 1 ? 5 ? 4L0A 1 ? 5 ? 1 5 
2 1 4L0A B 1 ? 5 ? 4L0A 1 ? 5 ? 1 5 
3 1 4L0A C 1 ? 5 ? 4L0A 1 ? 5 ? 1 5 
4 1 4L0A D 1 ? 5 ? 4L0A 1 ? 5 ? 1 5 
5 1 4L0A E 1 ? 5 ? 4L0A 1 ? 5 ? 1 5 
6 1 4L0A F 1 ? 5 ? 4L0A 1 ? 5 ? 1 5 
7 1 4L0A G 1 ? 5 ? 4L0A 1 ? 5 ? 1 5 
8 1 4L0A H 1 ? 5 ? 4L0A 1 ? 5 ? 1 5 
# 
loop_
_chem_comp.id 
_chem_comp.type 
_chem_comp.mon_nstd_flag 
_chem_comp.name 
_chem_comp.pdbx_synonyms 
_chem_comp.formula 
_chem_comp.formula_weight 
GOL non-polymer   . GLYCEROL                                                                                                
'GLYCERIN; PROPANE-1,2,3-TRIOL' 'C3 H8 O3'        92.094  
HOH non-polymer   . WATER                                                                                                   ? 
'H2 O'            18.015  
K   non-polymer   . 'POTASSIUM ION'                                                                                         ? 
'K 1'             39.098  
LCG 'RNA linking' n '[(1R,3R,4R,7S)-7-HYDROXY-3-(GUANIN-9-YL)-2,5-DIOXABICYCLO[2.2.1]HEPT-1-YL]METHYL DIHYDROGEN PHOSPHATE' ? 
'C11 H14 N5 O8 P' 375.231 
TLN 'RNA linking' n '[(1R,3R,4R,7S)-7-HYDROXY-3-(THYMIN-1-YL)-2,5-DIOXABICYCLO[2.2.1]HEPT-1-YL]METHYL DIHYDROGEN PHOSPHATE' ? 
'C11 H15 N2 O9 P' 350.219 
# 
_exptl.entry_id          4L0A 
_exptl.method            'X-RAY DIFFRACTION' 
_exptl.crystals_number   1 
# 
_exptl_crystal.id                    1 
_exptl_crystal.density_meas          ? 
_exptl_crystal.density_Matthews      1.61 
_exptl_crystal.density_percent_sol   23.5 
_exptl_crystal.description           ? 
_exptl_crystal.F_000                 ? 
_exptl_crystal.preparation           ? 
# 
_exptl_crystal_grow.crystal_id      1 
_exptl_crystal_grow.method          'VAPOR DIFFUSION' 
_exptl_crystal_grow.temp            293 
_exptl_crystal_grow.temp_details    ? 
_exptl_crystal_grow.pH              6.5 
_exptl_crystal_grow.pdbx_details    
'2.0 M ammonium sulphate, 10 mM  magnesium sulphate, 50 mM sodium cacodilate, pH 6.5, VAPOR DIFFUSION, temperature 293K' 
_exptl_crystal_grow.pdbx_pH_range   ? 
# 
_diffrn.id                     1 
_diffrn.ambient_temp           100 
_diffrn.ambient_temp_details   ? 
_diffrn.crystal_id             1 
# 
_diffrn_detector.diffrn_id              1 
_diffrn_detector.detector               CCD 
_diffrn_detector.type                   'RIGAKU SATURN 944' 
_diffrn_detector.pdbx_collection_date   ? 
_diffrn_detector.details                ? 
# 
_diffrn_radiation.diffrn_id                        1 
_diffrn_radiation.wavelength_id                    1 
_diffrn_radiation.pdbx_monochromatic_or_laue_m_l   M 
_diffrn_radiation.monochromator                    ? 
_diffrn_radiation.pdbx_diffrn_protocol             'SINGLE WAVELENGTH' 
_diffrn_radiation.pdbx_scattering_type             x-ray 
# 
_diffrn_radiation_wavelength.id           1 
_diffrn_radiation_wavelength.wavelength   1.54 
_diffrn_radiation_wavelength.wt           1.0 
# 
_diffrn_source.diffrn_id                   1 
_diffrn_source.source                      'ROTATING ANODE' 
_diffrn_source.type                        'RIGAKU MICROMAX-007 HF' 
_diffrn_source.pdbx_synchrotron_site       ? 
_diffrn_source.pdbx_synchrotron_beamline   ? 
_diffrn_source.pdbx_wavelength             ? 
_diffrn_source.pdbx_wavelength_list        1.54 
# 
_reflns.entry_id                     4L0A 
_reflns.observed_criterion_sigma_I   0.0 
_reflns.observed_criterion_sigma_F   0.0 
_reflns.d_resolution_low             30.0 
_reflns.d_resolution_high            1.70 
_reflns.number_obs                   8969 
_reflns.number_all                   9327 
_reflns.percent_possible_obs         96.1 
_reflns.pdbx_Rmerge_I_obs            0.053 
_reflns.pdbx_Rsym_value              ? 
_reflns.pdbx_netI_over_sigmaI        11.9 
_reflns.B_iso_Wilson_estimate        ? 
_reflns.pdbx_redundancy              ? 
_reflns.R_free_details               ? 
_reflns.limit_h_max                  ? 
_reflns.limit_h_min                  ? 
_reflns.limit_k_max                  ? 
_reflns.limit_k_min                  ? 
_reflns.limit_l_max                  ? 
_reflns.limit_l_min                  ? 
_reflns.observed_criterion_F_max     ? 
_reflns.observed_criterion_F_min     ? 
_reflns.pdbx_chi_squared             ? 
_reflns.pdbx_scaling_rejects         ? 
_reflns.pdbx_ordinal                 1 
_reflns.pdbx_diffrn_id               1 
# 
_reflns_shell.d_res_high             1.70 
_reflns_shell.d_res_low              1.73 
_reflns_shell.percent_possible_all   74.3 
_reflns_shell.Rmerge_I_obs           0.061 
_reflns_shell.pdbx_Rsym_value        ? 
_reflns_shell.meanI_over_sigI_obs    7.7 
_reflns_shell.pdbx_redundancy        2.5 
_reflns_shell.percent_possible_obs   ? 
_reflns_shell.number_unique_all      ? 
_reflns_shell.number_measured_all    ? 
_reflns_shell.number_measured_obs    ? 
_reflns_shell.number_unique_obs      ? 
_reflns_shell.pdbx_chi_squared       ? 
_reflns_shell.pdbx_ordinal           1 
_reflns_shell.pdbx_diffrn_id         1 
# 
_refine.entry_id                                 4L0A 
_refine.ls_number_reflns_obs                     8945 
_refine.ls_number_reflns_all                     8969 
_refine.pdbx_ls_sigma_I                          ? 
_refine.pdbx_ls_sigma_F                          0.0 
_refine.pdbx_data_cutoff_high_absF               ? 
_refine.pdbx_data_cutoff_low_absF                ? 
_refine.pdbx_data_cutoff_high_rms_absF           ? 
_refine.ls_d_res_low                             30.0 
_refine.ls_d_res_high                            1.70 
_refine.ls_percent_reflns_obs                    ? 
_refine.ls_R_factor_obs                          0.16 
_refine.ls_R_factor_all                          0.16 
_refine.ls_R_factor_R_work                       0.16 
_refine.ls_R_factor_R_free                       0.18 
_refine.ls_R_factor_R_free_error                 ? 
_refine.ls_R_factor_R_free_error_details         ? 
_refine.ls_percent_reflns_R_free                 ? 
_refine.ls_number_reflns_R_free                  472 
_refine.ls_number_parameters                     ? 
_refine.ls_number_restraints                     ? 
_refine.occupancy_min                            ? 
_refine.occupancy_max                            ? 
_refine.correlation_coeff_Fo_to_Fc               ? 
_refine.correlation_coeff_Fo_to_Fc_free          ? 
_refine.B_iso_mean                               ? 
_refine.aniso_B[1][1]                            ? 
_refine.aniso_B[2][2]                            ? 
_refine.aniso_B[3][3]                            ? 
_refine.aniso_B[1][2]                            ? 
_refine.aniso_B[1][3]                            ? 
_refine.aniso_B[2][3]                            ? 
_refine.solvent_model_details                    ? 
_refine.solvent_model_param_ksol                 ? 
_refine.solvent_model_param_bsol                 ? 
_refine.pdbx_solvent_vdw_probe_radii             ? 
_refine.pdbx_solvent_ion_probe_radii             ? 
_refine.pdbx_solvent_shrinkage_radii             ? 
_refine.pdbx_ls_cross_valid_method               ? 
_refine.details                                  ? 
_refine.pdbx_starting_model                      1S9L 
_refine.pdbx_method_to_determine_struct          'MOLECULAR REPLACEMENT' 
_refine.pdbx_isotropic_thermal_model             ? 
_refine.pdbx_stereochemistry_target_values       'Engh & Huber' 
_refine.pdbx_stereochem_target_val_spec_case     ? 
_refine.pdbx_R_Free_selection_details            random 
_refine.pdbx_overall_ESU_R                       ? 
_refine.pdbx_overall_ESU_R_Free                  ? 
_refine.overall_SU_ML                            ? 
_refine.pdbx_overall_phase_error                 ? 
_refine.overall_SU_B                             ? 
_refine.overall_SU_R_Cruickshank_DPI             ? 
_refine.ls_redundancy_reflns_obs                 ? 
_refine.B_iso_min                                ? 
_refine.B_iso_max                                ? 
_refine.overall_SU_R_free                        ? 
_refine.ls_wR_factor_R_free                      ? 
_refine.ls_wR_factor_R_work                      ? 
_refine.overall_FOM_free_R_set                   ? 
_refine.overall_FOM_work_R_set                   ? 
_refine.pdbx_diffrn_id                           1 
_refine.pdbx_refine_id                           'X-RAY DIFFRACTION' 
_refine.pdbx_TLS_residual_ADP_flag               ? 
_refine.pdbx_overall_SU_R_free_Cruickshank_DPI   ? 
_refine.pdbx_overall_SU_R_Blow_DPI               ? 
_refine.pdbx_overall_SU_R_free_Blow_DPI          ? 
# 
_refine_hist.pdbx_refine_id                   'X-RAY DIFFRACTION' 
_refine_hist.cycle_id                         LAST 
_refine_hist.pdbx_number_atoms_protein        0 
_refine_hist.pdbx_number_atoms_nucleic_acid   904 
_refine_hist.pdbx_number_atoms_ligand         24 
_refine_hist.number_atoms_solvent             236 
_refine_hist.number_atoms_total               1164 
_refine_hist.d_res_high                       1.70 
_refine_hist.d_res_low                        30.0 
# 
_struct.entry_id                  4L0A 
_struct.title                     'X-ray structure of an all LNA quadruplex' 
_struct.pdbx_model_details        ? 
_struct.pdbx_CASP_flag            ? 
_struct.pdbx_model_type_details   ? 
# 
_struct_keywords.entry_id        4L0A 
_struct_keywords.pdbx_keywords   'DNA, RNA' 
_struct_keywords.text            'parallel G-quadruplex, locked nucleic acid (LNA), DNA, RNA' 
# 
loop_
_struct_asym.id 
_struct_asym.pdbx_blank_PDB_chainid_flag 
_struct_asym.pdbx_modified 
_struct_asym.entity_id 
_struct_asym.details 
A N N 1 ? 
B N N 1 ? 
C N N 1 ? 
D N N 1 ? 
E N N 1 ? 
F N N 1 ? 
G N N 1 ? 
H N N 1 ? 
I N N 2 ? 
J N N 2 ? 
K N N 2 ? 
L N N 3 ? 
M N N 3 ? 
N N N 3 ? 
O N N 2 ? 
P N N 2 ? 
Q N N 2 ? 
R N N 4 ? 
S N N 4 ? 
T N N 4 ? 
U N N 4 ? 
V N N 4 ? 
W N N 4 ? 
X N N 4 ? 
Y N N 4 ? 
# 
_struct_biol.id        1 
_struct_biol.details   ? 
# 
loop_
_struct_conn.id 
_struct_conn.conn_type_id 
_struct_conn.pdbx_leaving_atom_flag 
_struct_conn.pdbx_PDB_id 
_struct_conn.ptnr1_label_asym_id 
_struct_conn.ptnr1_label_comp_id 
_struct_conn.ptnr1_label_seq_id 
_struct_conn.ptnr1_label_atom_id 
_struct_conn.pdbx_ptnr1_label_alt_id 
_struct_conn.pdbx_ptnr1_PDB_ins_code 
_struct_conn.pdbx_ptnr1_standard_comp_id 
_struct_conn.ptnr1_symmetry 
_struct_conn.ptnr2_label_asym_id 
_struct_conn.ptnr2_label_comp_id 
_struct_conn.ptnr2_label_seq_id 
_struct_conn.ptnr2_label_atom_id 
_struct_conn.pdbx_ptnr2_label_alt_id 
_struct_conn.pdbx_ptnr2_PDB_ins_code 
_struct_conn.ptnr1_auth_asym_id 
_struct_conn.ptnr1_auth_comp_id 
_struct_conn.ptnr1_auth_seq_id 
_struct_conn.ptnr2_auth_asym_id 
_struct_conn.ptnr2_auth_comp_id 
_struct_conn.ptnr2_auth_seq_id 
_struct_conn.ptnr2_symmetry 
_struct_conn.pdbx_ptnr3_label_atom_id 
_struct_conn.pdbx_ptnr3_label_seq_id 
_struct_conn.pdbx_ptnr3_label_comp_id 
_struct_conn.pdbx_ptnr3_label_asym_id 
_struct_conn.pdbx_ptnr3_label_alt_id 
_struct_conn.pdbx_ptnr3_PDB_ins_code 
_struct_conn.details 
_struct_conn.pdbx_dist_value 
_struct_conn.pdbx_value_order 
_struct_conn.pdbx_role 
covale1  covale both ? A TLN 1 "O3'" ? ? ? 1_555 A LCG 2 P  ? ? A TLN 1    A LCG 2    1_555 ? ? ? ? ? ? ?                 1.623 ? 
? 
covale2  covale both ? A LCG 2 "O3'" ? ? ? 1_555 A LCG 3 P  ? ? A LCG 2    A LCG 3    1_555 ? ? ? ? ? ? ?                 1.630 ? 
? 
covale3  covale both ? A LCG 3 "O3'" ? ? ? 1_555 A LCG 4 P  ? ? A LCG 3    A LCG 4    1_555 ? ? ? ? ? ? ?                 1.606 ? 
? 
covale4  covale both ? A LCG 4 "O3'" ? ? ? 1_555 A TLN 5 P  ? ? A LCG 4    A TLN 5    1_555 ? ? ? ? ? ? ?                 1.588 ? 
? 
covale5  covale both ? B TLN 1 "O3'" ? ? ? 1_555 B LCG 2 P  ? ? B TLN 1    B LCG 2    1_555 ? ? ? ? ? ? ?                 1.612 ? 
? 
covale6  covale both ? B LCG 2 "O3'" ? ? ? 1_555 B LCG 3 P  ? ? B LCG 2    B LCG 3    1_555 ? ? ? ? ? ? ?                 1.654 ? 
? 
covale7  covale both ? B LCG 3 "O3'" ? ? ? 1_555 B LCG 4 P  ? ? B LCG 3    B LCG 4    1_555 ? ? ? ? ? ? ?                 1.616 ? 
? 
covale8  covale both ? B LCG 4 "O3'" ? ? ? 1_555 B TLN 5 P  ? ? B LCG 4    B TLN 5    1_555 ? ? ? ? ? ? ?                 1.567 ? 
? 
covale9  covale both ? C TLN 1 "O3'" ? ? ? 1_555 C LCG 2 P  ? ? C TLN 1    C LCG 2    1_555 ? ? ? ? ? ? ?                 1.645 ? 
? 
covale10 covale both ? C LCG 2 "O3'" ? ? ? 1_555 C LCG 3 P  ? ? C LCG 2    C LCG 3    1_555 ? ? ? ? ? ? ?                 1.640 ? 
? 
covale11 covale both ? C LCG 3 "O3'" ? ? ? 1_555 C LCG 4 P  ? ? C LCG 3    C LCG 4    1_555 ? ? ? ? ? ? ?                 1.605 ? 
? 
covale12 covale both ? C LCG 4 "O3'" ? ? ? 1_555 C TLN 5 P  ? ? C LCG 4    C TLN 5    1_555 ? ? ? ? ? ? ?                 1.553 ? 
? 
covale13 covale both ? D TLN 1 "O3'" ? ? ? 1_555 D LCG 2 P  ? ? D TLN 1    D LCG 2    1_555 ? ? ? ? ? ? ?                 1.621 ? 
? 
covale14 covale both ? D LCG 2 "O3'" ? ? ? 1_555 D LCG 3 P  ? ? D LCG 2    D LCG 3    1_555 ? ? ? ? ? ? ?                 1.621 ? 
? 
covale15 covale both ? D LCG 3 "O3'" ? ? ? 1_555 D LCG 4 P  ? ? D LCG 3    D LCG 4    1_555 ? ? ? ? ? ? ?                 1.569 ? 
? 
covale16 covale both ? D LCG 4 "O3'" ? ? ? 1_555 D TLN 5 P  ? ? D LCG 4    D TLN 5    1_555 ? ? ? ? ? ? ?                 1.597 ? 
? 
covale17 covale both ? E TLN 1 "O3'" ? ? ? 1_555 E LCG 2 P  ? ? E TLN 1    E LCG 2    1_555 ? ? ? ? ? ? ?                 1.653 ? 
? 
covale18 covale both ? E LCG 2 "O3'" ? ? ? 1_555 E LCG 3 P  ? ? E LCG 2    E LCG 3    1_555 ? ? ? ? ? ? ?                 1.608 ? 
? 
covale19 covale both ? E LCG 3 "O3'" ? ? ? 1_555 E LCG 4 P  ? ? E LCG 3    E LCG 4    1_555 ? ? ? ? ? ? ?                 1.556 ? 
? 
covale20 covale both ? E LCG 4 "O3'" ? ? ? 1_555 E TLN 5 P  ? ? E LCG 4    E TLN 5    1_555 ? ? ? ? ? ? ?                 1.545 ? 
? 
covale21 covale both ? F TLN 1 "O3'" ? ? ? 1_555 F LCG 2 P  ? ? F TLN 1    F LCG 2    1_555 ? ? ? ? ? ? ?                 1.634 ? 
? 
covale22 covale both ? F LCG 2 "O3'" ? ? ? 1_555 F LCG 3 P  ? ? F LCG 2    F LCG 3    1_555 ? ? ? ? ? ? ?                 1.555 ? 
? 
covale23 covale both ? F LCG 3 "O3'" ? ? ? 1_555 F LCG 4 P  ? ? F LCG 3    F LCG 4    1_555 ? ? ? ? ? ? ?                 1.587 ? 
? 
covale24 covale both ? F LCG 4 "O3'" ? ? ? 1_555 F TLN 5 P  ? ? F LCG 4    F TLN 5    1_555 ? ? ? ? ? ? ?                 1.620 ? 
? 
covale25 covale both ? G TLN 1 "O3'" ? ? ? 1_555 G LCG 2 P  ? ? G TLN 1    G LCG 2    1_555 ? ? ? ? ? ? ?                 1.619 ? 
? 
covale26 covale both ? G LCG 2 "O3'" ? ? ? 1_555 G LCG 3 P  ? ? G LCG 2    G LCG 3    1_555 ? ? ? ? ? ? ?                 1.612 ? 
? 
covale27 covale both ? G LCG 3 "O3'" ? ? ? 1_555 G LCG 4 P  ? ? G LCG 3    G LCG 4    1_555 ? ? ? ? ? ? ?                 1.543 ? 
? 
covale28 covale both ? G LCG 4 "O3'" ? ? ? 1_555 G TLN 5 P  ? ? G LCG 4    G TLN 5    1_555 ? ? ? ? ? ? ?                 1.625 ? 
? 
covale29 covale both ? H TLN 1 "O3'" ? ? ? 1_555 H LCG 2 P  ? ? H TLN 1    H LCG 2    1_555 ? ? ? ? ? ? ?                 1.579 ? 
? 
covale30 covale both ? H LCG 2 "O3'" ? ? ? 1_555 H LCG 3 P  ? ? H LCG 2    H LCG 3    1_555 ? ? ? ? ? ? ?                 1.602 ? 
? 
covale31 covale both ? H LCG 3 "O3'" ? ? ? 1_555 H LCG 4 P  ? ? H LCG 3    H LCG 4    1_555 ? ? ? ? ? ? ?                 1.598 ? 
? 
covale32 covale both ? H LCG 4 "O3'" ? ? ? 1_555 H TLN 5 P  ? ? H LCG 4    H TLN 5    1_555 ? ? ? ? ? ? ?                 1.581 ? 
? 
metalc1  metalc ?    ? A LCG 2 O6    ? ? ? 1_555 K K   . K  ? ? A LCG 2    A K   103  1_555 ? ? ? ? ? ? ?                 2.809 ? 
? 
metalc2  metalc ?    ? A LCG 3 O6    ? ? ? 1_555 I K   . K  ? ? A LCG 3    A K   101  1_555 ? ? ? ? ? ? ?                 2.985 ? 
? 
metalc3  metalc ?    ? A LCG 3 O6    ? ? ? 1_555 K K   . K  ? ? A LCG 3    A K   103  1_555 ? ? ? ? ? ? ?                 3.209 ? 
? 
metalc4  metalc ?    ? A LCG 4 O6    ? ? ? 1_555 I K   . K  ? ? A LCG 4    A K   101  1_555 ? ? ? ? ? ? ?                 3.060 ? 
? 
metalc5  metalc ?    ? A LCG 4 O6    ? ? ? 1_555 J K   . K  ? ? A LCG 4    A K   102  1_555 ? ? ? ? ? ? ?                 3.074 ? 
? 
metalc6  metalc ?    ? A TLN 5 O4    ? ? ? 1_555 J K   . K  ? ? A TLN 5    A K   102  1_555 ? ? ? ? ? ? ?                 3.102 ? 
? 
metalc7  metalc ?    ? I K   . K     ? ? ? 1_555 B LCG 3 O6 ? ? A K   101  B LCG 3    1_555 ? ? ? ? ? ? ?                 2.846 ? 
? 
metalc8  metalc ?    ? I K   . K     ? ? ? 1_555 B LCG 4 O6 ? ? A K   101  B LCG 4    1_555 ? ? ? ? ? ? ?                 2.989 ? 
? 
metalc9  metalc ?    ? I K   . K     ? ? ? 1_555 C LCG 3 O6 ? ? A K   101  C LCG 3    1_555 ? ? ? ? ? ? ?                 2.926 ? 
? 
metalc10 metalc ?    ? I K   . K     ? ? ? 1_555 C LCG 4 O6 ? ? A K   101  C LCG 4    1_555 ? ? ? ? ? ? ?                 2.826 ? 
? 
metalc11 metalc ?    ? I K   . K     ? ? ? 1_555 D LCG 3 O6 ? ? A K   101  D LCG 3    1_555 ? ? ? ? ? ? ?                 2.821 ? 
? 
metalc12 metalc ?    ? I K   . K     ? ? ? 1_555 D LCG 4 O6 ? ? A K   101  D LCG 4    1_555 ? ? ? ? ? ? ?                 2.886 ? 
? 
metalc13 metalc ?    ? J K   . K     ? ? ? 1_555 B LCG 4 O6 ? ? A K   102  B LCG 4    1_555 ? ? ? ? ? ? ?                 2.992 ? 
? 
metalc14 metalc ?    ? J K   . K     ? ? ? 1_555 B TLN 5 O4 ? ? A K   102  B TLN 5    1_555 ? ? ? ? ? ? ?                 3.007 ? 
? 
metalc15 metalc ?    ? J K   . K     ? ? ? 1_555 C LCG 4 O6 ? ? A K   102  C LCG 4    1_555 ? ? ? ? ? ? ?                 3.093 ? 
? 
metalc16 metalc ?    ? J K   . K     ? ? ? 1_555 C TLN 5 O4 ? ? A K   102  C TLN 5    1_555 ? ? ? ? ? ? ?                 2.884 ? 
? 
metalc17 metalc ?    ? J K   . K     ? ? ? 1_555 D LCG 4 O6 ? ? A K   102  D LCG 4    1_555 ? ? ? ? ? ? ?                 3.003 ? 
? 
metalc18 metalc ?    ? J K   . K     ? ? ? 1_555 D TLN 5 O4 ? ? A K   102  D TLN 5    1_555 ? ? ? ? ? ? ?                 2.935 ? 
? 
metalc19 metalc ?    ? K K   . K     ? ? ? 1_555 B LCG 2 O6 ? ? A K   103  B LCG 2    1_555 ? ? ? ? ? ? ?                 2.875 ? 
? 
metalc20 metalc ?    ? K K   . K     ? ? ? 1_555 B LCG 3 O6 ? ? A K   103  B LCG 3    1_555 ? ? ? ? ? ? ?                 3.141 ? 
? 
metalc21 metalc ?    ? K K   . K     ? ? ? 1_555 C LCG 2 O6 ? ? A K   103  C LCG 2    1_555 ? ? ? ? ? ? ?                 2.782 ? 
? 
metalc22 metalc ?    ? K K   . K     ? ? ? 1_555 C LCG 3 O6 ? ? A K   103  C LCG 3    1_555 ? ? ? ? ? ? ?                 3.022 ? 
? 
metalc23 metalc ?    ? K K   . K     ? ? ? 1_555 D LCG 2 O6 ? ? A K   103  D LCG 2    1_555 ? ? ? ? ? ? ?                 2.881 ? 
? 
metalc24 metalc ?    ? K K   . K     ? ? ? 1_555 D LCG 3 O6 ? ? A K   103  D LCG 3    1_555 ? ? ? ? ? ? ?                 3.149 ? 
? 
metalc25 metalc ?    ? E LCG 2 O6    ? ? ? 1_555 O K   . K  ? ? E LCG 2    E K   3003 1_555 ? ? ? ? ? ? ?                 2.760 ? 
? 
metalc26 metalc ?    ? E LCG 3 O6    ? ? ? 1_555 O K   . K  ? ? E LCG 3    E K   3003 1_555 ? ? ? ? ? ? ?                 3.001 ? 
? 
metalc27 metalc ?    ? E LCG 3 O6    ? ? ? 1_555 P K   . K  ? ? E LCG 3    E K   3004 1_555 ? ? ? ? ? ? ?                 2.943 ? 
? 
metalc28 metalc ?    ? E LCG 4 O6    ? ? ? 1_555 P K   . K  ? ? E LCG 4    E K   3004 1_555 ? ? ? ? ? ? ?                 2.996 ? 
? 
metalc29 metalc ?    ? E LCG 4 O6    ? ? ? 1_555 Q K   . K  ? ? E LCG 4    E K   3005 1_555 ? ? ? ? ? ? ?                 3.038 ? 
? 
metalc30 metalc ?    ? E TLN 5 O4    ? ? ? 1_555 Q K   . K  ? ? E TLN 5    E K   3005 1_555 ? ? ? ? ? ? ?                 2.787 ? 
? 
metalc31 metalc ?    ? O K   . K     ? ? ? 1_555 F LCG 2 O6 ? ? E K   3003 F LCG 2    1_555 ? ? ? ? ? ? ?                 2.834 ? 
? 
metalc32 metalc ?    ? O K   . K     ? ? ? 1_555 F LCG 3 O6 ? ? E K   3003 F LCG 3    1_555 ? ? ? ? ? ? ?                 3.091 ? 
? 
metalc33 metalc ?    ? O K   . K     ? ? ? 1_555 G LCG 2 O6 ? ? E K   3003 G LCG 2    1_555 ? ? ? ? ? ? ?                 2.759 ? 
? 
metalc34 metalc ?    ? O K   . K     ? ? ? 1_555 G LCG 3 O6 ? ? E K   3003 G LCG 3    1_555 ? ? ? ? ? ? ?                 3.138 ? 
? 
metalc35 metalc ?    ? O K   . K     ? ? ? 1_555 H LCG 2 O6 ? ? E K   3003 H LCG 2    1_555 ? ? ? ? ? ? ?                 2.991 ? 
? 
metalc36 metalc ?    ? O K   . K     ? ? ? 1_555 H LCG 3 O6 ? ? E K   3003 H LCG 3    1_555 ? ? ? ? ? ? ?                 3.176 ? 
? 
metalc37 metalc ?    ? P K   . K     ? ? ? 1_555 F LCG 3 O6 ? ? E K   3004 F LCG 3    1_555 ? ? ? ? ? ? ?                 2.894 ? 
? 
metalc38 metalc ?    ? P K   . K     ? ? ? 1_555 F LCG 4 O6 ? ? E K   3004 F LCG 4    1_555 ? ? ? ? ? ? ?                 2.991 ? 
? 
metalc39 metalc ?    ? P K   . K     ? ? ? 1_555 G LCG 3 O6 ? ? E K   3004 G LCG 3    1_555 ? ? ? ? ? ? ?                 2.991 ? 
? 
metalc40 metalc ?    ? P K   . K     ? ? ? 1_555 G LCG 4 O6 ? ? E K   3004 G LCG 4    1_555 ? ? ? ? ? ? ?                 3.043 ? 
? 
metalc41 metalc ?    ? P K   . K     ? ? ? 1_555 H LCG 3 O6 ? ? E K   3004 H LCG 3    1_555 ? ? ? ? ? ? ?                 2.899 ? 
? 
metalc42 metalc ?    ? P K   . K     ? ? ? 1_555 H LCG 4 O6 ? ? E K   3004 H LCG 4    1_555 ? ? ? ? ? ? ?                 2.805 ? 
? 
metalc43 metalc ?    ? Q K   . K     ? ? ? 1_555 F LCG 4 O6 ? ? E K   3005 F LCG 4    1_555 ? ? ? ? ? ? ?                 3.129 ? 
? 
metalc44 metalc ?    ? Q K   . K     ? ? ? 1_555 F TLN 5 O4 ? ? E K   3005 F TLN 5    1_555 ? ? ? ? ? ? ?                 2.943 ? 
? 
metalc45 metalc ?    ? Q K   . K     ? ? ? 1_555 G LCG 4 O6 ? ? E K   3005 G LCG 4    1_555 ? ? ? ? ? ? ?                 3.065 ? 
? 
metalc46 metalc ?    ? Q K   . K     ? ? ? 1_555 G TLN 5 O4 ? ? E K   3005 G TLN 5    1_555 ? ? ? ? ? ? ?                 2.948 ? 
? 
metalc47 metalc ?    ? Q K   . K     ? ? ? 1_555 H LCG 4 O6 ? ? E K   3005 H LCG 4    1_555 ? ? ? ? ? ? ?                 3.189 ? 
? 
metalc48 metalc ?    ? Q K   . K     ? ? ? 1_555 H TLN 5 O4 ? ? E K   3005 H TLN 5    1_555 ? ? ? ? ? ? ?                 3.081 ? 
? 
hydrog1  hydrog ?    ? A LCG 2 N7    ? ? ? 1_555 B LCG 2 N2 ? ? A LCG 2    B LCG 2    1_555 ? ? ? ? ? ? TYPE_6_PAIR       ?     ? 
? 
hydrog2  hydrog ?    ? A LCG 2 O6    ? ? ? 1_555 B LCG 2 N1 ? ? A LCG 2    B LCG 2    1_555 ? ? ? ? ? ? TYPE_6_PAIR       ?     ? 
? 
hydrog3  hydrog ?    ? A LCG 2 N1    ? ? ? 1_555 C LCG 2 O6 ? ? A LCG 2    C LCG 2    1_555 ? ? ? ? ? ? TYPE_6_PAIR       ?     ? 
? 
hydrog4  hydrog ?    ? A LCG 2 N2    ? ? ? 1_555 C LCG 2 N7 ? ? A LCG 2    C LCG 2    1_555 ? ? ? ? ? ? TYPE_6_PAIR       ?     ? 
? 
hydrog5  hydrog ?    ? A LCG 3 N7    ? ? ? 1_555 B LCG 3 N2 ? ? A LCG 3    B LCG 3    1_555 ? ? ? ? ? ? TYPE_6_PAIR       ?     ? 
? 
hydrog6  hydrog ?    ? A LCG 3 O6    ? ? ? 1_555 B LCG 3 N1 ? ? A LCG 3    B LCG 3    1_555 ? ? ? ? ? ? TYPE_6_PAIR       ?     ? 
? 
hydrog7  hydrog ?    ? A LCG 3 N1    ? ? ? 1_555 C LCG 3 O6 ? ? A LCG 3    C LCG 3    1_555 ? ? ? ? ? ? TYPE_6_PAIR       ?     ? 
? 
hydrog8  hydrog ?    ? A LCG 3 N2    ? ? ? 1_555 C LCG 3 N7 ? ? A LCG 3    C LCG 3    1_555 ? ? ? ? ? ? TYPE_6_PAIR       ?     ? 
? 
hydrog9  hydrog ?    ? A LCG 4 N7    ? ? ? 1_555 B LCG 4 N2 ? ? A LCG 4    B LCG 4    1_555 ? ? ? ? ? ? TYPE_6_PAIR       ?     ? 
? 
hydrog10 hydrog ?    ? A LCG 4 O6    ? ? ? 1_555 B LCG 4 N1 ? ? A LCG 4    B LCG 4    1_555 ? ? ? ? ? ? TYPE_6_PAIR       ?     ? 
? 
hydrog11 hydrog ?    ? A LCG 4 N1    ? ? ? 1_555 C LCG 4 O6 ? ? A LCG 4    C LCG 4    1_555 ? ? ? ? ? ? TYPE_6_PAIR       ?     ? 
? 
hydrog12 hydrog ?    ? A LCG 4 N2    ? ? ? 1_555 C LCG 4 N7 ? ? A LCG 4    C LCG 4    1_555 ? ? ? ? ? ? TYPE_6_PAIR       ?     ? 
? 
hydrog13 hydrog ?    ? A TLN 5 O4    ? ? ? 1_555 B TLN 5 N3 ? ? A TLN 5    B TLN 5    1_555 ? ? ? ? ? ? 'TLN-TLN MISPAIR' ?     ? 
? 
hydrog14 hydrog ?    ? A TLN 5 N3    ? ? ? 1_555 C TLN 5 O4 ? ? A TLN 5    C TLN 5    1_555 ? ? ? ? ? ? 'TLN-TLN MISPAIR' ?     ? 
? 
hydrog15 hydrog ?    ? B LCG 2 N7    ? ? ? 1_555 D LCG 2 N2 ? ? B LCG 2    D LCG 2    1_555 ? ? ? ? ? ? TYPE_6_PAIR       ?     ? 
? 
hydrog16 hydrog ?    ? B LCG 2 O6    ? ? ? 1_555 D LCG 2 N1 ? ? B LCG 2    D LCG 2    1_555 ? ? ? ? ? ? TYPE_6_PAIR       ?     ? 
? 
hydrog17 hydrog ?    ? B LCG 3 N7    ? ? ? 1_555 D LCG 3 N2 ? ? B LCG 3    D LCG 3    1_555 ? ? ? ? ? ? TYPE_6_PAIR       ?     ? 
? 
hydrog18 hydrog ?    ? B LCG 3 O6    ? ? ? 1_555 D LCG 3 N1 ? ? B LCG 3    D LCG 3    1_555 ? ? ? ? ? ? TYPE_6_PAIR       ?     ? 
? 
hydrog19 hydrog ?    ? B LCG 4 N7    ? ? ? 1_555 D LCG 4 N2 ? ? B LCG 4    D LCG 4    1_555 ? ? ? ? ? ? TYPE_6_PAIR       ?     ? 
? 
hydrog20 hydrog ?    ? B LCG 4 O6    ? ? ? 1_555 D LCG 4 N1 ? ? B LCG 4    D LCG 4    1_555 ? ? ? ? ? ? TYPE_6_PAIR       ?     ? 
? 
hydrog21 hydrog ?    ? B TLN 5 O4    ? ? ? 1_555 D TLN 5 N3 ? ? B TLN 5    D TLN 5    1_555 ? ? ? ? ? ? 'TLN-TLN MISPAIR' ?     ? 
? 
hydrog22 hydrog ?    ? C LCG 2 N1    ? ? ? 1_555 D LCG 2 O6 ? ? C LCG 2    D LCG 2    1_555 ? ? ? ? ? ? TYPE_6_PAIR       ?     ? 
? 
hydrog23 hydrog ?    ? C LCG 2 N2    ? ? ? 1_555 D LCG 2 N7 ? ? C LCG 2    D LCG 2    1_555 ? ? ? ? ? ? TYPE_6_PAIR       ?     ? 
? 
hydrog24 hydrog ?    ? C LCG 3 N1    ? ? ? 1_555 D LCG 3 O6 ? ? C LCG 3    D LCG 3    1_555 ? ? ? ? ? ? TYPE_6_PAIR       ?     ? 
? 
hydrog25 hydrog ?    ? C LCG 3 N2    ? ? ? 1_555 D LCG 3 N7 ? ? C LCG 3    D LCG 3    1_555 ? ? ? ? ? ? TYPE_6_PAIR       ?     ? 
? 
hydrog26 hydrog ?    ? C LCG 4 N1    ? ? ? 1_555 D LCG 4 O6 ? ? C LCG 4    D LCG 4    1_555 ? ? ? ? ? ? TYPE_6_PAIR       ?     ? 
? 
hydrog27 hydrog ?    ? C LCG 4 N2    ? ? ? 1_555 D LCG 4 N7 ? ? C LCG 4    D LCG 4    1_555 ? ? ? ? ? ? TYPE_6_PAIR       ?     ? 
? 
hydrog28 hydrog ?    ? C TLN 5 N3    ? ? ? 1_555 D TLN 5 O4 ? ? C TLN 5    D TLN 5    1_555 ? ? ? ? ? ? 'TLN-TLN MISPAIR' ?     ? 
? 
hydrog29 hydrog ?    ? E LCG 2 N7    ? ? ? 1_555 F LCG 2 N2 ? ? E LCG 2    F LCG 2    1_555 ? ? ? ? ? ? TYPE_6_PAIR       ?     ? 
? 
hydrog30 hydrog ?    ? E LCG 2 O6    ? ? ? 1_555 F LCG 2 N1 ? ? E LCG 2    F LCG 2    1_555 ? ? ? ? ? ? TYPE_6_PAIR       ?     ? 
? 
hydrog31 hydrog ?    ? E LCG 2 N1    ? ? ? 1_555 G LCG 2 O6 ? ? E LCG 2    G LCG 2    1_555 ? ? ? ? ? ? TYPE_6_PAIR       ?     ? 
? 
hydrog32 hydrog ?    ? E LCG 2 N2    ? ? ? 1_555 G LCG 2 N7 ? ? E LCG 2    G LCG 2    1_555 ? ? ? ? ? ? TYPE_6_PAIR       ?     ? 
? 
hydrog33 hydrog ?    ? E LCG 3 N7    ? ? ? 1_555 F LCG 3 N2 ? ? E LCG 3    F LCG 3    1_555 ? ? ? ? ? ? TYPE_6_PAIR       ?     ? 
? 
hydrog34 hydrog ?    ? E LCG 3 O6    ? ? ? 1_555 F LCG 3 N1 ? ? E LCG 3    F LCG 3    1_555 ? ? ? ? ? ? TYPE_6_PAIR       ?     ? 
? 
hydrog35 hydrog ?    ? E LCG 3 N1    ? ? ? 1_555 G LCG 3 O6 ? ? E LCG 3    G LCG 3    1_555 ? ? ? ? ? ? TYPE_6_PAIR       ?     ? 
? 
hydrog36 hydrog ?    ? E LCG 3 N2    ? ? ? 1_555 G LCG 3 N7 ? ? E LCG 3    G LCG 3    1_555 ? ? ? ? ? ? TYPE_6_PAIR       ?     ? 
? 
hydrog37 hydrog ?    ? E LCG 4 N7    ? ? ? 1_555 F LCG 4 N2 ? ? E LCG 4    F LCG 4    1_555 ? ? ? ? ? ? TYPE_6_PAIR       ?     ? 
? 
hydrog38 hydrog ?    ? E LCG 4 O6    ? ? ? 1_555 F LCG 4 N1 ? ? E LCG 4    F LCG 4    1_555 ? ? ? ? ? ? TYPE_6_PAIR       ?     ? 
? 
hydrog39 hydrog ?    ? E LCG 4 N1    ? ? ? 1_555 G LCG 4 O6 ? ? E LCG 4    G LCG 4    1_555 ? ? ? ? ? ? TYPE_6_PAIR       ?     ? 
? 
hydrog40 hydrog ?    ? E LCG 4 N2    ? ? ? 1_555 G LCG 4 N7 ? ? E LCG 4    G LCG 4    1_555 ? ? ? ? ? ? TYPE_6_PAIR       ?     ? 
? 
hydrog41 hydrog ?    ? E TLN 5 O4    ? ? ? 1_555 F TLN 5 N3 ? ? E TLN 5    F TLN 5    1_555 ? ? ? ? ? ? 'TLN-TLN MISPAIR' ?     ? 
? 
hydrog42 hydrog ?    ? E TLN 5 N3    ? ? ? 1_555 G TLN 5 O4 ? ? E TLN 5    G TLN 5    1_555 ? ? ? ? ? ? 'TLN-TLN MISPAIR' ?     ? 
? 
hydrog43 hydrog ?    ? F LCG 2 N7    ? ? ? 1_555 H LCG 2 N2 ? ? F LCG 2    H LCG 2    1_555 ? ? ? ? ? ? TYPE_6_PAIR       ?     ? 
? 
hydrog44 hydrog ?    ? F LCG 2 O6    ? ? ? 1_555 H LCG 2 N1 ? ? F LCG 2    H LCG 2    1_555 ? ? ? ? ? ? TYPE_6_PAIR       ?     ? 
? 
hydrog45 hydrog ?    ? F LCG 3 N7    ? ? ? 1_555 H LCG 3 N2 ? ? F LCG 3    H LCG 3    1_555 ? ? ? ? ? ? TYPE_6_PAIR       ?     ? 
? 
hydrog46 hydrog ?    ? F LCG 3 O6    ? ? ? 1_555 H LCG 3 N1 ? ? F LCG 3    H LCG 3    1_555 ? ? ? ? ? ? TYPE_6_PAIR       ?     ? 
? 
hydrog47 hydrog ?    ? F LCG 4 N7    ? ? ? 1_555 H LCG 4 N2 ? ? F LCG 4    H LCG 4    1_555 ? ? ? ? ? ? TYPE_6_PAIR       ?     ? 
? 
hydrog48 hydrog ?    ? F LCG 4 O6    ? ? ? 1_555 H LCG 4 N1 ? ? F LCG 4    H LCG 4    1_555 ? ? ? ? ? ? TYPE_6_PAIR       ?     ? 
? 
hydrog49 hydrog ?    ? F TLN 5 O4    ? ? ? 1_555 H TLN 5 N3 ? ? F TLN 5    H TLN 5    1_555 ? ? ? ? ? ? 'TLN-TLN MISPAIR' ?     ? 
? 
hydrog50 hydrog ?    ? G LCG 2 N1    ? ? ? 1_555 H LCG 2 O6 ? ? G LCG 2    H LCG 2    1_555 ? ? ? ? ? ? TYPE_6_PAIR       ?     ? 
? 
hydrog51 hydrog ?    ? G LCG 2 N2    ? ? ? 1_555 H LCG 2 N7 ? ? G LCG 2    H LCG 2    1_555 ? ? ? ? ? ? TYPE_6_PAIR       ?     ? 
? 
hydrog52 hydrog ?    ? G LCG 3 N1    ? ? ? 1_555 H LCG 3 O6 ? ? G LCG 3    H LCG 3    1_555 ? ? ? ? ? ? TYPE_6_PAIR       ?     ? 
? 
hydrog53 hydrog ?    ? G LCG 3 N2    ? ? ? 1_555 H LCG 3 N7 ? ? G LCG 3    H LCG 3    1_555 ? ? ? ? ? ? TYPE_6_PAIR       ?     ? 
? 
hydrog54 hydrog ?    ? G LCG 4 N1    ? ? ? 1_555 H LCG 4 O6 ? ? G LCG 4    H LCG 4    1_555 ? ? ? ? ? ? TYPE_6_PAIR       ?     ? 
? 
hydrog55 hydrog ?    ? G LCG 4 N2    ? ? ? 1_555 H LCG 4 N7 ? ? G LCG 4    H LCG 4    1_555 ? ? ? ? ? ? TYPE_6_PAIR       ?     ? 
? 
hydrog56 hydrog ?    ? G TLN 5 N3    ? ? ? 1_555 H TLN 5 O4 ? ? G TLN 5    H TLN 5    1_555 ? ? ? ? ? ? 'TLN-TLN MISPAIR' ?     ? 
? 
# 
loop_
_struct_conn_type.id 
_struct_conn_type.criteria 
_struct_conn_type.reference 
covale ? ? 
metalc ? ? 
hydrog ? ? 
# 
loop_
_struct_site.id 
_struct_site.pdbx_evidence_code 
_struct_site.pdbx_auth_asym_id 
_struct_site.pdbx_auth_comp_id 
_struct_site.pdbx_auth_seq_id 
_struct_site.pdbx_auth_ins_code 
_struct_site.pdbx_num_residues 
_struct_site.details 
AC1 Software A K   101  ? 10 'BINDING SITE FOR RESIDUE K A 101'    
AC2 Software A K   102  ? 9  'BINDING SITE FOR RESIDUE K A 102'    
AC3 Software A K   103  ? 9  'BINDING SITE FOR RESIDUE K A 103'    
AC4 Software C GOL 101  ? 9  'BINDING SITE FOR RESIDUE GOL C 101'  
AC5 Software E GOL 3001 ? 8  'BINDING SITE FOR RESIDUE GOL E 3001' 
AC6 Software E GOL 3002 ? 6  'BINDING SITE FOR RESIDUE GOL E 3002' 
AC7 Software E K   3003 ? 9  'BINDING SITE FOR RESIDUE K E 3003'   
AC8 Software E K   3004 ? 9  'BINDING SITE FOR RESIDUE K E 3004'   
AC9 Software E K   3005 ? 8  'BINDING SITE FOR RESIDUE K E 3005'   
# 
loop_
_struct_site_gen.id 
_struct_site_gen.site_id 
_struct_site_gen.pdbx_num_res 
_struct_site_gen.label_comp_id 
_struct_site_gen.label_asym_id 
_struct_site_gen.label_seq_id 
_struct_site_gen.pdbx_auth_ins_code 
_struct_site_gen.auth_comp_id 
_struct_site_gen.auth_asym_id 
_struct_site_gen.auth_seq_id 
_struct_site_gen.label_atom_id 
_struct_site_gen.label_alt_id 
_struct_site_gen.symmetry 
_struct_site_gen.details 
1  AC1 10 LCG A 3 ? LCG A 3    . ? 1_555 ? 
2  AC1 10 LCG A 4 ? LCG A 4    . ? 1_555 ? 
3  AC1 10 K   J . ? K   A 102  . ? 1_555 ? 
4  AC1 10 K   K . ? K   A 103  . ? 1_555 ? 
5  AC1 10 LCG B 3 ? LCG B 3    . ? 1_555 ? 
6  AC1 10 LCG B 4 ? LCG B 4    . ? 1_555 ? 
7  AC1 10 LCG C 3 ? LCG C 3    . ? 1_555 ? 
8  AC1 10 LCG C 4 ? LCG C 4    . ? 1_555 ? 
9  AC1 10 LCG D 3 ? LCG D 3    . ? 1_555 ? 
10 AC1 10 LCG D 4 ? LCG D 4    . ? 1_555 ? 
11 AC2 9  LCG A 4 ? LCG A 4    . ? 1_555 ? 
12 AC2 9  TLN A 5 ? TLN A 5    . ? 1_555 ? 
13 AC2 9  K   I . ? K   A 101  . ? 1_555 ? 
14 AC2 9  LCG B 4 ? LCG B 4    . ? 1_555 ? 
15 AC2 9  TLN B 5 ? TLN B 5    . ? 1_555 ? 
16 AC2 9  LCG C 4 ? LCG C 4    . ? 1_555 ? 
17 AC2 9  TLN C 5 ? TLN C 5    . ? 1_555 ? 
18 AC2 9  LCG D 4 ? LCG D 4    . ? 1_555 ? 
19 AC2 9  TLN D 5 ? TLN D 5    . ? 1_555 ? 
20 AC3 9  LCG A 2 ? LCG A 2    . ? 1_555 ? 
21 AC3 9  LCG A 3 ? LCG A 3    . ? 1_555 ? 
22 AC3 9  K   I . ? K   A 101  . ? 1_555 ? 
23 AC3 9  LCG B 2 ? LCG B 2    . ? 1_555 ? 
24 AC3 9  LCG B 3 ? LCG B 3    . ? 1_555 ? 
25 AC3 9  LCG C 2 ? LCG C 2    . ? 1_555 ? 
26 AC3 9  LCG C 3 ? LCG C 3    . ? 1_555 ? 
27 AC3 9  LCG D 2 ? LCG D 2    . ? 1_555 ? 
28 AC3 9  LCG D 3 ? LCG D 3    . ? 1_555 ? 
29 AC4 9  LCG B 4 ? LCG B 4    . ? 1_455 ? 
30 AC4 9  TLN B 5 ? TLN B 5    . ? 1_455 ? 
31 AC4 9  HOH S . ? HOH B 118  . ? 1_455 ? 
32 AC4 9  LCG C 4 ? LCG C 4    . ? 1_555 ? 
33 AC4 9  TLN C 5 ? TLN C 5    . ? 1_555 ? 
34 AC4 9  HOH T . ? HOH C 222  . ? 1_555 ? 
35 AC4 9  HOH T . ? HOH C 223  . ? 1_555 ? 
36 AC4 9  HOH T . ? HOH C 225  . ? 1_555 ? 
37 AC4 9  HOH T . ? HOH C 226  . ? 1_555 ? 
38 AC5 8  LCG E 2 ? LCG E 2    . ? 1_555 ? 
39 AC5 8  LCG E 3 ? LCG E 3    . ? 1_555 ? 
40 AC5 8  HOH V . ? HOH E 3115 . ? 1_555 ? 
41 AC5 8  LCG F 4 ? LCG F 4    . ? 1_555 ? 
42 AC5 8  TLN H 1 ? TLN H 1    . ? 1_665 ? 
43 AC5 8  LCG H 2 ? LCG H 2    . ? 1_665 ? 
44 AC5 8  HOH Y . ? HOH H 105  . ? 1_665 ? 
45 AC5 8  HOH Y . ? HOH H 115  . ? 1_665 ? 
46 AC6 6  LCG B 4 ? LCG B 4    . ? 1_555 ? 
47 AC6 6  TLN B 5 ? TLN B 5    . ? 1_555 ? 
48 AC6 6  LCG D 4 ? LCG D 4    . ? 1_555 ? 
49 AC6 6  TLN D 5 ? TLN D 5    . ? 1_555 ? 
50 AC6 6  TLN E 5 ? TLN E 5    . ? 1_555 ? 
51 AC6 6  HOH V . ? HOH E 3121 . ? 1_555 ? 
52 AC7 9  LCG E 2 ? LCG E 2    . ? 1_555 ? 
53 AC7 9  LCG E 3 ? LCG E 3    . ? 1_555 ? 
54 AC7 9  K   P . ? K   E 3004 . ? 1_555 ? 
55 AC7 9  LCG F 2 ? LCG F 2    . ? 1_555 ? 
56 AC7 9  LCG F 3 ? LCG F 3    . ? 1_555 ? 
57 AC7 9  LCG G 2 ? LCG G 2    . ? 1_555 ? 
58 AC7 9  LCG G 3 ? LCG G 3    . ? 1_555 ? 
59 AC7 9  LCG H 2 ? LCG H 2    . ? 1_555 ? 
60 AC7 9  LCG H 3 ? LCG H 3    . ? 1_555 ? 
61 AC8 9  LCG E 3 ? LCG E 3    . ? 1_555 ? 
62 AC8 9  LCG E 4 ? LCG E 4    . ? 1_555 ? 
63 AC8 9  K   O . ? K   E 3003 . ? 1_555 ? 
64 AC8 9  LCG F 3 ? LCG F 3    . ? 1_555 ? 
65 AC8 9  LCG F 4 ? LCG F 4    . ? 1_555 ? 
66 AC8 9  LCG G 3 ? LCG G 3    . ? 1_555 ? 
67 AC8 9  LCG G 4 ? LCG G 4    . ? 1_555 ? 
68 AC8 9  LCG H 3 ? LCG H 3    . ? 1_555 ? 
69 AC8 9  LCG H 4 ? LCG H 4    . ? 1_555 ? 
70 AC9 8  LCG E 4 ? LCG E 4    . ? 1_555 ? 
71 AC9 8  TLN E 5 ? TLN E 5    . ? 1_555 ? 
72 AC9 8  LCG F 4 ? LCG F 4    . ? 1_555 ? 
73 AC9 8  TLN F 5 ? TLN F 5    . ? 1_555 ? 
74 AC9 8  LCG G 4 ? LCG G 4    . ? 1_555 ? 
75 AC9 8  TLN G 5 ? TLN G 5    . ? 1_555 ? 
76 AC9 8  LCG H 4 ? LCG H 4    . ? 1_555 ? 
77 AC9 8  TLN H 5 ? TLN H 5    . ? 1_555 ? 
# 
_atom_sites.entry_id                    4L0A 
_atom_sites.fract_transf_matrix[1][1]   -0.03567972 
_atom_sites.fract_transf_matrix[1][2]   -0.01735498 
_atom_sites.fract_transf_matrix[1][3]   -0.01293259 
_atom_sites.fract_transf_matrix[2][1]   -0.03581368 
_atom_sites.fract_transf_matrix[2][2]   0.00895412 
_atom_sites.fract_transf_matrix[2][3]   0.01945971 
_atom_sites.fract_transf_matrix[3][1]   -0.00074766 
_atom_sites.fract_transf_matrix[3][2]   0.00389956 
_atom_sites.fract_transf_matrix[3][3]   -0.00317033 
_atom_sites.fract_transf_vector[1]      0.811320 
_atom_sites.fract_transf_vector[2]      -0.064869 
_atom_sites.fract_transf_vector[3]      0.067495 
# 
loop_
_atom_type.symbol 
C 
K 
N 
O 
P 
# 
loop_
_atom_site.group_PDB 
_atom_site.id 
_atom_site.type_symbol 
_atom_site.label_atom_id 
_atom_site.label_alt_id 
_atom_site.label_comp_id 
_atom_site.label_asym_id 
_atom_site.label_entity_id 
_atom_site.label_seq_id 
_atom_site.pdbx_PDB_ins_code 
_atom_site.Cartn_x 
_atom_site.Cartn_y 
_atom_site.Cartn_z 
_atom_site.occupancy 
_atom_site.B_iso_or_equiv 
_atom_site.pdbx_formal_charge 
_atom_site.auth_seq_id 
_atom_site.auth_comp_id 
_atom_site.auth_asym_id 
_atom_site.auth_atom_id 
_atom_site.pdbx_PDB_model_num 
HETATM 1    O "O5'" . TLN A 1 1 ? -4.139  -14.273 4.051   1.00 9.50  ? 1    TLN A "O5'" 1 
HETATM 2    C "C5'" . TLN A 1 1 ? -4.421  -15.251 3.023   1.00 8.28  ? 1    TLN A "C5'" 1 
HETATM 3    C "C4'" . TLN A 1 1 ? -5.755  -15.958 3.299   1.00 8.05  ? 1    TLN A "C4'" 1 
HETATM 4    O "O4'" . TLN A 1 1 ? -5.791  -16.587 4.586   1.00 8.92  ? 1    TLN A "O4'" 1 
HETATM 5    C "C1'" . TLN A 1 1 ? -7.176  -16.680 4.942   1.00 8.14  ? 1    TLN A "C1'" 1 
HETATM 6    N N1    . TLN A 1 1 ? -7.516  -15.942 6.180   1.00 7.97  ? 1    TLN A N1    1 
HETATM 7    C C6    . TLN A 1 1 ? -6.551  -15.193 6.866   1.00 9.19  ? 1    TLN A C6    1 
HETATM 8    C C5    . TLN A 1 1 ? -6.915  -14.393 7.939   1.00 7.47  ? 1    TLN A C5    1 
HETATM 9    C C5M   . TLN A 1 1 ? -5.987  -13.620 8.643   1.00 7.45  ? 1    TLN A C5M   1 
HETATM 10   C C4    . TLN A 1 1 ? -8.238  -14.348 8.355   1.00 8.16  ? 1    TLN A C4    1 
HETATM 11   O O4    . TLN A 1 1 ? -8.572  -13.585 9.262   1.00 10.00 ? 1    TLN A O4    1 
HETATM 12   N N3    . TLN A 1 1 ? -9.173  -15.196 7.747   1.00 8.18  ? 1    TLN A N3    1 
HETATM 13   C C2    . TLN A 1 1 ? -8.772  -15.979 6.662   1.00 7.76  ? 1    TLN A C2    1 
HETATM 14   O O2    . TLN A 1 1 ? -9.611  -16.719 6.153   1.00 8.58  ? 1    TLN A O2    1 
HETATM 15   C "C3'" . TLN A 1 1 ? -6.943  -15.023 3.396   1.00 8.76  ? 1    TLN A "C3'" 1 
HETATM 16   C "C2'" . TLN A 1 1 ? -7.896  -16.155 3.714   1.00 7.77  ? 1    TLN A "C2'" 1 
HETATM 17   O "O2'" . TLN A 1 1 ? -7.628  -17.099 2.651   1.00 7.35  ? 1    TLN A "O2'" 1 
HETATM 18   O "O3'" . TLN A 1 1 ? -7.179  -14.391 2.138   1.00 8.24  ? 1    TLN A "O3'" 1 
HETATM 19   C "C6'" . TLN A 1 1 ? -6.251  -16.931 2.244   1.00 8.51  ? 1    TLN A "C6'" 1 
HETATM 20   P P     . LCG A 1 2 ? -8.410  -13.342 1.993   1.00 9.50  ? 2    LCG A P     1 
HETATM 21   O OP1   . LCG A 1 2 ? -9.598  -14.219 1.734   1.00 9.94  ? 2    LCG A OP1   1 
HETATM 22   O "O5'" . LCG A 1 2 ? -8.426  -12.660 3.448   1.00 8.33  ? 2    LCG A "O5'" 1 
HETATM 23   C "C5'" . LCG A 1 2 ? -9.537  -12.800 4.351   1.00 6.12  ? 2    LCG A "C5'" 1 
HETATM 24   C "C3'" . LCG A 1 2 ? -9.035  -10.447 5.120   1.00 5.35  ? 2    LCG A "C3'" 1 
HETATM 25   C "C6'" . LCG A 1 2 ? -10.356 -11.712 6.608   1.00 6.78  ? 2    LCG A "C6'" 1 
HETATM 26   N N9    . LCG A 1 2 ? -6.293  -10.713 6.679   1.00 5.78  ? 2    LCG A N9    1 
HETATM 27   C C8    . LCG A 1 2 ? -5.520  -11.402 5.841   1.00 4.10  ? 2    LCG A C8    1 
HETATM 28   C C4    . LCG A 1 2 ? -5.519  -9.799  7.262   1.00 3.54  ? 2    LCG A C4    1 
HETATM 29   N N7    . LCG A 1 2 ? -4.275  -10.935 5.921   1.00 5.19  ? 2    LCG A N7    1 
HETATM 30   C C5    . LCG A 1 2 ? -4.260  -9.961  6.829   1.00 4.58  ? 2    LCG A C5    1 
HETATM 31   C C6    . LCG A 1 2 ? -3.256  -9.245  7.323   1.00 6.59  ? 2    LCG A C6    1 
HETATM 32   C "C2'" . LCG A 1 2 ? -8.799  -10.026 6.554   1.00 5.22  ? 2    LCG A "C2'" 1 
HETATM 33   O O6    . LCG A 1 2 ? -2.058  -9.280  7.003   1.00 6.13  ? 2    LCG A O6    1 
HETATM 34   C "C4'" . LCG A 1 2 ? -9.289  -11.876 5.545   1.00 5.62  ? 2    LCG A "C4'" 1 
HETATM 35   C "C1'" . LCG A 1 2 ? -7.721  -11.039 6.938   1.00 4.62  ? 2    LCG A "C1'" 1 
HETATM 36   C C2    . LCG A 1 2 ? -4.926  -8.134  8.723   1.00 3.41  ? 2    LCG A C2    1 
HETATM 37   N N1    . LCG A 1 2 ? -3.604  -8.307  8.292   1.00 5.03  ? 2    LCG A N1    1 
HETATM 38   O "O4'" . LCG A 1 2 ? -8.044  -12.210 6.168   1.00 5.61  ? 2    LCG A "O4'" 1 
HETATM 39   O OP2   . LCG A 1 2 ? -7.896  -12.469 0.933   1.00 11.02 ? 2    LCG A OP2   1 
HETATM 40   N N2    . LCG A 1 2 ? -5.217  -7.242  9.661   1.00 6.41  ? 2    LCG A N2    1 
HETATM 41   N N3    . LCG A 1 2 ? -5.873  -8.927  8.213   1.00 5.23  ? 2    LCG A N3    1 
HETATM 42   O "O2'" . LCG A 1 2 ? -9.998  -10.466 7.226   1.00 6.17  ? 2    LCG A "O2'" 1 
HETATM 43   O "O3'" . LCG A 1 2 ? -10.206 -9.883  4.508   1.00 5.26  ? 2    LCG A "O3'" 1 
HETATM 44   P P     . LCG A 1 3 ? -10.208 -8.372  3.895   1.00 7.35  ? 3    LCG A P     1 
HETATM 45   O OP1   . LCG A 1 3 ? -11.622 -8.189  3.491   1.00 7.24  ? 3    LCG A OP1   1 
HETATM 46   O "O5'" . LCG A 1 3 ? -9.884  -7.387  5.023   1.00 6.08  ? 3    LCG A "O5'" 1 
HETATM 47   C "C5'" . LCG A 1 3 ? -10.710 -7.224  6.179   1.00 6.46  ? 3    LCG A "C5'" 1 
HETATM 48   C "C3'" . LCG A 1 3 ? -9.586  -4.928  6.433   1.00 6.78  ? 3    LCG A "C3'" 1 
HETATM 49   C "C6'" . LCG A 1 3 ? -10.680 -5.652  8.311   1.00 8.13  ? 3    LCG A "C6'" 1 
HETATM 50   N N9    . LCG A 1 3 ? -6.732  -5.824  6.806   1.00 5.54  ? 3    LCG A N9    1 
HETATM 51   C C8    . LCG A 1 3 ? -6.562  -6.536  5.692   1.00 5.02  ? 3    LCG A C8    1 
HETATM 52   C C4    . LCG A 1 3 ? -5.577  -5.225  7.071   1.00 4.56  ? 3    LCG A C4    1 
HETATM 53   N N7    . LCG A 1 3 ? -5.292  -6.441  5.313   1.00 4.52  ? 3    LCG A N7    1 
HETATM 54   C C5    . LCG A 1 3 ? -4.665  -5.666  6.200   1.00 3.80  ? 3    LCG A C5    1 
HETATM 55   C C6    . LCG A 1 3 ? -3.374  -5.376  6.354   1.00 3.09  ? 3    LCG A C6    1 
HETATM 56   C "C2'" . LCG A 1 3 ? -8.777  -4.531  7.652   1.00 7.52  ? 3    LCG A "C2'" 1 
HETATM 57   O O6    . LCG A 1 3 ? -2.521  -5.846  5.600   1.00 2.59  ? 3    LCG A O6    1 
HETATM 58   C "C4'" . LCG A 1 3 ? -9.999  -6.225  7.086   1.00 7.30  ? 3    LCG A "C4'" 1 
HETATM 59   C "C1'" . LCG A 1 3 ? -7.884  -5.766  7.749   1.00 5.79  ? 3    LCG A "C1'" 1 
HETATM 60   C C2    . LCG A 1 3 ? -4.000  -4.074  8.293   1.00 2.60  ? 3    LCG A C2    1 
HETATM 61   N N1    . LCG A 1 3 ? -3.003  -4.530  7.417   1.00 2.58  ? 3    LCG A N1    1 
HETATM 62   O "O4'" . LCG A 1 3 ? -8.766  -6.840  7.439   1.00 7.48  ? 3    LCG A "O4'" 1 
HETATM 63   O OP2   . LCG A 1 3 ? -9.154  -8.295  2.871   1.00 7.59  ? 3    LCG A OP2   1 
HETATM 64   N N2    . LCG A 1 3 ? -3.682  -3.255  9.287   1.00 4.09  ? 3    LCG A N2    1 
HETATM 65   N N3    . LCG A 1 3 ? -5.283  -4.419  8.100   1.00 4.14  ? 3    LCG A N3    1 
HETATM 66   O "O2'" . LCG A 1 3 ? -9.778  -4.581  8.696   1.00 6.38  ? 3    LCG A "O2'" 1 
HETATM 67   O "O3'" . LCG A 1 3 ? -10.746 -4.114  6.258   1.00 7.21  ? 3    LCG A "O3'" 1 
HETATM 68   P P     . LCG A 1 4 ? -10.699 -2.892  5.216   1.00 7.20  ? 4    LCG A P     1 
HETATM 69   O OP1   . LCG A 1 4 ? -12.099 -2.316  5.293   1.00 7.77  ? 4    LCG A OP1   1 
HETATM 70   O "O5'" . LCG A 1 4 ? -9.697  -1.927  5.949   1.00 7.16  ? 4    LCG A "O5'" 1 
HETATM 71   C "C5'" . LCG A 1 4 ? -10.089 -1.203  7.113   1.00 6.82  ? 4    LCG A "C5'" 1 
HETATM 72   C "C3'" . LCG A 1 4 ? -8.231  0.408   6.550   1.00 7.75  ? 4    LCG A "C3'" 1 
HETATM 73   C "C6'" . LCG A 1 4 ? -8.757  0.277   8.865   1.00 7.97  ? 4    LCG A "C6'" 1 
HETATM 74   N N9    . LCG A 1 4 ? -5.736  -1.327  6.442   1.00 5.96  ? 4    LCG A N9    1 
HETATM 75   C C8    . LCG A 1 4 ? -6.171  -2.093  5.446   1.00 4.27  ? 4    LCG A C8    1 
HETATM 76   C C4    . LCG A 1 4 ? -4.411  -1.240  6.274   1.00 4.66  ? 4    LCG A C4    1 
HETATM 77   N N7    . LCG A 1 4 ? -5.132  -2.529  4.733   1.00 4.21  ? 4    LCG A N7    1 
HETATM 78   C C5    . LCG A 1 4 ? -4.016  -2.007  5.248   1.00 4.47  ? 4    LCG A C5    1 
HETATM 79   C C6    . LCG A 1 4 ? -2.717  -2.114  4.935   1.00 3.41  ? 4    LCG A C6    1 
HETATM 80   C "C2'" . LCG A 1 4 ? -7.001  0.655   7.399   1.00 6.38  ? 4    LCG A "C2'" 1 
HETATM 81   O O6    . LCG A 1 4 ? -2.254  -2.767  4.001   1.00 5.56  ? 4    LCG A O6    1 
HETATM 82   C "C4'" . LCG A 1 4 ? -8.802  -0.533  7.579   1.00 6.64  ? 4    LCG A "C4'" 1 
HETATM 83   C "C1'" . LCG A 1 4 ? -6.546  -0.793  7.575   1.00 5.01  ? 4    LCG A "C1'" 1 
HETATM 84   C C2    . LCG A 1 4 ? -2.221  -0.704  6.815   1.00 5.31  ? 4    LCG A C2    1 
HETATM 85   N N1    . LCG A 1 4 ? -1.791  -1.401  5.685   1.00 3.80  ? 4    LCG A N1    1 
HETATM 86   O "O4'" . LCG A 1 4 ? -7.787  -1.539  7.672   1.00 6.17  ? 4    LCG A "O4'" 1 
HETATM 87   O OP2   . LCG A 1 4 ? -10.233 -3.348  3.866   1.00 7.03  ? 4    LCG A OP2   1 
HETATM 88   N N2    . LCG A 1 4 ? -1.337  -0.133  7.633   1.00 3.01  ? 4    LCG A N2    1 
HETATM 89   N N3    . LCG A 1 4 ? -3.525  -0.658  7.093   1.00 4.79  ? 4    LCG A N3    1 
HETATM 90   O "O2'" . LCG A 1 4 ? -7.604  1.095   8.636   1.00 7.65  ? 4    LCG A "O2'" 1 
HETATM 91   O "O3'" . LCG A 1 4 ? -9.122  1.526   6.454   1.00 7.93  ? 4    LCG A "O3'" 1 
HETATM 92   P P     . TLN A 1 5 ? -9.264  2.339   5.097   1.00 9.13  ? 5    TLN A P     1 
HETATM 93   O OP1   . TLN A 1 5 ? -10.424 3.240   5.443   1.00 10.11 ? 5    TLN A OP1   1 
HETATM 94   O OP2   . TLN A 1 5 ? -9.415  1.426   3.931   1.00 6.98  ? 5    TLN A OP2   1 
HETATM 95   O "O5'" . TLN A 1 5 ? -7.900  3.135   4.843   1.00 8.58  ? 5    TLN A "O5'" 1 
HETATM 96   C "C5'" . TLN A 1 5 ? -7.521  4.302   5.579   1.00 9.48  ? 5    TLN A "C5'" 1 
HETATM 97   C "C4'" . TLN A 1 5 ? -6.000  4.431   5.628   1.00 9.10  ? 5    TLN A "C4'" 1 
HETATM 98   O "O4'" . TLN A 1 5 ? -5.358  3.229   6.070   1.00 9.19  ? 5    TLN A "O4'" 1 
HETATM 99   C "C1'" . TLN A 1 5 ? -3.995  3.435   5.677   1.00 8.63  ? 5    TLN A "C1'" 1 
HETATM 100  N N1    . TLN A 1 5 ? -3.671  2.393   4.673   1.00 6.60  ? 5    TLN A N1    1 
HETATM 101  C C6    . TLN A 1 5 ? -4.645  1.627   4.006   1.00 5.49  ? 5    TLN A C6    1 
HETATM 102  C C5    . TLN A 1 5 ? -4.291  0.707   3.020   1.00 3.33  ? 5    TLN A C5    1 
HETATM 103  C C5M   . TLN A 1 5 ? -5.211  -0.095  2.335   1.00 3.50  ? 5    TLN A C5M   1 
HETATM 104  C C4    . TLN A 1 5 ? -2.944  0.551   2.697   1.00 4.47  ? 5    TLN A C4    1 
HETATM 105  O O4    . TLN A 1 5 ? -2.531  -0.266  1.879   1.00 3.49  ? 5    TLN A O4    1 
HETATM 106  N N3    . TLN A 1 5 ? -1.999  1.317   3.364   1.00 5.72  ? 5    TLN A N3    1 
HETATM 107  C C2    . TLN A 1 5 ? -2.380  2.206   4.370   1.00 7.16  ? 5    TLN A C2    1 
HETATM 108  O O2    . TLN A 1 5 ? -1.480  2.826   4.932   1.00 8.70  ? 5    TLN A O2    1 
HETATM 109  C "C3'" . TLN A 1 5 ? -5.335  4.773   4.304   1.00 8.43  ? 5    TLN A "C3'" 1 
HETATM 110  C "C2'" . TLN A 1 5 ? -3.998  4.816   5.020   1.00 8.29  ? 5    TLN A "C2'" 1 
HETATM 111  O "O2'" . TLN A 1 5 ? -4.249  5.875   5.950   1.00 9.68  ? 5    TLN A "O2'" 1 
HETATM 112  O "O3'" . TLN A 1 5 ? -5.929  6.083   3.764   1.00 8.04  ? 5    TLN A "O3'" 1 
HETATM 113  C "C6'" . TLN A 1 5 ? -5.557  5.588   6.498   1.00 10.18 ? 5    TLN A "C6'" 1 
HETATM 114  O "O5'" . TLN B 1 1 ? 8.147   -11.742 6.000   1.00 14.34 ? 1    TLN B "O5'" 1 
HETATM 115  C "C5'" . TLN B 1 1 ? 9.452   -12.453 5.878   1.00 12.59 ? 1    TLN B "C5'" 1 
HETATM 116  C "C4'" . TLN B 1 1 ? 9.144   -13.925 5.591   1.00 11.89 ? 1    TLN B "C4'" 1 
HETATM 117  O "O4'" . TLN B 1 1 ? 8.496   -14.505 6.740   1.00 10.97 ? 1    TLN B "O4'" 1 
HETATM 118  C "C1'" . TLN B 1 1 ? 7.951   -15.724 6.216   1.00 9.13  ? 1    TLN B "C1'" 1 
HETATM 119  N N1    . TLN B 1 1 ? 6.501   -15.683 6.527   1.00 7.43  ? 1    TLN B N1    1 
HETATM 120  C C6    . TLN B 1 1 ? 5.915   -14.563 7.153   1.00 6.12  ? 1    TLN B C6    1 
HETATM 121  C C5    . TLN B 1 1 ? 4.538   -14.502 7.364   1.00 6.55  ? 1    TLN B C5    1 
HETATM 122  C C5M   . TLN B 1 1 ? 3.912   -13.354 7.851   1.00 5.27  ? 1    TLN B C5M   1 
HETATM 123  C C4    . TLN B 1 1 ? 3.761   -15.622 7.068   1.00 7.33  ? 1    TLN B C4    1 
HETATM 124  O O4    . TLN B 1 1 ? 2.539   -15.693 7.253   1.00 6.55  ? 1    TLN B O4    1 
HETATM 125  N N3    . TLN B 1 1 ? 4.392   -16.738 6.512   1.00 7.05  ? 1    TLN B N3    1 
HETATM 126  C C2    . TLN B 1 1 ? 5.756   -16.749 6.207   1.00 6.26  ? 1    TLN B C2    1 
HETATM 127  O O2    . TLN B 1 1 ? 6.222   -17.750 5.666   1.00 6.21  ? 1    TLN B O2    1 
HETATM 128  C "C3'" . TLN B 1 1 ? 8.179   -14.199 4.442   1.00 10.01 ? 1    TLN B "C3'" 1 
HETATM 129  C "C2'" . TLN B 1 1 ? 8.235   -15.686 4.722   1.00 10.29 ? 1    TLN B "C2'" 1 
HETATM 130  O "O2'" . TLN B 1 1 ? 9.650   -15.897 4.499   1.00 10.84 ? 1    TLN B "O2'" 1 
HETATM 131  O "O3'" . TLN B 1 1 ? 8.715   -13.975 3.114   1.00 10.75 ? 1    TLN B "O3'" 1 
HETATM 132  C "C6'" . TLN B 1 1 ? 10.303  -14.812 5.170   1.00 10.71 ? 1    TLN B "C6'" 1 
HETATM 133  P P     . LCG B 1 2 ? 7.731   -13.507 1.926   1.00 9.45  ? 2    LCG B P     1 
HETATM 134  O OP1   . LCG B 1 2 ? 8.243   -14.114 0.695   1.00 9.55  ? 2    LCG B OP1   1 
HETATM 135  O "O5'" . LCG B 1 2 ? 6.252   -14.123 2.329   1.00 8.02  ? 2    LCG B "O5'" 1 
HETATM 136  C "C5'" . LCG B 1 2 ? 5.747   -15.354 1.795   1.00 6.82  ? 2    LCG B "C5'" 1 
HETATM 137  C "C3'" . LCG B 1 2 ? 3.452   -14.395 1.500   1.00 5.57  ? 2    LCG B "C3'" 1 
HETATM 138  C "C6'" . LCG B 1 2 ? 3.465   -16.727 1.896   1.00 4.69  ? 2    LCG B "C6'" 1 
HETATM 139  N N9    . LCG B 1 2 ? 2.684   -13.364 4.290   1.00 4.93  ? 2    LCG B N9    1 
HETATM 140  C C8    . LCG B 1 2 ? 3.726   -12.620 4.645   1.00 4.63  ? 2    LCG B C8    1 
HETATM 141  C C4    . LCG B 1 2 ? 1.587   -12.694 4.654   1.00 4.00  ? 2    LCG B C4    1 
HETATM 142  N N7    . LCG B 1 2 ? 3.270   -11.507 5.212   1.00 5.02  ? 2    LCG B N7    1 
HETATM 143  C C5    . LCG B 1 2 ? 1.948   -11.606 5.347   1.00 4.06  ? 2    LCG B C5    1 
HETATM 144  C C6    . LCG B 1 2 ? 1.043   -10.763 5.862   1.00 4.65  ? 2    LCG B C6    1 
HETATM 145  C "C2'" . LCG B 1 2 ? 2.209   -14.828 2.259   1.00 5.40  ? 2    LCG B "C2'" 1 
HETATM 146  O O6    . LCG B 1 2 ? 1.325   -9.745  6.499   1.00 4.20  ? 2    LCG B O6    1 
HETATM 147  C "C4'" . LCG B 1 2 ? 4.268   -15.472 2.183   1.00 6.69  ? 2    LCG B "C4'" 1 
HETATM 148  C "C1'" . LCG B 1 2 ? 2.724   -14.728 3.693   1.00 4.33  ? 2    LCG B "C1'" 1 
HETATM 149  C C2    . LCG B 1 2 ? -0.646  -12.218 4.981   1.00 2.69  ? 2    LCG B C2    1 
HETATM 150  N N1    . LCG B 1 2 ? -0.314  -11.053 5.683   1.00 4.28  ? 2    LCG B N1    1 
HETATM 151  O "O4'" . LCG B 1 2 ? 4.092   -15.177 3.570   1.00 6.19  ? 2    LCG B "O4'" 1 
HETATM 152  O OP2   . LCG B 1 2 ? 7.472   -12.042 1.990   1.00 9.39  ? 2    LCG B OP2   1 
HETATM 153  N N2    . LCG B 1 2 ? -1.923  -12.481 4.818   1.00 2.78  ? 2    LCG B N2    1 
HETATM 154  N N3    . LCG B 1 2 ? 0.301   -13.043 4.492   1.00 3.03  ? 2    LCG B N3    1 
HETATM 155  O "O2'" . LCG B 1 2 ? 2.105   -16.260 2.033   1.00 3.89  ? 2    LCG B "O2'" 1 
HETATM 156  O "O3'" . LCG B 1 2 ? 3.474   -14.668 0.090   1.00 6.25  ? 2    LCG B "O3'" 1 
HETATM 157  P P     . LCG B 1 3 ? 2.864   -13.594 -1.009  1.00 7.18  ? 3    LCG B P     1 
HETATM 158  O OP1   . LCG B 1 3 ? 3.146   -14.251 -2.349  1.00 5.74  ? 3    LCG B OP1   1 
HETATM 159  O "O5'" . LCG B 1 3 ? 1.354   -13.459 -0.636  1.00 5.74  ? 3    LCG B "O5'" 1 
HETATM 160  C "C5'" . LCG B 1 3 ? 0.327   -14.423 -0.894  1.00 5.96  ? 3    LCG B "C5'" 1 
HETATM 161  C "C3'" . LCG B 1 3 ? -1.410  -12.548 -0.897  1.00 6.39  ? 3    LCG B "C3'" 1 
HETATM 162  C "C6'" . LCG B 1 3 ? -2.211  -14.703 -0.405  1.00 4.41  ? 3    LCG B "C6'" 1 
HETATM 163  N N9    . LCG B 1 3 ? -1.047  -11.270 1.768   1.00 4.48  ? 3    LCG B N9    1 
HETATM 164  C C8    . LCG B 1 3 ? 0.266   -11.046 1.644   1.00 3.88  ? 3    LCG B C8    1 
HETATM 165  C C4    . LCG B 1 3 ? -1.543  -10.203 2.401   1.00 2.95  ? 3    LCG B C4    1 
HETATM 166  N N7    . LCG B 1 3 ? 0.572   -9.924  2.289   1.00 2.30  ? 3    LCG B N7    1 
HETATM 167  C C5    . LCG B 1 3 ? -0.551  -9.388  2.783   1.00 3.31  ? 3    LCG B C5    1 
HETATM 168  C C6    . LCG B 1 3 ? -0.820  -8.279  3.488   1.00 4.33  ? 3    LCG B C6    1 
HETATM 169  C "C2'" . LCG B 1 3 ? -2.566  -12.468 0.067   1.00 3.69  ? 3    LCG B "C2'" 1 
HETATM 170  O O6    . LCG B 1 3 ? 0.009   -7.473  3.939   1.00 4.59  ? 3    LCG B O6    1 
HETATM 171  C "C4'" . LCG B 1 3 ? -0.958  -13.861 -0.282  1.00 5.25  ? 3    LCG B "C4'" 1 
HETATM 172  C "C1'" . LCG B 1 3 ? -1.768  -12.516 1.367   1.00 3.98  ? 3    LCG B "C1'" 1 
HETATM 173  C C2    . LCG B 1 3 ? -3.173  -8.814  3.328   1.00 2.00  ? 3    LCG B C2    1 
HETATM 174  N N1    . LCG B 1 3 ? -2.157  -7.972  3.774   1.00 2.95  ? 3    LCG B N1    1 
HETATM 175  O "O4'" . LCG B 1 3 ? -0.736  -13.487 1.080   1.00 4.64  ? 3    LCG B "O4'" 1 
HETATM 176  O OP2   . LCG B 1 3 ? 3.424   -12.334 -0.703  1.00 6.72  ? 3    LCG B OP2   1 
HETATM 177  N N2    . LCG B 1 3 ? -4.448  -8.496  3.544   1.00 3.05  ? 3    LCG B N2    1 
HETATM 178  N N3    . LCG B 1 3 ? -2.827  -9.924  2.662   1.00 2.79  ? 3    LCG B N3    1 
HETATM 179  O "O2'" . LCG B 1 3 ? -3.262  -13.718 -0.188  1.00 4.76  ? 3    LCG B "O2'" 1 
HETATM 180  O "O3'" . LCG B 1 3 ? -1.843  -12.812 -2.236  1.00 6.48  ? 3    LCG B "O3'" 1 
HETATM 181  P P     . LCG B 1 4 ? -1.874  -11.646 -3.354  1.00 7.46  ? 4    LCG B P     1 
HETATM 182  O OP1   . LCG B 1 4 ? -2.261  -12.418 -4.619  1.00 6.18  ? 4    LCG B OP1   1 
HETATM 183  O "O5'" . LCG B 1 4 ? -3.077  -10.756 -2.870  1.00 5.87  ? 4    LCG B "O5'" 1 
HETATM 184  C "C5'" . LCG B 1 4 ? -4.438  -11.212 -2.859  1.00 5.72  ? 4    LCG B "C5'" 1 
HETATM 185  C "C3'" . LCG B 1 4 ? -5.160  -8.799  -2.698  1.00 7.18  ? 4    LCG B "C3'" 1 
HETATM 186  C "C6'" . LCG B 1 4 ? -6.747  -10.388 -2.028  1.00 6.06  ? 4    LCG B "C6'" 1 
HETATM 187  N N9    . LCG B 1 4 ? -3.928  -7.811  -0.083  1.00 4.97  ? 4    LCG B N9    1 
HETATM 188  C C8    . LCG B 1 4 ? -2.669  -8.129  -0.381  1.00 3.57  ? 4    LCG B C8    1 
HETATM 189  C C4    . LCG B 1 4 ? -3.847  -6.705  0.665   1.00 3.95  ? 4    LCG B C4    1 
HETATM 190  N N7    . LCG B 1 4 ? -1.848  -7.275  0.237   1.00 3.29  ? 4    LCG B N7    1 
HETATM 191  C C5    . LCG B 1 4 ? -2.566  -6.367  0.888   1.00 3.80  ? 4    LCG B C5    1 
HETATM 192  C C6    . LCG B 1 4 ? -2.216  -5.305  1.630   1.00 4.58  ? 4    LCG B C6    1 
HETATM 193  C "C2'" . LCG B 1 4 ? -6.003  -8.215  -1.581  1.00 5.56  ? 4    LCG B "C2'" 1 
HETATM 194  O O6    . LCG B 1 4 ? -1.089  -4.818  1.821   1.00 3.61  ? 4    LCG B O6    1 
HETATM 195  C "C4'" . LCG B 1 4 ? -5.250  -10.177 -2.087  1.00 6.45  ? 4    LCG B "C4'" 1 
HETATM 196  C "C1'" . LCG B 1 4 ? -5.132  -8.626  -0.395  1.00 6.13  ? 4    LCG B "C1'" 1 
HETATM 197  C C2    . LCG B 1 4 ? -4.620  -5.009  1.985   1.00 3.02  ? 4    LCG B C2    1 
HETATM 198  N N1    . LCG B 1 4 ? -3.296  -4.664  2.230   1.00 3.95  ? 4    LCG B N1    1 
HETATM 199  O "O4'" . LCG B 1 4 ? -4.744  -9.965  -0.760  1.00 5.14  ? 4    LCG B "O4'" 1 
HETATM 200  O OP2   . LCG B 1 4 ? -0.559  -10.869 -3.200  1.00 6.85  ? 4    LCG B OP2   1 
HETATM 201  N N2    . LCG B 1 4 ? -5.606  -4.310  2.541   1.00 4.42  ? 4    LCG B N2    1 
HETATM 202  N N3    . LCG B 1 4 ? -4.893  -6.047  1.192   1.00 2.00  ? 4    LCG B N3    1 
HETATM 203  O "O2'" . LCG B 1 4 ? -7.153  -9.083  -1.567  1.00 7.42  ? 4    LCG B "O2'" 1 
HETATM 204  O "O3'" . LCG B 1 4 ? -5.775  -8.699  -3.992  1.00 6.82  ? 4    LCG B "O3'" 1 
HETATM 205  P P     . TLN B 1 5 ? -5.164  -7.732  -5.062  1.00 9.91  ? 5    TLN B P     1 
HETATM 206  O OP1   . TLN B 1 5 ? -6.067  -8.039  -6.243  1.00 9.25  ? 5    TLN B OP1   1 
HETATM 207  O OP2   . TLN B 1 5 ? -3.768  -7.861  -5.203  1.00 6.48  ? 5    TLN B OP2   1 
HETATM 208  O "O5'" . TLN B 1 5 ? -5.587  -6.226  -4.714  1.00 7.95  ? 5    TLN B "O5'" 1 
HETATM 209  C "C5'" . TLN B 1 5 ? -6.976  -5.929  -4.471  1.00 7.06  ? 5    TLN B "C5'" 1 
HETATM 210  C "C4'" . TLN B 1 5 ? -7.117  -4.711  -3.542  1.00 7.38  ? 5    TLN B "C4'" 1 
HETATM 211  O "O4'" . TLN B 1 5 ? -6.461  -4.956  -2.284  1.00 7.05  ? 5    TLN B "O4'" 1 
HETATM 212  C "C1'" . TLN B 1 5 ? -6.311  -3.632  -1.733  1.00 5.95  ? 5    TLN B "C1'" 1 
HETATM 213  N N1    . TLN B 1 5 ? -4.885  -3.411  -1.432  1.00 5.64  ? 5    TLN B N1    1 
HETATM 214  C C6    . TLN B 1 5 ? -3.928  -4.264  -1.994  1.00 5.91  ? 5    TLN B C6    1 
HETATM 215  C C5    . TLN B 1 5 ? -2.590  -4.018  -1.732  1.00 3.43  ? 5    TLN B C5    1 
HETATM 216  C C5M   . TLN B 1 5 ? -1.591  -4.795  -2.305  1.00 2.95  ? 5    TLN B C5M   1 
HETATM 217  C C4    . TLN B 1 5 ? -2.251  -2.962  -0.893  1.00 4.59  ? 5    TLN B C4    1 
HETATM 218  O O4    . TLN B 1 5 ? -1.055  -2.801  -0.662  1.00 5.67  ? 5    TLN B O4    1 
HETATM 219  N N3    . TLN B 1 5 ? -3.233  -2.138  -0.318  1.00 6.87  ? 5    TLN B N3    1 
HETATM 220  C C2    . TLN B 1 5 ? -4.577  -2.398  -0.612  1.00 6.15  ? 5    TLN B C2    1 
HETATM 221  O O2    . TLN B 1 5 ? -5.521  -1.768  -0.137  1.00 3.84  ? 5    TLN B O2    1 
HETATM 222  C "C3'" . TLN B 1 5 ? -6.442  -3.458  -4.054  1.00 8.40  ? 5    TLN B "C3'" 1 
HETATM 223  C "C2'" . TLN B 1 5 ? -6.827  -2.688  -2.813  1.00 5.68  ? 5    TLN B "C2'" 1 
HETATM 224  O "O2'" . TLN B 1 5 ? -8.264  -2.823  -2.828  1.00 8.86  ? 5    TLN B "O2'" 1 
HETATM 225  O "O3'" . TLN B 1 5 ? -6.994  -2.745  -5.192  1.00 7.45  ? 5    TLN B "O3'" 1 
HETATM 226  C "C6'" . TLN B 1 5 ? -8.522  -4.158  -3.328  1.00 8.83  ? 5    TLN B "C6'" 1 
HETATM 227  O "O5'" . TLN C 1 1 ? -10.065 -7.533  14.760  1.00 15.61 ? 1    TLN C "O5'" 1 
HETATM 228  C "C5'" . TLN C 1 1 ? -9.589  -7.648  15.998  1.00 12.90 ? 1    TLN C "C5'" 1 
HETATM 229  C "C4'" . TLN C 1 1 ? -8.075  -7.468  15.890  1.00 11.83 ? 1    TLN C "C4'" 1 
HETATM 230  O "O4'" . TLN C 1 1 ? -7.371  -8.679  15.559  1.00 11.54 ? 1    TLN C "O4'" 1 
HETATM 231  C "C1'" . TLN C 1 1 ? -6.083  -8.218  15.133  1.00 9.17  ? 1    TLN C "C1'" 1 
HETATM 232  N N1    . TLN C 1 1 ? -5.804  -8.744  13.772  1.00 7.38  ? 1    TLN C N1    1 
HETATM 233  C C6    . TLN C 1 1 ? -6.785  -9.357  12.988  1.00 6.95  ? 1    TLN C C6    1 
HETATM 234  C C5    . TLN C 1 1 ? -6.470  -10.038 11.811  1.00 6.71  ? 1    TLN C C5    1 
HETATM 235  C C5M   . TLN C 1 1 ? -7.497  -10.626 11.084  1.00 7.59  ? 1    TLN C C5M   1 
HETATM 236  C C4    . TLN C 1 1 ? -5.136  -10.057 11.406  1.00 6.71  ? 1    TLN C C4    1 
HETATM 237  O O4    . TLN C 1 1 ? -4.711  -10.637 10.405  1.00 5.08  ? 1    TLN C O4    1 
HETATM 238  N N3    . TLN C 1 1 ? -4.207  -9.370  12.187  1.00 6.55  ? 1    TLN C N3    1 
HETATM 239  C C2    . TLN C 1 1 ? -4.543  -8.660  13.339  1.00 6.51  ? 1    TLN C C2    1 
HETATM 240  O O2    . TLN C 1 1 ? -3.712  -7.985  13.955  1.00 10.18 ? 1    TLN C O2    1 
HETATM 241  C "C3'" . TLN C 1 1 ? -7.627  -6.553  14.767  1.00 10.99 ? 1    TLN C "C3'" 1 
HETATM 242  C "C2'" . TLN C 1 1 ? -6.180  -6.701  15.221  1.00 10.96 ? 1    TLN C "C2'" 1 
HETATM 243  O "O2'" . TLN C 1 1 ? -6.196  -6.386  16.633  1.00 9.92  ? 1    TLN C "O2'" 1 
HETATM 244  O "O3'" . TLN C 1 1 ? -8.215  -5.249  14.935  1.00 10.98 ? 1    TLN C "O3'" 1 
HETATM 245  C "C6'" . TLN C 1 1 ? -7.469  -6.830  17.119  1.00 10.40 ? 1    TLN C "C6'" 1 
HETATM 246  P P     . LCG C 1 2 ? -7.918  -4.000  13.906  1.00 10.88 ? 2    LCG C P     1 
HETATM 247  O OP1   . LCG C 1 2 ? -8.812  -2.887  14.394  1.00 11.02 ? 2    LCG C OP1   1 
HETATM 248  O "O5'" . LCG C 1 2 ? -6.454  -3.498  14.157  1.00 9.00  ? 2    LCG C "O5'" 1 
HETATM 249  C "C5'" . LCG C 1 2 ? -5.952  -2.994  15.404  1.00 8.58  ? 2    LCG C "C5'" 1 
HETATM 250  C "C3'" . LCG C 1 2 ? -3.689  -2.423  14.326  1.00 9.14  ? 2    LCG C "C3'" 1 
HETATM 251  C "C6'" . LCG C 1 2 ? -3.650  -2.790  16.653  1.00 8.20  ? 2    LCG C "C6'" 1 
HETATM 252  N N9    . LCG C 1 2 ? -2.726  -5.000  13.276  1.00 6.06  ? 2    LCG C N9    1 
HETATM 253  C C8    . LCG C 1 2 ? -3.789  -5.159  12.492  1.00 6.71  ? 2    LCG C C8    1 
HETATM 254  C C4    . LCG C 1 2 ? -1.640  -5.371  12.592  1.00 5.33  ? 2    LCG C C4    1 
HETATM 255  N N7    . LCG C 1 2 ? -3.350  -5.718  11.362  1.00 6.31  ? 2    LCG C N7    1 
HETATM 256  C C5    . LCG C 1 2 ? -2.033  -5.864  11.413  1.00 5.12  ? 2    LCG C C5    1 
HETATM 257  C C6    . LCG C 1 2 ? -1.144  -6.337  10.534  1.00 5.92  ? 2    LCG C C6    1 
HETATM 258  C "C2'" . LCG C 1 2 ? -2.365  -3.021  14.764  1.00 7.74  ? 2    LCG C "C2'" 1 
HETATM 259  O O6    . LCG C 1 2 ? -1.455  -6.789  9.432   1.00 6.35  ? 2    LCG C O6    1 
HETATM 260  C "C4'" . LCG C 1 2 ? -4.435  -3.184  15.407  1.00 8.00  ? 2    LCG C "C4'" 1 
HETATM 261  C "C1'" . LCG C 1 2 ? -2.766  -4.487  14.670  1.00 7.77  ? 2    LCG C "C1'" 1 
HETATM 262  C C2    . LCG C 1 2 ? 0.604   -5.754  12.090  1.00 4.07  ? 2    LCG C C2    1 
HETATM 263  N N1    . LCG C 1 2 ? 0.209   -6.334  10.890  1.00 4.47  ? 2    LCG C N1    1 
HETATM 264  O "O4'" . LCG C 1 2 ? -4.136  -4.544  15.116  1.00 6.92  ? 2    LCG C "O4'" 1 
HETATM 265  O OP2   . LCG C 1 2 ? -8.029  -4.444  12.430  1.00 11.25 ? 2    LCG C OP2   1 
HETATM 266  N N2    . LCG C 1 2 ? 1.894   -5.527  12.334  1.00 4.01  ? 2    LCG C N2    1 
HETATM 267  N N3    . LCG C 1 2 ? -0.347  -5.355  12.940  1.00 5.37  ? 2    LCG C N3    1 
HETATM 268  O "O2'" . LCG C 1 2 ? -2.309  -2.644  16.166  1.00 8.02  ? 2    LCG C "O2'" 1 
HETATM 269  O "O3'" . LCG C 1 2 ? -3.803  -1.013  14.569  1.00 10.21 ? 2    LCG C "O3'" 1 
HETATM 270  P P     . LCG C 1 3 ? -3.208  0.121   13.544  1.00 13.00 ? 3    LCG C P     1 
HETATM 271  O OP1   . LCG C 1 3 ? -3.375  1.516   14.175  1.00 12.44 ? 3    LCG C OP1   1 
HETATM 272  O "O5'" . LCG C 1 3 ? -1.687  -0.285  13.494  1.00 11.81 ? 3    LCG C "O5'" 1 
HETATM 273  C "C5'" . LCG C 1 3 ? -0.714  0.044   14.506  1.00 9.72  ? 3    LCG C "C5'" 1 
HETATM 274  C "C3'" . LCG C 1 3 ? 1.064   0.325   12.675  1.00 8.09  ? 3    LCG C "C3'" 1 
HETATM 275  C "C6'" . LCG C 1 3 ? 1.891   -0.279  14.827  1.00 7.98  ? 3    LCG C "C6'" 1 
HETATM 276  N N9    . LCG C 1 3 ? 0.782   -2.332  11.348  1.00 5.46  ? 3    LCG C N9    1 
HETATM 277  C C8    . LCG C 1 3 ? -0.543  -2.351  11.201  1.00 5.17  ? 3    LCG C C8    1 
HETATM 278  C C4    . LCG C 1 3 ? 1.317   -2.797  10.219  1.00 6.35  ? 3    LCG C C4    1 
HETATM 279  N N7    . LCG C 1 3 ? -0.807  -2.934  10.033  1.00 5.36  ? 3    LCG C N7    1 
HETATM 280  C C5    . LCG C 1 3 ? 0.340   -3.293  9.444   1.00 6.11  ? 3    LCG C C5    1 
HETATM 281  C C6    . LCG C 1 3 ? 0.640   -3.901  8.287   1.00 6.20  ? 3    LCG C C6    1 
HETATM 282  C "C2'" . LCG C 1 3 ? 2.254   -0.600  12.537  1.00 6.99  ? 3    LCG C "C2'" 1 
HETATM 283  O O6    . LCG C 1 3 ? -0.198  -4.305  7.474   1.00 3.96  ? 3    LCG C O6    1 
HETATM 284  C "C4'" . LCG C 1 3 ? 0.648   -0.386  13.951  1.00 7.88  ? 3    LCG C "C4'" 1 
HETATM 285  C "C1'" . LCG C 1 3 ? 1.524   -1.941  12.577  1.00 4.54  ? 3    LCG C "C1'" 1 
HETATM 286  C C2    . LCG C 1 3 ? 2.987   -3.692  8.838   1.00 5.87  ? 3    LCG C C2    1 
HETATM 287  N N1    . LCG C 1 3 ? 1.988   -4.100  7.959   1.00 6.01  ? 3    LCG C N1    1 
HETATM 288  O "O4'" . LCG C 1 3 ? 0.517   -1.764  13.579  1.00 7.88  ? 3    LCG C "O4'" 1 
HETATM 289  O OP2   . LCG C 1 3 ? -3.663  -0.021  12.130  1.00 11.76 ? 3    LCG C OP2   1 
HETATM 290  N N2    . LCG C 1 3 ? 4.265   -3.984  8.625   1.00 3.65  ? 3    LCG C N2    1 
HETATM 291  N N3    . LCG C 1 3 ? 2.610   -3.003  9.921   1.00 7.01  ? 3    LCG C N3    1 
HETATM 292  O "O2'" . LCG C 1 3 ? 2.912   -0.454  13.817  1.00 7.87  ? 3    LCG C "O2'" 1 
HETATM 293  O "O3'" . LCG C 1 3 ? 1.407   1.715   12.875  1.00 7.59  ? 3    LCG C "O3'" 1 
HETATM 294  P P     . LCG C 1 4 ? 1.474   2.766   11.664  1.00 10.00 ? 4    LCG C P     1 
HETATM 295  O OP1   . LCG C 1 4 ? 1.805   4.101   12.376  1.00 9.88  ? 4    LCG C OP1   1 
HETATM 296  O "O5'" . LCG C 1 4 ? 2.681   2.257   10.804  1.00 8.54  ? 4    LCG C "O5'" 1 
HETATM 297  C "C5'" . LCG C 1 4 ? 3.999   2.298   11.341  1.00 7.70  ? 4    LCG C "C5'" 1 
HETATM 298  C "C3'" . LCG C 1 4 ? 4.792   2.197   8.933   1.00 7.86  ? 4    LCG C "C3'" 1 
HETATM 299  C "C6'" . LCG C 1 4 ? 6.343   1.505   10.585  1.00 7.94  ? 4    LCG C "C6'" 1 
HETATM 300  N N9    . LCG C 1 4 ? 3.669   -0.348  8.015   1.00 7.03  ? 4    LCG C N9    1 
HETATM 301  C C8    . LCG C 1 4 ? 2.444   0.124   8.236   1.00 6.67  ? 4    LCG C C8    1 
HETATM 302  C C4    . LCG C 1 4 ? 3.656   -1.068  6.901   1.00 5.56  ? 4    LCG C C4    1 
HETATM 303  N N7    . LCG C 1 4 ? 1.640   -0.411  7.310   1.00 5.12  ? 4    LCG C N7    1 
HETATM 304  C C5    . LCG C 1 4 ? 2.388   -1.164  6.497   1.00 5.23  ? 4    LCG C C5    1 
HETATM 305  C C6    . LCG C 1 4 ? 2.095   -1.904  5.425   1.00 4.45  ? 4    LCG C C6    1 
HETATM 306  C "C2'" . LCG C 1 4 ? 5.679   1.085   8.405   1.00 8.05  ? 4    LCG C "C2'" 1 
HETATM 307  O O6    . LCG C 1 4 ? 0.950   -2.057  4.993   1.00 3.60  ? 4    LCG C O6    1 
HETATM 308  C "C4'" . LCG C 1 4 ? 4.859   1.581   10.310  1.00 6.98  ? 4    LCG C "C4'" 1 
HETATM 309  C "C1'" . LCG C 1 4 ? 4.885   -0.145  8.833   1.00 6.16  ? 4    LCG C "C1'" 1 
HETATM 310  C C2    . LCG C 1 4 ? 4.438   -2.409  5.189   1.00 5.23  ? 4    LCG C C2    1 
HETATM 311  N N1    . LCG C 1 4 ? 3.123   -2.558  4.736   1.00 4.30  ? 4    LCG C N1    1 
HETATM 312  O "O4'" . LCG C 1 4 ? 4.390   0.241   10.118  1.00 7.19  ? 4    LCG C "O4'" 1 
HETATM 313  O OP2   . LCG C 1 4 ? 0.268   2.664   10.668  1.00 11.44 ? 4    LCG C OP2   1 
HETATM 314  N N2    . LCG C 1 4 ? 5.438   -3.017  4.570   1.00 2.91  ? 4    LCG C N2    1 
HETATM 315  N N3    . LCG C 1 4 ? 4.686   -1.636  6.252   1.00 2.42  ? 4    LCG C N3    1 
HETATM 316  O "O2'" . LCG C 1 4 ? 6.821   1.112   9.285   1.00 7.56  ? 4    LCG C "O2'" 1 
HETATM 317  O "O3'" . LCG C 1 4 ? 5.468   3.470   9.028   1.00 8.42  ? 4    LCG C "O3'" 1 
HETATM 318  P P     . TLN C 1 5 ? 5.024   4.692   8.180   1.00 9.22  ? 5    TLN C P     1 
HETATM 319  O OP1   . TLN C 1 5 ? 5.994   5.851   8.546   1.00 9.20  ? 5    TLN C OP1   1 
HETATM 320  O OP2   . TLN C 1 5 ? 3.619   4.832   8.476   1.00 8.49  ? 5    TLN C OP2   1 
HETATM 321  O "O5'" . TLN C 1 5 ? 5.415   4.320   6.682   1.00 9.37  ? 5    TLN C "O5'" 1 
HETATM 322  C "C5'" . TLN C 1 5 ? 6.776   4.367   6.253   1.00 8.95  ? 5    TLN C "C5'" 1 
HETATM 323  C "C4'" . TLN C 1 5 ? 6.966   3.496   5.006   1.00 7.22  ? 5    TLN C "C4'" 1 
HETATM 324  O "O4'" . TLN C 1 5 ? 6.484   2.169   5.267   1.00 9.04  ? 5    TLN C "O4'" 1 
HETATM 325  C "C1'" . TLN C 1 5 ? 6.158   1.623   3.982   1.00 7.89  ? 5    TLN C "C1'" 1 
HETATM 326  N N1    . TLN C 1 5 ? 4.714   1.303   3.840   1.00 6.55  ? 5    TLN C N1    1 
HETATM 327  C C6    . TLN C 1 5 ? 3.734   1.774   4.721   1.00 7.97  ? 5    TLN C C6    1 
HETATM 328  C C5    . TLN C 1 5 ? 2.394   1.595   4.394   1.00 5.87  ? 5    TLN C C5    1 
HETATM 329  C C5M   . TLN C 1 5 ? 1.421   2.230   5.152   1.00 5.03  ? 5    TLN C C5M   1 
HETATM 330  C C4    . TLN C 1 5 ? 2.049   0.799   3.300   1.00 5.80  ? 5    TLN C C4    1 
HETATM 331  O O4    . TLN C 1 5 ? 0.886   0.532   3.004   1.00 7.50  ? 5    TLN C O4    1 
HETATM 332  N N3    . TLN C 1 5 ? 3.048   0.265   2.487   1.00 5.20  ? 5    TLN C N3    1 
HETATM 333  C C2    . TLN C 1 5 ? 4.388   0.513   2.808   1.00 6.66  ? 5    TLN C C2    1 
HETATM 334  O O2    . TLN C 1 5 ? 5.288   -0.026  2.162   1.00 4.56  ? 5    TLN C O2    1 
HETATM 335  C "C3'" . TLN C 1 5 ? 6.196   3.944   3.778   1.00 7.15  ? 5    TLN C "C3'" 1 
HETATM 336  C "C2'" . TLN C 1 5 ? 6.637   2.705   3.025   1.00 7.42  ? 5    TLN C "C2'" 1 
HETATM 337  O "O2'" . TLN C 1 5 ? 8.081   2.738   3.183   1.00 5.32  ? 5    TLN C "O2'" 1 
HETATM 338  O "O3'" . TLN C 1 5 ? 6.766   5.148   3.093   1.00 6.55  ? 5    TLN C "O3'" 1 
HETATM 339  C "C6'" . TLN C 1 5 ? 8.354   3.485   4.397   1.00 8.34  ? 5    TLN C "C6'" 1 
HETATM 340  O "O5'" . TLN D 1 1 ? 6.058   -8.618  18.962  1.00 38.43 ? 1    TLN D "O5'" 1 
HETATM 341  C "C5'" . TLN D 1 1 ? 6.413   -7.341  18.317  1.00 38.34 ? 1    TLN D "C5'" 1 
HETATM 342  C "C4'" . TLN D 1 1 ? 7.763   -7.447  17.601  1.00 38.07 ? 1    TLN D "C4'" 1 
HETATM 343  O "O4'" . TLN D 1 1 ? 8.102   -8.815  17.321  1.00 38.70 ? 1    TLN D "O4'" 1 
HETATM 344  C "C1'" . TLN D 1 1 ? 9.188   -8.744  16.380  1.00 38.20 ? 1    TLN D "C1'" 1 
HETATM 345  N N1    . TLN D 1 1 ? 8.712   -9.540  15.226  1.00 38.09 ? 1    TLN D N1    1 
HETATM 346  C C6    . TLN D 1 1 ? 7.364   -9.399  14.877  1.00 37.72 ? 1    TLN D C6    1 
HETATM 347  C C5    . TLN D 1 1 ? 6.889   -10.010 13.728  1.00 36.73 ? 1    TLN D C5    1 
HETATM 348  C C5M   . TLN D 1 1 ? 5.546   -9.880  13.408  1.00 36.74 ? 1    TLN D C5M   1 
HETATM 349  C C4    . TLN D 1 1 ? 7.762   -10.731 12.921  1.00 36.79 ? 1    TLN D C4    1 
HETATM 350  O O4    . TLN D 1 1 ? 7.389   -11.150 11.829  1.00 35.94 ? 1    TLN D O4    1 
HETATM 351  N N3    . TLN D 1 1 ? 9.079   -10.954 13.342  1.00 37.39 ? 1    TLN D N3    1 
HETATM 352  C C2    . TLN D 1 1 ? 9.525   -10.346 14.522  1.00 38.17 ? 1    TLN D C2    1 
HETATM 353  O O2    . TLN D 1 1 ? 10.673  -10.564 14.906  1.00 38.93 ? 1    TLN D O2    1 
HETATM 354  C "C3'" . TLN D 1 1 ? 7.835   -6.803  16.233  1.00 37.93 ? 1    TLN D "C3'" 1 
HETATM 355  C "C2'" . TLN D 1 1 ? 9.273   -7.254  16.063  1.00 38.07 ? 1    TLN D "C2'" 1 
HETATM 356  O "O2'" . TLN D 1 1 ? 9.854   -6.564  17.182  1.00 39.14 ? 1    TLN D "O2'" 1 
HETATM 357  O "O3'" . TLN D 1 1 ? 7.738   -5.372  16.354  1.00 36.15 ? 1    TLN D "O3'" 1 
HETATM 358  C "C6'" . TLN D 1 1 ? 8.910   -6.706  18.260  1.00 38.62 ? 1    TLN D "C6'" 1 
HETATM 359  P P     . LCG D 1 2 ? 8.567   -4.413  15.344  1.00 34.42 ? 2    LCG D P     1 
HETATM 360  O OP1   . LCG D 1 2 ? 7.667   -3.432  14.650  1.00 34.94 ? 2    LCG D OP1   1 
HETATM 361  O "O5'" . LCG D 1 2 ? 9.051   -5.431  14.191  1.00 28.65 ? 2    LCG D "O5'" 1 
HETATM 362  C "C5'" . LCG D 1 2 ? 9.219   -5.009  12.836  1.00 18.04 ? 2    LCG D "C5'" 1 
HETATM 363  C "C3'" . LCG D 1 2 ? 8.846   -5.876  10.456  1.00 11.41 ? 2    LCG D "C3'" 1 
HETATM 364  C "C6'" . LCG D 1 2 ? 10.062  -7.325  11.939  1.00 13.42 ? 2    LCG D "C6'" 1 
HETATM 365  N N9    . LCG D 1 2 ? 6.128   -7.284  10.832  1.00 7.42  ? 2    LCG D N9    1 
HETATM 366  C C8    . LCG D 1 2 ? 5.362   -6.362  11.419  1.00 8.10  ? 2    LCG D C8    1 
HETATM 367  C C4    . LCG D 1 2 ? 5.380   -7.859  9.897   1.00 7.23  ? 2    LCG D C4    1 
HETATM 368  N N7    . LCG D 1 2 ? 4.150   -6.404  10.866  1.00 7.48  ? 2    LCG D N7    1 
HETATM 369  C C5    . LCG D 1 2 ? 4.148   -7.333  9.912   1.00 6.37  ? 2    LCG D C5    1 
HETATM 370  C C6    . LCG D 1 2 ? 3.202   -7.811  9.091   1.00 5.03  ? 2    LCG D C6    1 
HETATM 371  C "C2'" . LCG D 1 2 ? 8.615   -7.344  10.153  1.00 10.75 ? 2    LCG D "C2'" 1 
HETATM 372  O O6    . LCG D 1 2 ? 2.014   -7.480  9.056   1.00 6.60  ? 2    LCG D O6    1 
HETATM 373  C "C4'" . LCG D 1 2 ? 9.020   -6.221  11.924  1.00 13.64 ? 2    LCG D "C4'" 1 
HETATM 374  C "C1'" . LCG D 1 2 ? 7.515   -7.667  11.172  1.00 10.71 ? 2    LCG D "C1'" 1 
HETATM 375  C C2    . LCG D 1 2 ? 4.832   -9.326  8.160   1.00 6.19  ? 2    LCG D C2    1 
HETATM 376  N N1    . LCG D 1 2 ? 3.542   -8.813  8.187   1.00 6.38  ? 2    LCG D N1    1 
HETATM 377  O "O4'" . LCG D 1 2 ? 7.766   -6.801  12.292  1.00 10.94 ? 2    LCG D "O4'" 1 
HETATM 378  O OP2   . LCG D 1 2 ? 9.807   -3.905  16.066  1.00 35.08 ? 2    LCG D OP2   1 
HETATM 379  N N2    . LCG D 1 2 ? 5.115   -10.281 7.271   1.00 5.33  ? 2    LCG D N2    1 
HETATM 380  N N3    . LCG D 1 2 ? 5.722   -8.818  9.029   1.00 6.50  ? 2    LCG D N3    1 
HETATM 381  O "O2'" . LCG D 1 2 ? 9.797   -7.974  10.672  1.00 12.01 ? 2    LCG D "O2'" 1 
HETATM 382  O "O3'" . LCG D 1 2 ? 10.082  -5.334  9.943   1.00 10.50 ? 2    LCG D "O3'" 1 
HETATM 383  P P     . LCG D 1 3 ? 10.143  -4.541  8.529   1.00 11.38 ? 3    LCG D P     1 
HETATM 384  O OP1   . LCG D 1 3 ? 11.564  -4.077  8.470   1.00 11.22 ? 3    LCG D OP1   1 
HETATM 385  O "O5'" . LCG D 1 3 ? 9.766   -5.658  7.497   1.00 10.36 ? 3    LCG D "O5'" 1 
HETATM 386  C "C5'" . LCG D 1 3 ? 10.630  -6.728  7.103   1.00 8.12  ? 3    LCG D "C5'" 1 
HETATM 387  C "C3'" . LCG D 1 3 ? 9.324   -6.777  4.888   1.00 7.45  ? 3    LCG D "C3'" 1 
HETATM 388  C "C6'" . LCG D 1 3 ? 10.555  -8.670  5.361   1.00 8.71  ? 3    LCG D "C6'" 1 
HETATM 389  N N9    . LCG D 1 3 ? 6.543   -7.322  5.786   1.00 6.06  ? 3    LCG D N9    1 
HETATM 390  C C8    . LCG D 1 3 ? 6.395   -6.271  6.598   1.00 4.50  ? 3    LCG D C8    1 
HETATM 391  C C4    . LCG D 1 3 ? 5.364   -7.517  5.193   1.00 4.99  ? 3    LCG D C4    1 
HETATM 392  N N7    . LCG D 1 3 ? 5.123   -5.859  6.567   1.00 5.40  ? 3    LCG D N7    1 
HETATM 393  C C5    . LCG D 1 3 ? 4.502   -6.602  5.648   1.00 4.16  ? 3    LCG D C5    1 
HETATM 394  C C6    . LCG D 1 3 ? 3.227   -6.609  5.252   1.00 5.11  ? 3    LCG D C6    1 
HETATM 395  C "C2'" . LCG D 1 3 ? 8.595   -8.007  4.372   1.00 8.05  ? 3    LCG D "C2'" 1 
HETATM 396  O O6    . LCG D 1 3 ? 2.366   -5.851  5.699   1.00 5.50  ? 3    LCG D O6    1 
HETATM 397  C "C4'" . LCG D 1 3 ? 9.836   -7.547  6.082   1.00 8.22  ? 3    LCG D "C4'" 1 
HETATM 398  C "C1'" . LCG D 1 3 ? 7.724   -8.210  5.608   1.00 6.62  ? 3    LCG D "C1'" 1 
HETATM 399  C C2    . LCG D 1 3 ? 3.743   -8.481  3.834   1.00 3.98  ? 3    LCG D C2    1 
HETATM 400  N N1    . LCG D 1 3 ? 2.825   -7.539  4.295   1.00 5.33  ? 3    LCG D N1    1 
HETATM 401  O "O4'" . LCG D 1 3 ? 8.627   -8.010  6.707   1.00 6.88  ? 3    LCG D "O4'" 1 
HETATM 402  O OP2   . LCG D 1 3 ? 9.038   -3.501  8.499   1.00 11.50 ? 3    LCG D OP2   1 
HETATM 403  N N2    . LCG D 1 3 ? 3.315   -9.326  2.900   1.00 4.29  ? 3    LCG D N2    1 
HETATM 404  N N3    . LCG D 1 3 ? 4.998   -8.462  4.307   1.00 5.71  ? 3    LCG D N3    1 
HETATM 405  O "O2'" . LCG D 1 3 ? 9.622   -9.037  4.316   1.00 7.99  ? 3    LCG D "O2'" 1 
HETATM 406  O "O3'" . LCG D 1 3 ? 10.440  -6.324  4.090   1.00 8.85  ? 3    LCG D "O3'" 1 
HETATM 407  P P     . LCG D 1 4 ? 10.207  -5.342  2.889   1.00 8.85  ? 4    LCG D P     1 
HETATM 408  O OP1   . LCG D 1 4 ? 11.613  -5.223  2.343   1.00 8.66  ? 4    LCG D OP1   1 
HETATM 409  O "O5'" . LCG D 1 4 ? 9.367   -6.118  1.808   1.00 5.50  ? 4    LCG D "O5'" 1 
HETATM 410  C "C5'" . LCG D 1 4 ? 9.728   -7.353  1.185   1.00 5.42  ? 4    LCG D "C5'" 1 
HETATM 411  C "C3'" . LCG D 1 4 ? 7.979   -6.723  -0.532  1.00 7.22  ? 4    LCG D "C3'" 1 
HETATM 412  C "C6'" . LCG D 1 4 ? 8.501   -9.040  -0.363  1.00 5.10  ? 4    LCG D "C6'" 1 
HETATM 413  N N9    . LCG D 1 4 ? 5.440   -6.697  1.190   1.00 5.51  ? 4    LCG D N9    1 
HETATM 414  C C8    . LCG D 1 4 ? 5.919   -5.802  2.048   1.00 5.65  ? 4    LCG D C8    1 
HETATM 415  C C4    . LCG D 1 4 ? 4.134   -6.474  1.050   1.00 3.28  ? 4    LCG D C4    1 
HETATM 416  N N7    . LCG D 1 4 ? 4.902   -5.037  2.437   1.00 6.25  ? 4    LCG D N7    1 
HETATM 417  C C5    . LCG D 1 4 ? 3.783   -5.428  1.806   1.00 4.29  ? 4    LCG D C5    1 
HETATM 418  C C6    . LCG D 1 4 ? 2.491   -5.086  1.886   1.00 4.28  ? 4    LCG D C6    1 
HETATM 419  C "C2'" . LCG D 1 4 ? 6.755   -7.550  -0.836  1.00 6.80  ? 4    LCG D "C2'" 1 
HETATM 420  O O6    . LCG D 1 4 ? 2.058   -4.166  2.591   1.00 4.12  ? 4    LCG D O6    1 
HETATM 421  C "C4'" . LCG D 1 4 ? 8.462   -7.775  0.450   1.00 5.51  ? 4    LCG D "C4'" 1 
HETATM 422  C "C1'" . LCG D 1 4 ? 6.204   -7.801  0.564   1.00 5.24  ? 4    LCG D "C1'" 1 
HETATM 423  C C2    . LCG D 1 4 ? 1.959   -6.846  0.291   1.00 3.12  ? 4    LCG D C2    1 
HETATM 424  N N1    . LCG D 1 4 ? 1.543   -5.807  1.132   1.00 2.98  ? 4    LCG D N1    1 
HETATM 425  O "O4'" . LCG D 1 4 ? 7.377   -7.950  1.372   1.00 6.56  ? 4    LCG D "O4'" 1 
HETATM 426  O OP2   . LCG D 1 4 ? 9.489   -4.127  3.214   1.00 7.16  ? 4    LCG D OP2   1 
HETATM 427  N N2    . LCG D 1 4 ? 1.130   -7.549  -0.485  1.00 2.00  ? 4    LCG D N2    1 
HETATM 428  N N3    . LCG D 1 4 ? 3.254   -7.152  0.294   1.00 4.60  ? 4    LCG D N3    1 
HETATM 429  O "O2'" . LCG D 1 4 ? 7.375   -8.798  -1.219  1.00 6.51  ? 4    LCG D "O2'" 1 
HETATM 430  O "O3'" . LCG D 1 4 ? 8.773   -6.570  -1.730  1.00 8.14  ? 4    LCG D "O3'" 1 
HETATM 431  P P     . TLN D 1 5 ? 9.081   -5.107  -2.291  1.00 7.79  ? 5    TLN D P     1 
HETATM 432  O OP1   . TLN D 1 5 ? 10.307  -5.281  -3.168  1.00 11.21 ? 5    TLN D OP1   1 
HETATM 433  O OP2   . TLN D 1 5 ? 9.182   -4.080  -1.190  1.00 7.33  ? 5    TLN D OP2   1 
HETATM 434  O "O5'" . TLN D 1 5 ? 7.823   -4.684  -3.132  1.00 8.93  ? 5    TLN D "O5'" 1 
HETATM 435  C "C5'" . TLN D 1 5 ? 7.462   -5.404  -4.315  1.00 10.37 ? 5    TLN D "C5'" 1 
HETATM 436  C "C4'" . TLN D 1 5 ? 5.941   -5.403  -4.460  1.00 11.08 ? 5    TLN D "C4'" 1 
HETATM 437  O "O4'" . TLN D 1 5 ? 5.214   -5.835  -3.292  1.00 9.71  ? 5    TLN D "O4'" 1 
HETATM 438  C "C1'" . TLN D 1 5 ? 3.880   -5.368  -3.526  1.00 9.77  ? 5    TLN D "C1'" 1 
HETATM 439  N N1    . TLN D 1 5 ? 3.477   -4.458  -2.427  1.00 8.51  ? 5    TLN D N1    1 
HETATM 440  C C6    . TLN D 1 5 ? 4.441   -3.997  -1.516  1.00 7.41  ? 5    TLN D C6    1 
HETATM 441  C C5    . TLN D 1 5 ? 4.121   -3.046  -0.554  1.00 7.37  ? 5    TLN D C5    1 
HETATM 442  C C5M   . TLN D 1 5 ? 5.125   -2.521  0.258   1.00 5.01  ? 5    TLN D C5M   1 
HETATM 443  C C4    . TLN D 1 5 ? 2.798   -2.625  -0.440  1.00 5.94  ? 5    TLN D C4    1 
HETATM 444  O O4    . TLN D 1 5 ? 2.434   -1.821  0.414   1.00 6.18  ? 5    TLN D O4    1 
HETATM 445  N N3    . TLN D 1 5 ? 1.836   -3.152  -1.309  1.00 6.22  ? 5    TLN D N3    1 
HETATM 446  C C2    . TLN D 1 5 ? 2.192   -4.099  -2.275  1.00 8.86  ? 5    TLN D C2    1 
HETATM 447  O O2    . TLN D 1 5 ? 1.292   -4.612  -2.940  1.00 7.10  ? 5    TLN D O2    1 
HETATM 448  C "C3'" . TLN D 1 5 ? 5.369   -4.026  -4.722  1.00 10.37 ? 5    TLN D "C3'" 1 
HETATM 449  C "C2'" . TLN D 1 5 ? 3.987   -4.651  -4.862  1.00 9.90  ? 5    TLN D "C2'" 1 
HETATM 450  O "O2'" . TLN D 1 5 ? 4.165   -5.626  -5.917  1.00 12.30 ? 5    TLN D "O2'" 1 
HETATM 451  O "O3'" . TLN D 1 5 ? 5.900   -3.365  -5.919  1.00 9.83  ? 5    TLN D "O3'" 1 
HETATM 452  C "C6'" . TLN D 1 5 ? 5.480   -6.166  -5.692  1.00 11.96 ? 5    TLN D "C6'" 1 
HETATM 453  O "O5'" . TLN E 1 1 ? -6.767  12.721  -6.787  1.00 5.23  ? 1    TLN E "O5'" 1 
HETATM 454  C "C5'" . TLN E 1 1 ? -7.638  13.863  -6.393  1.00 8.16  ? 1    TLN E "C5'" 1 
HETATM 455  C "C4'" . TLN E 1 1 ? -8.849  14.050  -7.309  1.00 7.70  ? 1    TLN E "C4'" 1 
HETATM 456  O "O4'" . TLN E 1 1 ? -8.452  14.596  -8.570  1.00 7.65  ? 1    TLN E "O4'" 1 
HETATM 457  C "C1'" . TLN E 1 1 ? -9.528  14.256  -9.459  1.00 7.03  ? 1    TLN E "C1'" 1 
HETATM 458  N N1    . TLN E 1 1 ? -8.982  13.400  -10.528 1.00 7.01  ? 1    TLN E N1    1 
HETATM 459  C C6    . TLN E 1 1 ? -7.615  13.097  -10.671 1.00 5.19  ? 1    TLN E C6    1 
HETATM 460  C C5    . TLN E 1 1 ? -7.154  12.237  -11.669 1.00 6.68  ? 1    TLN E C5    1 
HETATM 461  C C5M   . TLN E 1 1 ? -5.803  11.932  -11.824 1.00 5.54  ? 1    TLN E C5M   1 
HETATM 462  C C4    . TLN E 1 1 ? -8.073  11.744  -12.579 1.00 6.83  ? 1    TLN E C4    1 
HETATM 463  O O4    . TLN E 1 1 ? -7.808  11.011  -13.528 1.00 7.31  ? 1    TLN E O4    1 
HETATM 464  N N3    . TLN E 1 1 ? -9.406  12.133  -12.460 1.00 5.59  ? 1    TLN E N3    1 
HETATM 465  C C2    . TLN E 1 1 ? -9.861  12.912  -11.404 1.00 6.01  ? 1    TLN E C2    1 
HETATM 466  O O2    . TLN E 1 1 ? -11.075 13.076  -11.299 1.00 5.94  ? 1    TLN E O2    1 
HETATM 467  C "C3'" . TLN E 1 1 ? -9.553  12.755  -7.677  1.00 7.88  ? 1    TLN E "C3'" 1 
HETATM 468  C "C2'" . TLN E 1 1 ? -10.517 13.520  -8.565  1.00 7.73  ? 1    TLN E "C2'" 1 
HETATM 469  O "O2'" . TLN E 1 1 ? -11.049 14.535  -7.709  1.00 8.37  ? 1    TLN E "O2'" 1 
HETATM 470  O "O3'" . TLN E 1 1 ? -10.244 12.184  -6.556  1.00 8.20  ? 1    TLN E "O3'" 1 
HETATM 471  C "C6'" . TLN E 1 1 ? -10.005 14.859  -6.772  1.00 8.42  ? 1    TLN E "C6'" 1 
HETATM 472  P P     . LCG E 1 2 ? -10.786 10.623  -6.598  1.00 7.51  ? 2    LCG E P     1 
HETATM 473  O OP1   . LCG E 1 2 ? -10.324 9.974   -5.303  1.00 6.36  ? 2    LCG E OP1   1 
HETATM 474  O "O5'" . LCG E 1 2 ? -10.110 9.903   -7.805  1.00 5.71  ? 2    LCG E "O5'" 1 
HETATM 475  C "C5'" . LCG E 1 2 ? -10.745 9.712   -9.076  1.00 4.80  ? 2    LCG E "C5'" 1 
HETATM 476  C "C3'" . LCG E 1 2 ? -9.155  7.688   -9.427  1.00 4.93  ? 2    LCG E "C3'" 1 
HETATM 477  C "C6'" . LCG E 1 2 ? -10.342 8.517   -11.310 1.00 4.76  ? 2    LCG E "C6'" 1 
HETATM 478  N N9    . LCG E 1 2 ? -6.486  8.995   -9.799  1.00 3.64  ? 2    LCG E N9    1 
HETATM 479  C C8    . LCG E 1 2 ? -6.425  9.736   -8.695  1.00 4.36  ? 2    LCG E C8    1 
HETATM 480  C C4    . LCG E 1 2 ? -5.288  8.445   -10.002 1.00 3.97  ? 2    LCG E C4    1 
HETATM 481  N N7    . LCG E 1 2 ? -5.181  9.657   -8.233  1.00 3.86  ? 2    LCG E N7    1 
HETATM 482  C C5    . LCG E 1 2 ? -4.470  8.851   -9.027  1.00 3.96  ? 2    LCG E C5    1 
HETATM 483  C C6    . LCG E 1 2 ? -3.216  8.394   -8.985  1.00 5.12  ? 2    LCG E C6    1 
HETATM 484  C "C2'" . LCG E 1 2 ? -8.338  7.523   -10.690 1.00 4.88  ? 2    LCG E "C2'" 1 
HETATM 485  O O6    . LCG E 1 2 ? -2.374  8.712   -8.144  1.00 6.43  ? 2    LCG E O6    1 
HETATM 486  C "C4'" . LCG E 1 2 ? -9.759  8.978   -9.987  1.00 3.50  ? 2    LCG E "C4'" 1 
HETATM 487  C "C1'" . LCG E 1 2 ? -7.618  8.869   -10.752 1.00 4.13  ? 2    LCG E "C1'" 1 
HETATM 488  C C2    . LCG E 1 2 ? -3.661  7.097   -10.980 1.00 4.57  ? 2    LCG E C2    1 
HETATM 489  N N1    . LCG E 1 2 ? -2.803  7.456   -9.941  1.00 4.34  ? 2    LCG E N1    1 
HETATM 490  O "O4'" . LCG E 1 2 ? -8.632  9.792   -10.296 1.00 3.34  ? 2    LCG E "O4'" 1 
HETATM 491  O OP2   . LCG E 1 2 ? -12.260 10.611  -6.855  1.00 8.43  ? 2    LCG E OP2   1 
HETATM 492  N N2    . LCG E 1 2 ? -3.190  6.271   -11.923 1.00 4.63  ? 2    LCG E N2    1 
HETATM 493  N N3    . LCG E 1 2 ? -4.904  7.605   -10.981 1.00 3.20  ? 2    LCG E N3    1 
HETATM 494  O "O2'" . LCG E 1 2 ? -9.362  7.552   -11.707 1.00 3.81  ? 2    LCG E "O2'" 1 
HETATM 495  O "O3'" . LCG E 1 2 ? -10.247 6.739   -9.338  1.00 4.32  ? 2    LCG E "O3'" 1 
HETATM 496  P P     . LCG E 1 3 ? -10.088 5.329   -8.580  1.00 5.40  ? 3    LCG E P     1 
HETATM 497  O OP1   . LCG E 1 3 ? -11.417 4.582   -8.606  1.00 6.17  ? 3    LCG E OP1   1 
HETATM 498  O "O5'" . LCG E 1 3 ? -9.033  4.539   -9.405  1.00 3.82  ? 3    LCG E "O5'" 1 
HETATM 499  C "C5'" . LCG E 1 3 ? -9.283  3.840   -10.624 1.00 3.31  ? 3    LCG E "C5'" 1 
HETATM 500  C "C3'" . LCG E 1 3 ? -7.326  2.292   -10.284 1.00 4.81  ? 3    LCG E "C3'" 1 
HETATM 501  C "C6'" . LCG E 1 3 ? -7.914  2.646   -12.486 1.00 6.31  ? 3    LCG E "C6'" 1 
HETATM 502  N N9    . LCG E 1 3 ? -5.064  4.175   -9.834  1.00 3.85  ? 3    LCG E N9    1 
HETATM 503  C C8    . LCG E 1 3 ? -5.662  4.899   -8.884  1.00 2.21  ? 3    LCG E C8    1 
HETATM 504  C C4    . LCG E 1 3 ? -3.791  4.038   -9.493  1.00 4.21  ? 3    LCG E C4    1 
HETATM 505  N N7    . LCG E 1 3 ? -4.740  5.268   -7.987  1.00 4.47  ? 3    LCG E N7    1 
HETATM 506  C C5    . LCG E 1 3 ? -3.578  4.739   -8.370  1.00 2.62  ? 3    LCG E C5    1 
HETATM 507  C C6    . LCG E 1 3 ? -2.349  4.809   -7.851  1.00 4.75  ? 3    LCG E C6    1 
HETATM 508  C "C2'" . LCG E 1 3 ? -6.065  2.243   -11.124 1.00 4.13  ? 3    LCG E "C2'" 1 
HETATM 509  O O6    . LCG E 1 3 ? -1.976  5.428   -6.851  1.00 3.05  ? 3    LCG E O6    1 
HETATM 510  C "C4'" . LCG E 1 3 ? -7.927  3.365   -11.150 1.00 4.42  ? 3    LCG E "C4'" 1 
HETATM 511  C "C1'" . LCG E 1 3 ? -5.657  3.705   -11.114 1.00 3.41  ? 3    LCG E "C1'" 1 
HETATM 512  C C2    . LCG E 1 3 ? -1.593  3.408   -9.697  1.00 4.65  ? 3    LCG E C2    1 
HETATM 513  N N1    . LCG E 1 3 ? -1.346  4.123   -8.525  1.00 3.42  ? 3    LCG E N1    1 
HETATM 514  O "O4'" . LCG E 1 3 ? -6.917  4.390   -11.164 1.00 4.15  ? 3    LCG E "O4'" 1 
HETATM 515  O OP2   . LCG E 1 3 ? -9.477  5.577   -7.278  1.00 4.99  ? 3    LCG E OP2   1 
HETATM 516  N N2    . LCG E 1 3 ? -0.578  2.725   -10.224 1.00 3.99  ? 3    LCG E N2    1 
HETATM 517  N N3    . LCG E 1 3 ? -2.834  3.400   -10.197 1.00 3.41  ? 3    LCG E N3    1 
HETATM 518  O "O2'" . LCG E 1 3 ? -6.583  2.080   -12.444 1.00 6.13  ? 3    LCG E "O2'" 1 
HETATM 519  O "O3'" . LCG E 1 3 ? -8.114  1.110   -10.485 1.00 6.01  ? 3    LCG E "O3'" 1 
HETATM 520  P P     . LCG E 1 4 ? -8.043  -0.031  -9.430  1.00 7.01  ? 4    LCG E P     1 
HETATM 521  O OP1   . LCG E 1 4 ? -9.020  -1.139  -9.859  1.00 6.86  ? 4    LCG E OP1   1 
HETATM 522  O "O5'" . LCG E 1 4 ? -6.576  -0.612  -9.599  1.00 4.46  ? 4    LCG E "O5'" 1 
HETATM 523  C "C5'" . LCG E 1 4 ? -6.211  -1.352  -10.770 1.00 5.01  ? 4    LCG E "C5'" 1 
HETATM 524  C "C3'" . LCG E 1 4 ? -4.273  -2.309  -9.431  1.00 3.31  ? 4    LCG E "C3'" 1 
HETATM 525  C "C6'" . LCG E 1 4 ? -4.004  -2.210  -11.818 1.00 3.54  ? 4    LCG E "C6'" 1 
HETATM 526  N N9    . LCG E 1 4 ? -2.816  0.109   -8.541  1.00 2.70  ? 4    LCG E N9    1 
HETATM 527  C C8    . LCG E 1 4 ? -3.872  0.629   -7.908  1.00 3.16  ? 4    LCG E C8    1 
HETATM 528  C C4    . LCG E 1 4 ? -1.722  0.437   -7.855  1.00 3.21  ? 4    LCG E C4    1 
HETATM 529  N N7    . LCG E 1 4 ? -3.397  1.355   -6.899  1.00 4.86  ? 4    LCG E N7    1 
HETATM 530  C C5    . LCG E 1 4 ? -2.071  1.204   -6.816  1.00 4.64  ? 4    LCG E C5    1 
HETATM 531  C C6    . LCG E 1 4 ? -1.133  1.721   -6.018  1.00 4.30  ? 4    LCG E C6    1 
HETATM 532  C "C2'" . LCG E 1 4 ? -2.811  -2.105  -9.797  1.00 2.45  ? 4    LCG E "C2'" 1 
HETATM 533  O O6    . LCG E 1 4 ? -1.346  2.490   -5.075  1.00 3.61  ? 4    LCG E O6    1 
HETATM 534  C "C4'" . LCG E 1 4 ? -4.702  -1.528  -10.654 1.00 4.28  ? 4    LCG E "C4'" 1 
HETATM 535  C "C1'" . LCG E 1 4 ? -2.796  -0.582  -9.851  1.00 3.46  ? 4    LCG E "C1'" 1 
HETATM 536  C C2    . LCG E 1 4 ? 0.538   0.630   -7.371  1.00 3.65  ? 4    LCG E C2    1 
HETATM 537  N N1    . LCG E 1 4 ? 0.212   1.413   -6.267  1.00 3.93  ? 4    LCG E N1    1 
HETATM 538  O "O4'" . LCG E 1 4 ? -4.067  -0.259  -10.444 1.00 3.85  ? 4    LCG E "O4'" 1 
HETATM 539  O OP2   . LCG E 1 4 ? -8.106  0.522   -8.041  1.00 4.15  ? 4    LCG E OP2   1 
HETATM 540  N N2    . LCG E 1 4 ? 1.795   0.306   -7.631  1.00 3.56  ? 4    LCG E N2    1 
HETATM 541  N N3    . LCG E 1 4 ? -0.436  0.198   -8.176  1.00 3.54  ? 4    LCG E N3    1 
HETATM 542  O "O2'" . LCG E 1 4 ? -2.756  -2.529  -11.175 1.00 3.97  ? 4    LCG E "O2'" 1 
HETATM 543  O "O3'" . LCG E 1 4 ? -4.641  -3.696  -9.522  1.00 5.64  ? 4    LCG E "O3'" 1 
HETATM 544  P P     . TLN E 1 5 ? -5.177  -4.465  -8.294  1.00 6.71  ? 5    TLN E P     1 
HETATM 545  O OP1   . TLN E 1 5 ? -5.688  -5.774  -8.841  1.00 5.14  ? 5    TLN E OP1   1 
HETATM 546  O OP2   . TLN E 1 5 ? -6.024  -3.767  -7.323  1.00 5.94  ? 5    TLN E OP2   1 
HETATM 547  O "O5'" . TLN E 1 5 ? -3.803  -4.796  -7.551  1.00 8.26  ? 5    TLN E "O5'" 1 
HETATM 548  C "C5'" . TLN E 1 5 ? -2.813  -5.670  -8.107  1.00 9.32  ? 5    TLN E "C5'" 1 
HETATM 549  C "C4'" . TLN E 1 5 ? -1.447  -5.350  -7.491  1.00 7.37  ? 5    TLN E "C4'" 1 
HETATM 550  O "O4'" . TLN E 1 5 ? -1.109  -3.955  -7.610  1.00 9.25  ? 5    TLN E "O4'" 1 
HETATM 551  C "C1'" . TLN E 1 5 ? -0.057  -3.698  -6.684  1.00 7.85  ? 5    TLN E "C1'" 1 
HETATM 552  N N1    . TLN E 1 5 ? -0.534  -2.720  -5.689  1.00 7.34  ? 5    TLN E N1    1 
HETATM 553  C C6    . TLN E 1 5 ? -1.889  -2.386  -5.533  1.00 4.55  ? 5    TLN E C6    1 
HETATM 554  C C5    . TLN E 1 5 ? -2.278  -1.428  -4.601  1.00 3.46  ? 5    TLN E C5    1 
HETATM 555  C C5M   . TLN E 1 5 ? -3.611  -1.069  -4.429  1.00 3.01  ? 5    TLN E C5M   1 
HETATM 556  C C4    . TLN E 1 5 ? -1.302  -0.844  -3.804  1.00 4.86  ? 5    TLN E C4    1 
HETATM 557  O O4    . TLN E 1 5 ? -1.552  -0.061  -2.895  1.00 5.47  ? 5    TLN E O4    1 
HETATM 558  N N3    . TLN E 1 5 ? 0.028   -1.189  -4.011  1.00 5.48  ? 5    TLN E N3    1 
HETATM 559  C C2    . TLN E 1 5 ? 0.417   -2.133  -4.958  1.00 5.28  ? 5    TLN E C2    1 
HETATM 560  O O2    . TLN E 1 5 ? 1.611   -2.363  -5.176  1.00 6.48  ? 5    TLN E O2    1 
HETATM 561  C "C3'" . TLN E 1 5 ? -1.279  -5.550  -6.005  1.00 9.49  ? 5    TLN E "C3'" 1 
HETATM 562  C "C2'" . TLN E 1 5 ? 0.159   -5.053  -6.013  1.00 8.73  ? 5    TLN E "C2'" 1 
HETATM 563  O "O2'" . TLN E 1 5 ? 0.703   -5.969  -6.986  1.00 9.46  ? 5    TLN E "O2'" 1 
HETATM 564  O "O3'" . TLN E 1 5 ? -1.550  -6.842  -5.416  1.00 7.89  ? 5    TLN E "O3'" 1 
HETATM 565  C "C6'" . TLN E 1 5 ? -0.315  -6.254  -7.960  1.00 10.66 ? 5    TLN E "C6'" 1 
HETATM 566  O "O5'" . TLN F 1 1 ? 1.766   19.313  -2.337  1.00 14.63 ? 1    TLN F "O5'" 1 
HETATM 567  C "C5'" . TLN F 1 1 ? 2.980   18.643  -2.362  1.00 13.34 ? 1    TLN F "C5'" 1 
HETATM 568  C "C4'" . TLN F 1 1 ? 3.746   18.927  -1.064  1.00 12.75 ? 1    TLN F "C4'" 1 
HETATM 569  O "O4'" . TLN F 1 1 ? 3.631   20.311  -0.689  1.00 12.86 ? 1    TLN F "O4'" 1 
HETATM 570  C "C1'" . TLN F 1 1 ? 4.220   20.342  0.633   1.00 12.46 ? 1    TLN F "C1'" 1 
HETATM 571  N N1    . TLN F 1 1 ? 3.400   21.126  1.594   1.00 13.18 ? 1    TLN F N1    1 
HETATM 572  C C6    . TLN F 1 1 ? 1.994   21.161  1.531   1.00 12.85 ? 1    TLN F C6    1 
HETATM 573  C C5    . TLN F 1 1 ? 1.217   21.849  2.464   1.00 13.72 ? 1    TLN F C5    1 
HETATM 574  C C5M   . TLN F 1 1 ? -0.172  21.759  2.445   1.00 13.03 ? 1    TLN F C5M   1 
HETATM 575  C C4    . TLN F 1 1 ? 1.846   22.593  3.460   1.00 12.89 ? 1    TLN F C4    1 
HETATM 576  O O4    . TLN F 1 1 ? 1.217   23.238  4.305   1.00 13.98 ? 1    TLN F O4    1 
HETATM 577  N N3    . TLN F 1 1 ? 3.246   22.571  3.482   1.00 12.06 ? 1    TLN F N3    1 
HETATM 578  C C2    . TLN F 1 1 ? 4.007   21.848  2.551   1.00 13.24 ? 1    TLN F C2    1 
HETATM 579  O O2    . TLN F 1 1 ? 5.236   21.944  2.590   1.00 12.25 ? 1    TLN F O2    1 
HETATM 580  C "C3'" . TLN F 1 1 ? 3.268   18.214  0.189   1.00 12.56 ? 1    TLN F "C3'" 1 
HETATM 581  C "C2'" . TLN F 1 1 ? 4.376   18.868  1.000   1.00 13.00 ? 1    TLN F "C2'" 1 
HETATM 582  O "O2'" . TLN F 1 1 ? 5.561   18.447  0.315   1.00 12.03 ? 1    TLN F "O2'" 1 
HETATM 583  O "O3'" . TLN F 1 1 ? 3.418   16.783  0.055   1.00 11.21 ? 1    TLN F "O3'" 1 
HETATM 584  C "C6'" . TLN F 1 1 ? 5.213   18.528  -1.088  1.00 13.78 ? 1    TLN F "C6'" 1 
HETATM 585  P P     . LCG F 1 2 ? 2.188   15.805  0.505   1.00 10.72 ? 2    LCG F P     1 
HETATM 586  O OP1   . LCG F 1 2 ? 1.537   16.194  1.816   1.00 8.17  ? 2    LCG F OP1   1 
HETATM 587  O "O5'" . LCG F 1 2 ? 1.195   16.024  -0.697  1.00 8.93  ? 2    LCG F "O5'" 1 
HETATM 588  C "C5'" . LCG F 1 2 ? 0.057   16.885  -0.637  1.00 10.53 ? 2    LCG F "C5'" 1 
HETATM 589  C "C3'" . LCG F 1 2 ? -1.483  15.010  -1.267  1.00 7.30  ? 2    LCG F "C3'" 1 
HETATM 590  C "C6'" . LCG F 1 2 ? -2.176  17.253  -1.849  1.00 8.48  ? 2    LCG F "C6'" 1 
HETATM 591  N N9    . LCG F 1 2 ? -0.724  13.998  -4.045  1.00 6.37  ? 2    LCG F N9    1 
HETATM 592  C C8    . LCG F 1 2 ? 0.536   13.636  -3.815  1.00 6.70  ? 2    LCG F C8    1 
HETATM 593  C C4    . LCG F 1 2 ? -1.299  13.053  -4.791  1.00 5.61  ? 2    LCG F C4    1 
HETATM 594  N N7    . LCG F 1 2 ? 0.777   12.553  -4.551  1.00 7.27  ? 2    LCG F N7    1 
HETATM 595  C C5    . LCG F 1 2 ? -0.365  12.145  -5.102  1.00 5.94  ? 2    LCG F C5    1 
HETATM 596  C C6    . LCG F 1 2 ? -0.612  11.111  -5.905  1.00 5.78  ? 2    LCG F C6    1 
HETATM 597  C "C2'" . LCG F 1 2 ? -2.403  15.059  -2.473  1.00 5.80  ? 2    LCG F "C2'" 1 
HETATM 598  O O6    . LCG F 1 2 ? 0.216   10.272  -6.278  1.00 5.34  ? 2    LCG F O6    1 
HETATM 599  C "C4'" . LCG F 1 2 ? -0.940  16.373  -1.667  1.00 6.80  ? 2    LCG F "C4'" 1 
HETATM 600  C "C1'" . LCG F 1 2 ? -1.368  15.252  -3.567  1.00 7.60  ? 2    LCG F "C1'" 1 
HETATM 601  C C2    . LCG F 1 2 ? -2.897  11.935  -6.002  1.00 6.61  ? 2    LCG F C2    1 
HETATM 602  N N1    . LCG F 1 2 ? -1.912  11.020  -6.376  1.00 5.14  ? 2    LCG F N1    1 
HETATM 603  O "O4'" . LCG F 1 2 ? -0.355  16.059  -2.939  1.00 6.68  ? 2    LCG F "O4'" 1 
HETATM 604  O OP2   . LCG F 1 2 ? 2.748   14.459  0.272   1.00 7.24  ? 2    LCG F OP2   1 
HETATM 605  N N2    . LCG F 1 2 ? -4.118  11.752  -6.491  1.00 4.76  ? 2    LCG F N2    1 
HETATM 606  N N3    . LCG F 1 2 ? -2.578  12.966  -5.191  1.00 4.76  ? 2    LCG F N3    1 
HETATM 607  O "O2'" . LCG F 1 2 ? -3.122  16.309  -2.383  1.00 8.88  ? 2    LCG F "O2'" 1 
HETATM 608  O "O3'" . LCG F 1 2 ? -2.139  15.170  0.002   1.00 5.60  ? 2    LCG F "O3'" 1 
HETATM 609  P P     . LCG F 1 3 ? -2.619  13.970  0.867   1.00 8.98  ? 3    LCG F P     1 
HETATM 610  O OP1   . LCG F 1 3 ? -3.318  14.486  2.007   1.00 8.22  ? 3    LCG F OP1   1 
HETATM 611  O "O5'" . LCG F 1 3 ? -3.816  13.338  0.018   1.00 5.34  ? 3    LCG F "O5'" 1 
HETATM 612  C "C5'" . LCG F 1 3 ? -5.092  13.922  -0.287  1.00 5.55  ? 3    LCG F "C5'" 1 
HETATM 613  C "C3'" . LCG F 1 3 ? -5.936  11.540  -0.756  1.00 5.52  ? 3    LCG F "C3'" 1 
HETATM 614  C "C6'" . LCG F 1 3 ? -7.273  13.224  -1.572  1.00 6.45  ? 3    LCG F "C6'" 1 
HETATM 615  N N9    . LCG F 1 3 ? -4.172  10.753  -3.045  1.00 5.27  ? 3    LCG F N9    1 
HETATM 616  C C8    . LCG F 1 3 ? -2.993  11.003  -2.472  1.00 3.12  ? 3    LCG F C8    1 
HETATM 617  C C4    . LCG F 1 3 ? -4.029  9.600   -3.698  1.00 4.05  ? 3    LCG F C4    1 
HETATM 618  N N7    . LCG F 1 3 ? -2.112  10.078  -2.887  1.00 3.79  ? 3    LCG F N7    1 
HETATM 619  C C5    . LCG F 1 3 ? -2.762  9.180   -3.629  1.00 3.39  ? 3    LCG F C5    1 
HETATM 620  C C6    . LCG F 1 3 ? -2.345  8.128   -4.343  1.00 2.95  ? 3    LCG F C6    1 
HETATM 621  C "C2'" . LCG F 1 3 ? -6.517  11.132  -2.099  1.00 5.97  ? 3    LCG F "C2'" 1 
HETATM 622  O O6    . LCG F 1 3 ? -1.169  7.758   -4.431  1.00 2.00  ? 3    LCG F O6    1 
HETATM 623  C "C4'" . LCG F 1 3 ? -5.806  12.967  -1.254  1.00 5.19  ? 3    LCG F "C4'" 1 
HETATM 624  C "C1'" . LCG F 1 3 ? -5.412  11.586  -3.043  1.00 5.27  ? 3    LCG F "C1'" 1 
HETATM 625  C C2    . LCG F 1 3 ? -4.614  7.883   -5.142  1.00 3.15  ? 3    LCG F C2    1 
HETATM 626  N N1    . LCG F 1 3 ? -3.289  7.427   -5.097  1.00 4.95  ? 3    LCG F N1    1 
HETATM 627  O "O4'" . LCG F 1 3 ? -4.985  12.808  -2.428  1.00 4.68  ? 3    LCG F "O4'" 1 
HETATM 628  O OP2   . LCG F 1 3 ? -1.515  12.927  1.030   1.00 7.07  ? 3    LCG F OP2   1 
HETATM 629  N N2    . LCG F 1 3 ? -5.570  7.272   -5.844  1.00 2.80  ? 3    LCG F N2    1 
HETATM 630  N N3    . LCG F 1 3 ? -4.937  8.986   -4.452  1.00 3.55  ? 3    LCG F N3    1 
HETATM 631  O "O2'" . LCG F 1 3 ? -7.641  12.026  -2.286  1.00 6.45  ? 3    LCG F "O2'" 1 
HETATM 632  O "O3'" . LCG F 1 3 ? -6.869  11.444  0.339   1.00 7.71  ? 3    LCG F "O3'" 1 
HETATM 633  P P     . LCG F 1 4 ? -6.865  10.197  1.320   1.00 5.59  ? 4    LCG F P     1 
HETATM 634  O OP1   . LCG F 1 4 ? -7.891  10.292  2.458   1.00 7.50  ? 4    LCG F OP1   1 
HETATM 635  O "O5'" . LCG F 1 4 ? -7.455  9.032   0.416   1.00 4.88  ? 4    LCG F "O5'" 1 
HETATM 636  C "C5'" . LCG F 1 4 ? -8.774  9.152   -0.138  1.00 5.31  ? 4    LCG F "C5'" 1 
HETATM 637  C "C3'" . LCG F 1 4 ? -8.555  6.662   -0.502  1.00 5.42  ? 4    LCG F "C3'" 1 
HETATM 638  C "C6'" . LCG F 1 4 ? -10.215 7.669   -1.805  1.00 5.12  ? 4    LCG F "C6'" 1 
HETATM 639  N N9    . LCG F 1 4 ? -6.132  6.416   -2.317  1.00 3.87  ? 4    LCG F N9    1 
HETATM 640  C C8    . LCG F 1 4 ? -5.303  7.020   -1.466  1.00 3.56  ? 4    LCG F C8    1 
HETATM 641  C C4    . LCG F 1 4 ? -5.433  5.464   -2.925  1.00 3.46  ? 4    LCG F C4    1 
HETATM 642  N N7    . LCG F 1 4 ? -4.062  6.543   -1.624  1.00 2.00  ? 4    LCG F N7    1 
HETATM 643  C C5    . LCG F 1 4 ? -4.166  5.555   -2.514  1.00 2.90  ? 4    LCG F C5    1 
HETATM 644  C C6    . LCG F 1 4 ? -3.251  4.710   -2.992  1.00 3.82  ? 4    LCG F C6    1 
HETATM 645  C "C2'" . LCG F 1 4 ? -8.602  5.967   -1.859  1.00 4.69  ? 4    LCG F "C2'" 1 
HETATM 646  O O6    . LCG F 1 4 ? -2.081  4.694   -2.619  1.00 3.32  ? 4    LCG F O6    1 
HETATM 647  C "C4'" . LCG F 1 4 ? -8.885  7.996   -1.133  1.00 4.49  ? 4    LCG F "C4'" 1 
HETATM 648  C "C1'" . LCG F 1 4 ? -7.550  6.791   -2.592  1.00 6.41  ? 4    LCG F "C1'" 1 
HETATM 649  C C2    . LCG F 1 4 ? -4.918  3.726   -4.386  1.00 2.98  ? 4    LCG F C2    1 
HETATM 650  N N1    . LCG F 1 4 ? -3.591  3.770   -3.970  1.00 4.36  ? 4    LCG F N1    1 
HETATM 651  O "O4'" . LCG F 1 4 ? -7.804  8.120   -2.079  1.00 4.85  ? 4    LCG F "O4'" 1 
HETATM 652  O OP2   . LCG F 1 4 ? -5.506  9.847   1.695   1.00 6.49  ? 4    LCG F OP2   1 
HETATM 653  N N2    . LCG F 1 4 ? -5.206  2.872   -5.353  1.00 2.00  ? 4    LCG F N2    1 
HETATM 654  N N3    . LCG F 1 4 ? -5.819  4.574   -3.865  1.00 2.94  ? 4    LCG F N3    1 
HETATM 655  O "O2'" . LCG F 1 4 ? -9.894  6.376   -2.364  1.00 3.80  ? 4    LCG F "O2'" 1 
HETATM 656  O "O3'" . LCG F 1 4 ? -9.610  6.228   0.375   1.00 7.78  ? 4    LCG F "O3'" 1 
HETATM 657  P P     . TLN F 1 5 ? -9.284  5.467   1.767   1.00 7.17  ? 5    TLN F P     1 
HETATM 658  O OP1   . TLN F 1 5 ? -10.695 5.432   2.465   1.00 8.95  ? 5    TLN F OP1   1 
HETATM 659  O OP2   . TLN F 1 5 ? -8.131  6.173   2.508   1.00 6.10  ? 5    TLN F OP2   1 
HETATM 660  O "O5'" . TLN F 1 5 ? -8.986  3.989   1.407   1.00 7.34  ? 5    TLN F "O5'" 1 
HETATM 661  C "C5'" . TLN F 1 5 ? -9.912  3.176   0.683   1.00 7.96  ? 5    TLN F "C5'" 1 
HETATM 662  C "C4'" . TLN F 1 5 ? -9.177  2.086   -0.087  1.00 8.07  ? 5    TLN F "C4'" 1 
HETATM 663  O "O4'" . TLN F 1 5 ? -8.262  2.593   -1.074  1.00 6.65  ? 5    TLN F "O4'" 1 
HETATM 664  C "C1'" . TLN F 1 5 ? -7.470  1.459   -1.411  1.00 7.87  ? 5    TLN F "C1'" 1 
HETATM 665  N N1    . TLN F 1 5 ? -6.074  1.880   -1.135  1.00 4.89  ? 5    TLN F N1    1 
HETATM 666  C C6    . TLN F 1 5 ? -5.745  2.959   -0.299  1.00 4.71  ? 5    TLN F C6    1 
HETATM 667  C C5    . TLN F 1 5 ? -4.429  3.228   0.081   1.00 4.00  ? 5    TLN F C5    1 
HETATM 668  C C5M   . TLN F 1 5 ? -4.204  4.264   1.008   1.00 3.19  ? 5    TLN F C5M   1 
HETATM 669  C C4    . TLN F 1 5 ? -3.411  2.433   -0.458  1.00 5.66  ? 5    TLN F C4    1 
HETATM 670  O O4    . TLN F 1 5 ? -2.194  2.458   -0.204  1.00 6.01  ? 5    TLN F O4    1 
HETATM 671  N N3    . TLN F 1 5 ? -3.768  1.454   -1.392  1.00 6.71  ? 5    TLN F N3    1 
HETATM 672  C C2    . TLN F 1 5 ? -5.097  1.163   -1.707  1.00 4.87  ? 5    TLN F C2    1 
HETATM 673  O O2    . TLN F 1 5 ? -5.325  0.244   -2.499  1.00 8.58  ? 5    TLN F O2    1 
HETATM 674  C "C3'" . TLN F 1 5 ? -8.319  1.152   0.735   1.00 8.33  ? 5    TLN F "C3'" 1 
HETATM 675  C "C2'" . TLN F 1 5 ? -7.981  0.342   -0.504  1.00 7.75  ? 5    TLN F "C2'" 1 
HETATM 676  O "O2'" . TLN F 1 5 ? -9.302  -0.028  -0.963  1.00 7.75  ? 5    TLN F "O2'" 1 
HETATM 677  O "O3'" . TLN F 1 5 ? -8.954  0.223   1.716   1.00 9.71  ? 5    TLN F "O3'" 1 
HETATM 678  C "C6'" . TLN F 1 5 ? -10.157 1.107   -0.716  1.00 8.83  ? 5    TLN F "C6'" 1 
HETATM 679  O "O5'" . TLN G 1 1 ? -3.966  4.506   -14.240 1.00 10.69 ? 1    TLN G "O5'" 1 
HETATM 680  C "C5'" . TLN G 1 1 ? -5.048  4.045   -15.203 1.00 12.37 ? 1    TLN G "C5'" 1 
HETATM 681  C "C4'" . TLN G 1 1 ? -4.419  3.924   -16.596 1.00 13.31 ? 1    TLN G "C4'" 1 
HETATM 682  O "O4'" . TLN G 1 1 ? -4.070  5.231   -17.060 1.00 14.19 ? 1    TLN G "O4'" 1 
HETATM 683  C "C1'" . TLN G 1 1 ? -3.095  4.989   -18.091 1.00 13.87 ? 1    TLN G "C1'" 1 
HETATM 684  N N1    . TLN G 1 1 ? -1.882  5.666   -17.560 1.00 13.82 ? 1    TLN G N1    1 
HETATM 685  C C6    . TLN G 1 1 ? -1.903  6.344   -16.335 1.00 14.56 ? 1    TLN G C6    1 
HETATM 686  C C5    . TLN G 1 1 ? -0.767  6.984   -15.852 1.00 15.58 ? 1    TLN G C5    1 
HETATM 687  C C5M   . TLN G 1 1 ? -0.781  7.597   -14.602 1.00 15.51 ? 1    TLN G C5M   1 
HETATM 688  C C4    . TLN G 1 1 ? 0.400   6.993   -16.612 1.00 14.70 ? 1    TLN G C4    1 
HETATM 689  O O4    . TLN G 1 1 ? 1.392   7.634   -16.251 1.00 16.75 ? 1    TLN G O4    1 
HETATM 690  N N3    . TLN G 1 1 ? 0.405   6.270   -17.818 1.00 14.46 ? 1    TLN G N3    1 
HETATM 691  C C2    . TLN G 1 1 ? -0.754  5.632   -18.281 1.00 14.50 ? 1    TLN G C2    1 
HETATM 692  O O2    . TLN G 1 1 ? -0.789  5.030   -19.356 1.00 15.81 ? 1    TLN G O2    1 
HETATM 693  C "C3'" . TLN G 1 1 ? -3.108  3.148   -16.657 1.00 12.62 ? 1    TLN G "C3'" 1 
HETATM 694  C "C2'" . TLN G 1 1 ? -3.004  3.468   -18.135 1.00 13.50 ? 1    TLN G "C2'" 1 
HETATM 695  O "O2'" . TLN G 1 1 ? -4.238  2.904   -18.629 1.00 12.24 ? 1    TLN G "O2'" 1 
HETATM 696  O "O3'" . TLN G 1 1 ? -3.333  1.734   -16.498 1.00 12.39 ? 1    TLN G "O3'" 1 
HETATM 697  C "C6'" . TLN G 1 1 ? -5.260  3.259   -17.673 1.00 12.16 ? 1    TLN G "C6'" 1 
HETATM 698  P P     . LCG G 1 2 ? -2.291  0.714   -15.794 1.00 10.90 ? 2    LCG G P     1 
HETATM 699  O OP1   . LCG G 1 2 ? -2.709  0.372   -14.443 1.00 11.58 ? 2    LCG G OP1   1 
HETATM 700  O "O5'" . LCG G 1 2 ? -0.942  1.531   -15.642 1.00 9.58  ? 2    LCG G "O5'" 1 
HETATM 701  C "C5'" . LCG G 1 2 ? 0.039   1.552   -16.663 1.00 9.13  ? 2    LCG G "C5'" 1 
HETATM 702  C "C3'" . LCG G 1 2 ? 1.739   1.980   -14.816 1.00 5.62  ? 2    LCG G "C3'" 1 
HETATM 703  C "C6'" . LCG G 1 2 ? 2.384   2.468   -16.997 1.00 7.69  ? 2    LCG G "C6'" 1 
HETATM 704  N N9    . LCG G 1 2 ? 1.034   4.751   -13.703 1.00 7.23  ? 2    LCG G N9    1 
HETATM 705  C C8    . LCG G 1 2 ? -0.268  4.631   -13.440 1.00 6.64  ? 2    LCG G C8    1 
HETATM 706  C C4    . LCG G 1 2 ? 1.624   5.420   -12.711 1.00 7.45  ? 2    LCG G C4    1 
HETATM 707  N N7    . LCG G 1 2 ? -0.492  5.306   -12.315 1.00 7.15  ? 2    LCG G N7    1 
HETATM 708  C C5    . LCG G 1 2 ? 0.661   5.793   -11.856 1.00 7.31  ? 2    LCG G C5    1 
HETATM 709  C C6    . LCG G 1 2 ? 0.930   6.550   -10.789 1.00 6.70  ? 2    LCG G C6    1 
HETATM 710  C "C2'" . LCG G 1 2 ? 2.677   3.172   -14.789 1.00 6.86  ? 2    LCG G "C2'" 1 
HETATM 711  O O6    . LCG G 1 2 ? 0.103   6.905   -9.944  1.00 5.34  ? 2    LCG G O6    1 
HETATM 712  C "C4'" . LCG G 1 2 ? 1.146   2.462   -16.130 1.00 7.34  ? 2    LCG G "C4'" 1 
HETATM 713  C "C1'" . LCG G 1 2 ? 1.707   4.334   -14.961 1.00 6.97  ? 2    LCG G "C1'" 1 
HETATM 714  C C2    . LCG G 1 2 ? 3.231   6.622   -11.543 1.00 7.84  ? 2    LCG G C2    1 
HETATM 715  N N1    . LCG G 1 2 ? 2.245   6.990   -10.619 1.00 7.42  ? 2    LCG G N1    1 
HETATM 716  O "O4'" . LCG G 1 2 ? 0.710   3.804   -15.851 1.00 6.40  ? 2    LCG G "O4'" 1 
HETATM 717  O OP2   . LCG G 1 2 ? -2.129  -0.362  -16.780 1.00 10.84 ? 2    LCG G OP2   1 
HETATM 718  N N2    . LCG G 1 2 ? 4.492   6.985   -11.317 1.00 5.98  ? 2    LCG G N2    1 
HETATM 719  N N3    . LCG G 1 2 ? 2.888   5.864   -12.598 1.00 7.23  ? 2    LCG G N3    1 
HETATM 720  O "O2'" . LCG G 1 2 ? 3.296   3.078   -16.091 1.00 7.61  ? 2    LCG G "O2'" 1 
HETATM 721  O "O3'" . LCG G 1 2 ? 2.484   0.764   -15.049 1.00 6.36  ? 2    LCG G "O3'" 1 
HETATM 722  P P     . LCG G 1 3 ? 2.813   -0.290  -13.875 1.00 6.63  ? 3    LCG G P     1 
HETATM 723  O OP1   . LCG G 1 3 ? 3.371   -1.585  -14.539 1.00 7.24  ? 3    LCG G OP1   1 
HETATM 724  O "O5'" . LCG G 1 3 ? 3.966   0.418   -13.070 1.00 5.74  ? 3    LCG G "O5'" 1 
HETATM 725  C "C5'" . LCG G 1 3 ? 5.200   0.807   -13.698 1.00 7.47  ? 3    LCG G "C5'" 1 
HETATM 726  C "C3'" . LCG G 1 3 ? 6.157   1.224   -11.386 1.00 5.90  ? 3    LCG G "C3'" 1 
HETATM 727  C "C6'" . LCG G 1 3 ? 7.261   2.332   -13.154 1.00 6.87  ? 3    LCG G "C6'" 1 
HETATM 728  N N9    . LCG G 1 3 ? 4.305   3.491   -10.391 1.00 4.40  ? 3    LCG G N9    1 
HETATM 729  C C8    . LCG G 1 3 ? 3.127   2.934   -10.666 1.00 4.13  ? 3    LCG G C8    1 
HETATM 730  C C4    . LCG G 1 3 ? 4.147   4.164   -9.258  1.00 4.31  ? 3    LCG G C4    1 
HETATM 731  N N7    . LCG G 1 3 ? 2.218   3.332   -9.772  1.00 4.60  ? 3    LCG G N7    1 
HETATM 732  C C5    . LCG G 1 3 ? 2.858   4.108   -8.887  1.00 2.76  ? 3    LCG G C5    1 
HETATM 733  C C6    . LCG G 1 3 ? 2.429   4.727   -7.789  1.00 3.82  ? 3    LCG G C6    1 
HETATM 734  C "C2'" . LCG G 1 3 ? 6.690   2.561   -10.908 1.00 7.07  ? 3    LCG G "C2'" 1 
HETATM 735  O O6    . LCG G 1 3 ? 1.257   4.751   -7.401  1.00 5.14  ? 3    LCG G O6    1 
HETATM 736  C "C4'" . LCG G 1 3 ? 5.894   1.795   -12.763 1.00 6.29  ? 3    LCG G "C4'" 1 
HETATM 737  C "C1'" . LCG G 1 3 ? 5.517   3.473   -11.263 1.00 4.38  ? 3    LCG G "C1'" 1 
HETATM 738  C C2    . LCG G 1 3 ? 4.699   5.437   -7.430  1.00 3.21  ? 3    LCG G C2    1 
HETATM 739  N N1    . LCG G 1 3 ? 3.363   5.426   -7.016  1.00 3.80  ? 3    LCG G N1    1 
HETATM 740  O "O4'" . LCG G 1 3 ? 5.120   2.982   -12.551 1.00 6.30  ? 3    LCG G "O4'" 1 
HETATM 741  O OP2   . LCG G 1 3 ? 1.683   -0.325  -12.865 1.00 4.94  ? 3    LCG G OP2   1 
HETATM 742  N N2    . LCG G 1 3 ? 5.574   6.111   -6.708  1.00 2.20  ? 3    LCG G N2    1 
HETATM 743  N N3    . LCG G 1 3 ? 5.084   4.823   -8.559  1.00 4.04  ? 3    LCG G N3    1 
HETATM 744  O "O2'" . LCG G 1 3 ? 7.723   2.837   -11.877 1.00 6.78  ? 3    LCG G "O2'" 1 
HETATM 745  O "O3'" . LCG G 1 3 ? 7.147   0.173   -11.403 1.00 7.84  ? 3    LCG G "O3'" 1 
HETATM 746  P P     . LCG G 1 4 ? 7.096   -0.919  -10.314 1.00 8.29  ? 4    LCG G P     1 
HETATM 747  O OP1   . LCG G 1 4 ? 8.238   -1.915  -10.542 1.00 9.46  ? 4    LCG G OP1   1 
HETATM 748  O "O5'" . LCG G 1 4 ? 7.499   -0.093  -9.019  1.00 6.96  ? 4    LCG G "O5'" 1 
HETATM 749  C "C5'" . LCG G 1 4 ? 8.818   0.399   -8.799  1.00 8.09  ? 4    LCG G "C5'" 1 
HETATM 750  C "C3'" . LCG G 1 4 ? 8.544   0.627   -6.311  1.00 7.21  ? 4    LCG G "C3'" 1 
HETATM 751  C "C6'" . LCG G 1 4 ? 10.020  2.190   -7.327  1.00 6.94  ? 4    LCG G "C6'" 1 
HETATM 752  N N9    . LCG G 1 4 ? 6.063   2.476   -6.064  1.00 6.50  ? 4    LCG G N9    1 
HETATM 753  C C8    . LCG G 1 4 ? 5.211   1.701   -6.741  1.00 7.62  ? 4    LCG G C8    1 
HETATM 754  C C4    . LCG G 1 4 ? 5.383   3.044   -5.073  1.00 5.70  ? 4    LCG G C4    1 
HETATM 755  N N7    . LCG G 1 4 ? 3.984   1.861   -6.246  1.00 4.29  ? 4    LCG G N7    1 
HETATM 756  C C5    . LCG G 1 4 ? 4.102   2.666   -5.196  1.00 5.45  ? 4    LCG G C5    1 
HETATM 757  C C6    . LCG G 1 4 ? 3.162   3.109   -4.368  1.00 4.46  ? 4    LCG G C6    1 
HETATM 758  C "C2'" . LCG G 1 4 ? 8.557   1.937   -5.542  1.00 7.89  ? 4    LCG G "C2'" 1 
HETATM 759  O O6    . LCG G 1 4 ? 1.965   2.807   -4.464  1.00 2.00  ? 4    LCG G O6    1 
HETATM 760  C "C4'" . LCG G 1 4 ? 8.783   1.354   -7.609  1.00 6.59  ? 4    LCG G "C4'" 1 
HETATM 761  C "C1'" . LCG G 1 4 ? 7.511   2.720   -6.345  1.00 6.66  ? 4    LCG G "C1'" 1 
HETATM 762  C C2    . LCG G 1 4 ? 4.922   4.329   -3.202  1.00 5.45  ? 4    LCG G C2    1 
HETATM 763  N N1    . LCG G 1 4 ? 3.576   4.007   -3.379  1.00 4.47  ? 4    LCG G N1    1 
HETATM 764  O "O4'" . LCG G 1 4 ? 7.717   2.316   -7.701  1.00 7.00  ? 4    LCG G "O4'" 1 
HETATM 765  O OP2   . LCG G 1 4 ? 5.735   -1.417  -10.042 1.00 8.14  ? 4    LCG G OP2   1 
HETATM 766  N N2    . LCG G 1 4 ? 5.243   5.186   -2.238  1.00 5.23  ? 4    LCG G N2    1 
HETATM 767  N N3    . LCG G 1 4 ? 5.825   3.798   -4.044  1.00 4.54  ? 4    LCG G N3    1 
HETATM 768  O "O2'" . LCG G 1 4 ? 9.860   2.423   -5.921  1.00 6.53  ? 4    LCG G "O2'" 1 
HETATM 769  O "O3'" . LCG G 1 4 ? 9.614   -0.259  -5.928  1.00 8.10  ? 4    LCG G "O3'" 1 
HETATM 770  P P     . TLN G 1 5 ? 9.283   -1.682  -5.215  1.00 9.55  ? 5    TLN G P     1 
HETATM 771  O OP1   . TLN G 1 5 ? 10.611  -2.278  -5.113  1.00 10.71 ? 5    TLN G OP1   1 
HETATM 772  O OP2   . TLN G 1 5 ? 8.176   -2.419  -5.882  1.00 8.42  ? 5    TLN G OP2   1 
HETATM 773  O "O5'" . TLN G 1 5 ? 8.899   -1.306  -3.734  1.00 10.04 ? 5    TLN G "O5'" 1 
HETATM 774  C "C5'" . TLN G 1 5 ? 9.852   -0.663  -2.874  1.00 10.11 ? 5    TLN G "C5'" 1 
HETATM 775  C "C4'" . TLN G 1 5 ? 9.120   0.078   -1.753  1.00 9.74  ? 5    TLN G "C4'" 1 
HETATM 776  O "O4'" . TLN G 1 5 ? 8.264   1.063   -2.324  1.00 9.56  ? 5    TLN G "O4'" 1 
HETATM 777  C "C1'" . TLN G 1 5 ? 7.375   1.396   -1.237  1.00 10.19 ? 5    TLN G "C1'" 1 
HETATM 778  N N1    . TLN G 1 5 ? 5.974   1.117   -1.640  1.00 7.08  ? 5    TLN G N1    1 
HETATM 779  C C6    . TLN G 1 5 ? 5.621   0.388   -2.780  1.00 6.94  ? 5    TLN G C6    1 
HETATM 780  C C5    . TLN G 1 5 ? 4.307   0.082   -3.088  1.00 8.26  ? 5    TLN G C5    1 
HETATM 781  C C5M   . TLN G 1 5 ? 4.025   -0.709  -4.208  1.00 7.57  ? 5    TLN G C5M   1 
HETATM 782  C C4    . TLN G 1 5 ? 3.303   0.571   -2.254  1.00 7.82  ? 5    TLN G C4    1 
HETATM 783  O O4    . TLN G 1 5 ? 2.103   0.351   -2.438  1.00 6.89  ? 5    TLN G O4    1 
HETATM 784  N N3    . TLN G 1 5 ? 3.677   1.363   -1.164  1.00 7.14  ? 5    TLN G N3    1 
HETATM 785  C C2    . TLN G 1 5 ? 5.015   1.625   -0.850  1.00 7.09  ? 5    TLN G C2    1 
HETATM 786  O O2    . TLN G 1 5 ? 5.340   2.312   0.120   1.00 7.94  ? 5    TLN G O2    1 
HETATM 787  C "C3'" . TLN G 1 5 ? 8.191   -0.767  -0.902  1.00 9.65  ? 5    TLN G "C3'" 1 
HETATM 788  C "C2'" . TLN G 1 5 ? 7.806   0.471   -0.110  1.00 9.47  ? 5    TLN G "C2'" 1 
HETATM 789  O "O2'" . TLN G 1 5 ? 9.071   0.945   0.394   1.00 8.83  ? 5    TLN G "O2'" 1 
HETATM 790  O "O3'" . TLN G 1 5 ? 8.759   -1.950  -0.031  1.00 11.24 ? 5    TLN G "O3'" 1 
HETATM 791  C "C6'" . TLN G 1 5 ? 9.977   0.805   -0.727  1.00 9.74  ? 5    TLN G "C6'" 1 
HETATM 792  O "O5'" . TLN H 1 1 ? 7.238   6.739   -12.093 1.00 14.02 ? 1    TLN H "O5'" 1 
HETATM 793  C "C5'" . TLN H 1 1 ? 8.369   6.275   -12.870 1.00 11.41 ? 1    TLN H "C5'" 1 
HETATM 794  C "C4'" . TLN H 1 1 ? 9.557   7.244   -12.955 1.00 11.76 ? 1    TLN H "C4'" 1 
HETATM 795  O "O4'" . TLN H 1 1 ? 9.100   8.462   -13.569 1.00 12.55 ? 1    TLN H "O4'" 1 
HETATM 796  C "C1'" . TLN H 1 1 ? 10.095  9.424   -13.183 1.00 13.73 ? 1    TLN H "C1'" 1 
HETATM 797  N N1    . TLN H 1 1 ? 9.347   10.349  -12.305 1.00 13.63 ? 1    TLN H N1    1 
HETATM 798  C C6    . TLN H 1 1 ? 7.994   10.081  -12.029 1.00 14.74 ? 1    TLN H C6    1 
HETATM 799  C C5    . TLN H 1 1 ? 7.187   11.054  -11.459 1.00 17.15 ? 1    TLN H C5    1 
HETATM 800  C C5M   . TLN H 1 1 ? 5.802   10.907  -11.411 1.00 15.88 ? 1    TLN H C5M   1 
HETATM 801  C C4    . TLN H 1 1 ? 7.802   12.207  -10.976 1.00 17.39 ? 1    TLN H C4    1 
HETATM 802  O O4    . TLN H 1 1 ? 7.132   13.061  -10.393 1.00 21.13 ? 1    TLN H O4    1 
HETATM 803  N N3    . TLN H 1 1 ? 9.183   12.390  -11.156 1.00 16.33 ? 1    TLN H N3    1 
HETATM 804  C C2    . TLN H 1 1 ? 9.955   11.453  -11.850 1.00 14.75 ? 1    TLN H C2    1 
HETATM 805  O O2    . TLN H 1 1 ? 11.156  11.637  -12.074 1.00 15.44 ? 1    TLN H O2    1 
HETATM 806  C "C3'" . TLN H 1 1 ? 10.245  7.706   -11.677 1.00 12.12 ? 1    TLN H "C3'" 1 
HETATM 807  C "C2'" . TLN H 1 1 ? 11.166  8.624   -12.452 1.00 10.94 ? 1    TLN H "C2'" 1 
HETATM 808  O "O2'" . TLN H 1 1 ? 11.739  7.709   -13.410 1.00 13.01 ? 1    TLN H "O2'" 1 
HETATM 809  O "O3'" . TLN H 1 1 ? 11.028  6.682   -11.058 1.00 11.58 ? 1    TLN H "O3'" 1 
HETATM 810  C "C6'" . TLN H 1 1 ? 10.757  6.696   -13.694 1.00 11.29 ? 1    TLN H "C6'" 1 
HETATM 811  P P     . LCG H 1 2 ? 11.026  6.539   -9.485  1.00 11.22 ? 2    LCG H P     1 
HETATM 812  O OP1   . LCG H 1 2 ? 12.456  6.379   -9.102  1.00 12.68 ? 2    LCG H OP1   1 
HETATM 813  O "O5'" . LCG H 1 2 ? 10.380  7.882   -8.974  1.00 9.97  ? 2    LCG H "O5'" 1 
HETATM 814  C "C5'" . LCG H 1 2 ? 11.122  9.081   -8.776  1.00 10.10 ? 2    LCG H "C5'" 1 
HETATM 815  C "C3'" . LCG H 1 2 ? 9.576   9.408   -6.792  1.00 9.50  ? 2    LCG H "C3'" 1 
HETATM 816  C "C6'" . LCG H 1 2 ? 10.767  11.324  -7.479  1.00 10.47 ? 2    LCG H "C6'" 1 
HETATM 817  N N9    . LCG H 1 2 ? 6.834   10.003  -8.209  1.00 6.60  ? 2    LCG H N9    1 
HETATM 818  C C8    . LCG H 1 2 ? 6.763   8.916   -8.977  1.00 4.25  ? 2    LCG H C8    1 
HETATM 819  C C4    . LCG H 1 2 ? 5.638   10.215  -7.666  1.00 6.16  ? 2    LCG H C4    1 
HETATM 820  N N7    . LCG H 1 2 ? 5.494   8.501   -8.988  1.00 6.68  ? 2    LCG H N7    1 
HETATM 821  C C5    . LCG H 1 2 ? 4.794   9.316   -8.196  1.00 5.24  ? 2    LCG H C5    1 
HETATM 822  C C6    . LCG H 1 2 ? 3.507   9.318   -7.872  1.00 6.64  ? 2    LCG H C6    1 
HETATM 823  C "C2'" . LCG H 1 2 ? 8.717   10.637  -6.589  1.00 8.74  ? 2    LCG H "C2'" 1 
HETATM 824  O O6    . LCG H 1 2 ? 2.703   8.477   -8.287  1.00 5.71  ? 2    LCG H O6    1 
HETATM 825  C "C4'" . LCG H 1 2 ? 10.188  10.027  -8.027  1.00 8.43  ? 2    LCG H "C4'" 1 
HETATM 826  C "C1'" . LCG H 1 2 ? 8.053   10.812  -7.946  1.00 7.46  ? 2    LCG H "C1'" 1 
HETATM 827  C C2    . LCG H 1 2 ? 3.936   11.300  -6.542  1.00 6.62  ? 2    LCG H C2    1 
HETATM 828  N N1    . LCG H 1 2 ? 3.051   10.346  -7.038  1.00 6.10  ? 2    LCG H N1    1 
HETATM 829  O "O4'" . LCG H 1 2 ? 9.028   10.242  -8.833  1.00 8.08  ? 2    LCG H "O4'" 1 
HETATM 830  O OP2   . LCG H 1 2 ? 10.072  5.493   -9.175  1.00 13.69 ? 2    LCG H OP2   1 
HETATM 831  N N2    . LCG H 1 2 ? 3.430   12.284  -5.805  1.00 6.74  ? 2    LCG H N2    1 
HETATM 832  N N3    . LCG H 1 2 ? 5.247   11.186  -6.823  1.00 6.40  ? 2    LCG H N3    1 
HETATM 833  O "O2'" . LCG H 1 2 ? 9.742   11.649  -6.523  1.00 9.98  ? 2    LCG H "O2'" 1 
HETATM 834  O "O3'" . LCG H 1 2 ? 10.577  9.285   -5.753  1.00 8.66  ? 2    LCG H "O3'" 1 
HETATM 835  P P     . LCG H 1 3 ? 10.242  8.501   -4.396  1.00 9.77  ? 3    LCG H P     1 
HETATM 836  O OP1   . LCG H 1 3 ? 11.591  8.494   -3.536  1.00 11.03 ? 3    LCG H OP1   1 
HETATM 837  O "O5'" . LCG H 1 3 ? 9.187   9.411   -3.606  1.00 8.03  ? 3    LCG H "O5'" 1 
HETATM 838  C "C5'" . LCG H 1 3 ? 9.378   10.780  -3.202  1.00 7.27  ? 3    LCG H "C5'" 1 
HETATM 839  C "C3'" . LCG H 1 3 ? 7.437   10.409  -1.614  1.00 7.25  ? 3    LCG H "C3'" 1 
HETATM 840  C "C6'" . LCG H 1 3 ? 7.988   12.667  -1.979  1.00 7.63  ? 3    LCG H "C6'" 1 
HETATM 841  N N9    . LCG H 1 3 ? 5.185   9.962   -3.533  1.00 5.70  ? 3    LCG H N9    1 
HETATM 842  C C8    . LCG H 1 3 ? 5.756   9.041   -4.306  1.00 6.26  ? 3    LCG H C8    1 
HETATM 843  C C4    . LCG H 1 3 ? 3.902   9.633   -3.411  1.00 5.83  ? 3    LCG H C4    1 
HETATM 844  N N7    . LCG H 1 3 ? 4.827   8.149   -4.645  1.00 4.90  ? 3    LCG H N7    1 
HETATM 845  C C5    . LCG H 1 3 ? 3.656   8.528   -4.124  1.00 5.64  ? 3    LCG H C5    1 
HETATM 846  C C6    . LCG H 1 3 ? 2.404   8.073   -4.287  1.00 6.52  ? 3    LCG H C6    1 
HETATM 847  C "C2'" . LCG H 1 3 ? 6.183   11.251  -1.557  1.00 7.71  ? 3    LCG H "C2'" 1 
HETATM 848  O O6    . LCG H 1 3 ? 2.140   7.085   -4.988  1.00 5.38  ? 3    LCG H O6    1 
HETATM 849  C "C4'" . LCG H 1 3 ? 8.047   11.313  -2.664  1.00 8.79  ? 3    LCG H "C4'" 1 
HETATM 850  C "C1'" . LCG H 1 3 ? 5.815   11.214  -3.030  1.00 6.64  ? 3    LCG H "C1'" 1 
HETATM 851  C C2    . LCG H 1 3 ? 1.672   9.817   -2.808  1.00 5.66  ? 3    LCG H C2    1 
HETATM 852  N N1    . LCG H 1 3 ? 1.353   8.734   -3.634  1.00 4.31  ? 3    LCG H N1    1 
HETATM 853  O "O4'" . LCG H 1 3 ? 7.068   11.340  -3.702  1.00 6.87  ? 3    LCG H "O4'" 1 
HETATM 854  O OP2   . LCG H 1 3 ? 9.489   7.204   -4.666  1.00 9.53  ? 3    LCG H OP2   1 
HETATM 855  N N2    . LCG H 1 3 ? 0.748   10.434  -2.083  1.00 3.37  ? 3    LCG H N2    1 
HETATM 856  N N3    . LCG H 1 3 ? 2.929   10.272  -2.745  1.00 5.82  ? 3    LCG H N3    1 
HETATM 857  O "O2'" . LCG H 1 3 ? 6.708   12.571  -1.326  1.00 9.19  ? 3    LCG H "O2'" 1 
HETATM 858  O "O3'" . LCG H 1 3 ? 8.163   10.477  -0.368  1.00 7.47  ? 3    LCG H "O3'" 1 
HETATM 859  P P     . LCG H 1 4 ? 7.953   9.333   0.728   1.00 7.42  ? 4    LCG H P     1 
HETATM 860  O OP1   . LCG H 1 4 ? 8.847   9.877   1.919   1.00 10.23 ? 4    LCG H OP1   1 
HETATM 861  O "O5'" . LCG H 1 4 ? 6.504   9.484   1.321   1.00 6.24  ? 4    LCG H "O5'" 1 
HETATM 862  C "C5'" . LCG H 1 4 ? 6.063   10.706  1.927   1.00 6.50  ? 4    LCG H "C5'" 1 
HETATM 863  C "C3'" . LCG H 1 4 ? 4.166   9.371   2.860   1.00 6.57  ? 4    LCG H "C3'" 1 
HETATM 864  C "C6'" . LCG H 1 4 ? 3.774   11.707  2.823   1.00 6.01  ? 4    LCG H "C6'" 1 
HETATM 865  N N9    . LCG H 1 4 ? 2.783   8.484   0.338   1.00 5.10  ? 4    LCG H N9    1 
HETATM 866  C C8    . LCG H 1 4 ? 3.796   7.799   -0.195  1.00 4.45  ? 4    LCG H C8    1 
HETATM 867  C C4    . LCG H 1 4 ? 1.668   7.859   -0.050  1.00 3.70  ? 4    LCG H C4    1 
HETATM 868  N N7    . LCG H 1 4 ? 3.311   6.769   -0.897  1.00 3.85  ? 4    LCG H N7    1 
HETATM 869  C C5    . LCG H 1 4 ? 1.988   6.807   -0.812  1.00 3.61  ? 4    LCG H C5    1 
HETATM 870  C C6    . LCG H 1 4 ? 1.046   6.060   -1.397  1.00 3.65  ? 4    LCG H C6    1 
HETATM 871  C "C2'" . LCG H 1 4 ? 2.703   9.668   2.642   1.00 6.53  ? 4    LCG H "C2'" 1 
HETATM 872  O O6    . LCG H 1 4 ? 1.251   5.135   -2.187  1.00 2.55  ? 4    LCG H O6    1 
HETATM 873  C "C4'" . LCG H 1 4 ? 4.545   10.629  2.084   1.00 5.86  ? 4    LCG H "C4'" 1 
HETATM 874  C "C1'" . LCG H 1 4 ? 2.770   9.760   1.118   1.00 5.34  ? 4    LCG H "C1'" 1 
HETATM 875  C C2    . LCG H 1 4 ? -0.614  7.431   -0.300  1.00 3.71  ? 4    LCG H C2    1 
HETATM 876  N N1    . LCG H 1 4 ? -0.281  6.349   -1.096  1.00 4.37  ? 4    LCG H N1    1 
HETATM 877  O "O4'" . LCG H 1 4 ? 3.978   10.449  0.772   1.00 5.06  ? 4    LCG H "O4'" 1 
HETATM 878  O OP2   . LCG H 1 4 ? 8.131   7.956   0.367   1.00 7.13  ? 4    LCG H OP2   1 
HETATM 879  N N2    . LCG H 1 4 ? -1.910  7.628   -0.080  1.00 2.00  ? 4    LCG H N2    1 
HETATM 880  N N3    . LCG H 1 4 ? 0.387   8.192   0.186   1.00 3.79  ? 4    LCG H N3    1 
HETATM 881  O "O2'" . LCG H 1 4 ? 2.563   10.997  3.205   1.00 6.75  ? 4    LCG H "O2'" 1 
HETATM 882  O "O3'" . LCG H 1 4 ? 4.511   9.432   4.252   1.00 7.36  ? 4    LCG H "O3'" 1 
HETATM 883  P P     . TLN H 1 5 ? 4.925   8.144   5.070   1.00 6.30  ? 5    TLN H P     1 
HETATM 884  O OP1   . TLN H 1 5 ? 5.493   8.636   6.461   1.00 6.31  ? 5    TLN H OP1   1 
HETATM 885  O OP2   . TLN H 1 5 ? 5.806   7.224   4.263   1.00 5.96  ? 5    TLN H OP2   1 
HETATM 886  O "O5'" . TLN H 1 5 ? 3.688   7.309   5.370   1.00 7.44  ? 5    TLN H "O5'" 1 
HETATM 887  C "C5'" . TLN H 1 5 ? 2.697   7.800   6.274   1.00 8.27  ? 5    TLN H "C5'" 1 
HETATM 888  C "C4'" . TLN H 1 5 ? 1.344   7.279   5.798   1.00 8.31  ? 5    TLN H "C4'" 1 
HETATM 889  O "O4'" . TLN H 1 5 ? 1.005   7.542   4.419   1.00 7.90  ? 5    TLN H "O4'" 1 
HETATM 890  C "C1'" . TLN H 1 5 ? -0.040  6.604   4.146   1.00 9.03  ? 5    TLN H "C1'" 1 
HETATM 891  N N1    . TLN H 1 5 ? 0.357   5.651   3.085   1.00 9.08  ? 5    TLN H N1    1 
HETATM 892  C C6    . TLN H 1 5 ? 1.702   5.551   2.700   1.00 7.95  ? 5    TLN H C6    1 
HETATM 893  C C5    . TLN H 1 5 ? 2.103   4.627   1.740   1.00 7.64  ? 5    TLN H C5    1 
HETATM 894  C C5M   . TLN H 1 5 ? 3.435   4.547   1.347   1.00 6.43  ? 5    TLN H C5M   1 
HETATM 895  C C4    . TLN H 1 5 ? 1.146   3.800   1.151   1.00 6.40  ? 5    TLN H C4    1 
HETATM 896  O O4    . TLN H 1 5 ? 1.384   2.956   0.293   1.00 6.24  ? 5    TLN H O4    1 
HETATM 897  N N3    . TLN H 1 5 ? -0.182  3.909   1.564   1.00 9.06  ? 5    TLN H N3    1 
HETATM 898  C C2    . TLN H 1 5 ? -0.563  4.865   2.508   1.00 9.79  ? 5    TLN H C2    1 
HETATM 899  O O2    . TLN H 1 5 ? -1.764  4.993   2.751   1.00 10.38 ? 5    TLN H O2    1 
HETATM 900  C "C3'" . TLN H 1 5 ? 1.217   5.764   5.910   1.00 8.87  ? 5    TLN H "C3'" 1 
HETATM 901  C "C2'" . TLN H 1 5 ? -0.225  5.875   5.464   1.00 10.12 ? 5    TLN H "C2'" 1 
HETATM 902  O "O2'" . TLN H 1 5 ? -0.751  6.754   6.484   1.00 9.49  ? 5    TLN H "O2'" 1 
HETATM 903  O "O3'" . TLN H 1 5 ? 1.260   5.223   7.236   1.00 8.50  ? 5    TLN H "O3'" 1 
HETATM 904  C "C6'" . TLN H 1 5 ? 0.207   7.810   6.660   1.00 8.97  ? 5    TLN H "C6'" 1 
HETATM 905  K K     . K   I 2 . ? 0.043   -4.702  4.585   1.00 19.51 ? 101  K   A K     1 
HETATM 906  K K     . K   J 2 . ? 0.006   -2.042  2.047   1.00 24.94 ? 102  K   A K     1 
HETATM 907  K K     . K   K 2 . ? -0.069  -7.298  7.075   1.00 20.51 ? 103  K   A K     1 
HETATM 908  C C1    . GOL L 3 . ? 9.265   4.576   9.064   1.00 27.37 ? 101  GOL C C1    1 
HETATM 909  O O1    . GOL L 3 . ? 9.206   3.250   8.526   1.00 24.55 ? 101  GOL C O1    1 
HETATM 910  C C2    . GOL L 3 . ? 9.222   4.498   10.591  1.00 25.71 ? 101  GOL C C2    1 
HETATM 911  O O2    . GOL L 3 . ? 9.926   5.609   11.147  1.00 28.34 ? 101  GOL C O2    1 
HETATM 912  C C3    . GOL L 3 . ? 7.791   4.483   11.129  1.00 26.38 ? 101  GOL C C3    1 
HETATM 913  O O3    . GOL L 3 . ? 7.237   5.801   11.206  1.00 24.69 ? 101  GOL C O3    1 
HETATM 914  C C1    . GOL M 3 . ? -12.296 7.750   -5.353  1.00 25.68 ? 3001 GOL E C1    1 
HETATM 915  O O1    . GOL M 3 . ? -12.373 6.835   -4.251  1.00 27.35 ? 3001 GOL E O1    1 
HETATM 916  C C2    . GOL M 3 . ? -13.379 7.425   -6.388  1.00 25.81 ? 3001 GOL E C2    1 
HETATM 917  O O2    . GOL M 3 . ? -14.219 8.564   -6.585  1.00 28.00 ? 3001 GOL E O2    1 
HETATM 918  C C3    . GOL M 3 . ? -12.745 7.067   -7.735  1.00 25.54 ? 3001 GOL E C3    1 
HETATM 919  O O3    . GOL M 3 . ? -13.695 6.472   -8.628  1.00 22.42 ? 3001 GOL E O3    1 
HETATM 920  C C1    . GOL N 3 . ? -0.842  -8.358  -3.475  1.00 32.82 ? 3002 GOL E C1    1 
HETATM 921  O O1    . GOL N 3 . ? -0.979  -7.100  -2.811  1.00 33.10 ? 3002 GOL E O1    1 
HETATM 922  C C2    . GOL N 3 . ? 0.172   -8.190  -4.611  1.00 32.95 ? 3002 GOL E C2    1 
HETATM 923  O O2    . GOL N 3 . ? 1.383   -7.717  -4.013  1.00 33.23 ? 3002 GOL E O2    1 
HETATM 924  C C3    . GOL N 3 . ? 0.365   -9.511  -5.362  1.00 32.94 ? 3002 GOL E C3    1 
HETATM 925  O O3    . GOL N 3 . ? 0.800   -9.316  -6.715  1.00 34.11 ? 3002 GOL E O3    1 
HETATM 926  K K     . K   O 2 . ? 0.015   7.631   -7.284  1.00 22.84 ? 3003 K   E K     1 
HETATM 927  K K     . K   P 2 . ? 0.017   5.132   -4.705  1.00 20.52 ? 3004 K   E K     1 
HETATM 928  K K     . K   Q 2 . ? -0.135  2.264   -2.297  1.00 23.14 ? 3005 K   E K     1 
HETATM 929  O O     . HOH R 4 . ? -7.004  -9.754  2.355   1.00 2.79  ? 201  HOH A O     1 
HETATM 930  O O     . HOH R 4 . ? -3.035  -15.213 6.513   1.00 6.11  ? 202  HOH A O     1 
HETATM 931  O O     . HOH R 4 . ? -9.268  -16.860 -0.167  1.00 14.00 ? 203  HOH A O     1 
HETATM 932  O O     . HOH R 4 . ? -6.072  -13.472 -0.840  1.00 10.79 ? 204  HOH A O     1 
HETATM 933  O O     . HOH R 4 . ? -4.739  -12.141 2.259   1.00 12.37 ? 205  HOH A O     1 
HETATM 934  O O     . HOH R 4 . ? -11.069 -12.622 10.473  1.00 15.84 ? 206  HOH A O     1 
HETATM 935  O O     . HOH R 4 . ? -11.312 -18.134 4.955   1.00 29.76 ? 207  HOH A O     1 
HETATM 936  O O     . HOH R 4 . ? -12.183 0.876   3.548   1.00 15.49 ? 208  HOH A O     1 
HETATM 937  O O     . HOH R 4 . ? -9.721  -10.532 -0.019  1.00 16.67 ? 209  HOH A O     1 
HETATM 938  O O     . HOH R 4 . ? -10.414 -3.497  10.929  1.00 18.36 ? 210  HOH A O     1 
HETATM 939  O O     . HOH R 4 . ? -13.529 -10.371 7.462   1.00 22.34 ? 211  HOH A O     1 
HETATM 940  O O     . HOH R 4 . ? -13.218 -12.439 9.004   1.00 11.52 ? 212  HOH A O     1 
HETATM 941  O O     . HOH R 4 . ? -4.454  8.257   4.050   1.00 17.64 ? 213  HOH A O     1 
HETATM 942  O O     . HOH R 4 . ? -8.197  -2.242  2.865   1.00 32.24 ? 214  HOH A O     1 
HETATM 943  O O     . HOH R 4 . ? -12.975 -3.739  10.131  1.00 20.87 ? 215  HOH A O     1 
HETATM 944  O O     . HOH R 4 . ? -13.098 -12.332 3.703   1.00 13.76 ? 216  HOH A O     1 
HETATM 945  O O     . HOH R 4 . ? -3.708  7.628   7.932   1.00 18.51 ? 217  HOH A O     1 
HETATM 946  O O     . HOH R 4 . ? -11.123 -9.121  9.706   1.00 16.21 ? 218  HOH A O     1 
HETATM 947  O O     . HOH R 4 . ? -4.034  1.689   9.033   1.00 17.42 ? 219  HOH A O     1 
HETATM 948  O O     . HOH R 4 . ? -11.280 -16.384 2.090   1.00 23.73 ? 220  HOH A O     1 
HETATM 949  O O     . HOH R 4 . ? -8.369  -5.381  2.996   1.00 16.46 ? 221  HOH A O     1 
HETATM 950  O O     . HOH R 4 . ? -11.710 -11.906 0.966   1.00 18.53 ? 222  HOH A O     1 
HETATM 951  O O     . HOH R 4 . ? -11.972 -15.019 7.462   1.00 11.41 ? 223  HOH A O     1 
HETATM 952  O O     . HOH R 4 . ? -8.927  3.942   9.381   1.00 18.43 ? 224  HOH A O     1 
HETATM 953  O O     . HOH R 4 . ? -14.089 -6.539  6.535   1.00 20.35 ? 225  HOH A O     1 
HETATM 954  O O     . HOH R 4 . ? -13.902 -1.889  7.877   1.00 24.86 ? 226  HOH A O     1 
HETATM 955  O O     . HOH R 4 . ? -12.485 -0.038  9.322   1.00 16.87 ? 227  HOH A O     1 
HETATM 956  O O     . HOH R 4 . ? -12.123 2.005   8.183   1.00 31.81 ? 228  HOH A O     1 
HETATM 957  O O     . HOH R 4 . ? -12.924 3.702   4.027   1.00 27.67 ? 229  HOH A O     1 
HETATM 958  O O     . HOH R 4 . ? -14.236 -2.296  3.413   1.00 18.51 ? 230  HOH A O     1 
HETATM 959  O O     . HOH R 4 . ? -13.759 -8.082  1.302   1.00 32.83 ? 231  HOH A O     1 
HETATM 960  O O     . HOH R 4 . ? -3.023  8.734   5.595   1.00 25.36 ? 232  HOH A O     1 
HETATM 961  O O     . HOH R 4 . ? -12.806 -13.889 -0.670  1.00 18.75 ? 233  HOH A O     1 
HETATM 962  O O     . HOH R 4 . ? -12.685 -15.822 0.495   1.00 24.68 ? 234  HOH A O     1 
HETATM 963  O O     . HOH R 4 . ? -12.444 -14.685 4.666   1.00 21.23 ? 235  HOH A O     1 
HETATM 964  O O     . HOH R 4 . ? -13.954 -13.239 1.360   1.00 27.64 ? 236  HOH A O     1 
HETATM 965  O O     . HOH R 4 . ? -12.094 -6.058  3.013   1.00 36.34 ? 237  HOH A O     1 
HETATM 966  O O     . HOH R 4 . ? -8.907  -20.057 1.953   1.00 31.00 ? 238  HOH A O     1 
HETATM 967  O O     . HOH R 4 . ? -6.352  3.808   9.608   1.00 32.31 ? 239  HOH A O     1 
HETATM 968  O O     . HOH S 4 . ? 6.649   -11.064 4.145   1.00 7.41  ? 101  HOH B O     1 
HETATM 969  O O     . HOH S 4 . ? 5.095   -10.918 1.330   1.00 4.42  ? 102  HOH B O     1 
HETATM 970  O O     . HOH S 4 . ? -0.780  -15.911 4.620   1.00 12.52 ? 103  HOH B O     1 
HETATM 971  O O     . HOH S 4 . ? -0.954  -16.985 2.041   1.00 11.67 ? 104  HOH B O     1 
HETATM 972  O O     . HOH S 4 . ? 2.721   -18.810 5.511   1.00 11.32 ? 105  HOH B O     1 
HETATM 973  O O     . HOH S 4 . ? 0.713   -17.470 6.231   1.00 11.59 ? 106  HOH B O     1 
HETATM 974  O O     . HOH S 4 . ? 1.581   -10.204 -1.454  1.00 10.52 ? 107  HOH B O     1 
HETATM 975  O O     . HOH S 4 . ? -5.991  -8.474  -8.862  1.00 16.30 ? 108  HOH B O     1 
HETATM 976  O O     . HOH S 4 . ? 7.745   -11.175 8.399   1.00 9.72  ? 109  HOH B O     1 
HETATM 977  O O     . HOH S 4 . ? -9.553  -8.395  -3.500  1.00 18.59 ? 110  HOH B O     1 
HETATM 978  O O     . HOH S 4 . ? 8.080   -13.383 -1.945  1.00 16.52 ? 111  HOH B O     1 
HETATM 979  O O     . HOH S 4 . ? 5.450   -19.228 3.591   1.00 19.52 ? 112  HOH B O     1 
HETATM 980  O O     . HOH S 4 . ? 8.456   -16.987 0.112   1.00 42.60 ? 113  HOH B O     1 
HETATM 981  O O     . HOH S 4 . ? -11.030 -6.327  -4.482  1.00 17.82 ? 114  HOH B O     1 
HETATM 982  O O     . HOH S 4 . ? 5.935   -17.791 -0.089  1.00 20.92 ? 115  HOH B O     1 
HETATM 983  O O     . HOH S 4 . ? 11.072  -14.801 0.558   1.00 22.14 ? 116  HOH B O     1 
HETATM 984  O O     . HOH S 4 . ? -4.167  -14.804 -4.559  1.00 15.07 ? 117  HOH B O     1 
HETATM 985  O O     . HOH S 4 . ? -8.666  -9.800  -6.057  1.00 24.75 ? 118  HOH B O     1 
HETATM 986  O O     . HOH S 4 . ? 5.350   -11.434 -2.708  1.00 23.70 ? 119  HOH B O     1 
HETATM 987  O O     . HOH S 4 . ? 2.650   -13.028 -4.343  1.00 20.44 ? 120  HOH B O     1 
HETATM 988  O O     . HOH S 4 . ? -0.927  -15.965 -3.782  1.00 39.61 ? 121  HOH B O     1 
HETATM 989  O O     . HOH S 4 . ? -7.796  -6.379  0.889   1.00 18.14 ? 122  HOH B O     1 
HETATM 990  O O     . HOH S 4 . ? 6.120   -14.830 -1.840  1.00 24.23 ? 123  HOH B O     1 
HETATM 991  O O     . HOH S 4 . ? 1.424   -19.583 1.465   1.00 25.99 ? 124  HOH B O     1 
HETATM 992  O O     . HOH S 4 . ? -9.574  -7.291  -1.232  1.00 14.17 ? 125  HOH B O     1 
HETATM 993  O O     . HOH S 4 . ? -0.458  -13.348 -5.661  1.00 27.70 ? 126  HOH B O     1 
HETATM 994  O O     . HOH S 4 . ? 8.930   -11.917 -0.340  1.00 39.20 ? 127  HOH B O     1 
HETATM 995  O O     . HOH S 4 . ? -0.742  -19.279 -0.639  1.00 25.97 ? 128  HOH B O     1 
HETATM 996  O O     . HOH T 4 . ? -7.949  -6.898  10.990  1.00 8.99  ? 201  HOH C O     1 
HETATM 997  O O     . HOH T 4 . ? -6.524  -3.252  10.446  1.00 16.44 ? 202  HOH C O     1 
HETATM 998  O O     . HOH T 4 . ? -1.459  0.735   10.295  1.00 16.19 ? 203  HOH C O     1 
HETATM 999  O O     . HOH T 4 . ? 5.788   -0.298  13.945  1.00 11.69 ? 204  HOH C O     1 
HETATM 1000 O O     . HOH T 4 . ? -11.869 -5.999  12.599  1.00 19.97 ? 205  HOH C O     1 
HETATM 1001 O O     . HOH T 4 . ? 3.931   4.397   14.637  1.00 14.24 ? 206  HOH C O     1 
HETATM 1002 O O     . HOH T 4 . ? 7.581   -0.799  6.301   1.00 9.86  ? 207  HOH C O     1 
HETATM 1003 O O     . HOH T 4 . ? -4.064  2.081   16.579  1.00 19.06 ? 208  HOH C O     1 
HETATM 1004 O O     . HOH T 4 . ? -6.398  -0.450  11.057  1.00 12.36 ? 209  HOH C O     1 
HETATM 1005 O O     . HOH T 4 . ? -10.130 -8.106  11.573  1.00 12.25 ? 210  HOH C O     1 
HETATM 1006 O O     . HOH T 4 . ? 3.245   -2.842  17.231  1.00 27.66 ? 211  HOH C O     1 
HETATM 1007 O O     . HOH T 4 . ? 3.791   -4.452  14.463  1.00 24.78 ? 212  HOH C O     1 
HETATM 1008 O O     . HOH T 4 . ? -9.842  -10.831 14.991  1.00 18.62 ? 213  HOH C O     1 
HETATM 1009 O O     . HOH T 4 . ? 4.717   -2.791  12.418  1.00 14.27 ? 214  HOH C O     1 
HETATM 1010 O O     . HOH T 4 . ? -0.822  3.159   8.378   1.00 28.12 ? 215  HOH C O     1 
HETATM 1011 O O     . HOH T 4 . ? 0.637   -4.808  15.699  1.00 9.48  ? 216  HOH C O     1 
HETATM 1012 O O     . HOH T 4 . ? 2.815   6.254   10.315  1.00 18.24 ? 217  HOH C O     1 
HETATM 1013 O O     . HOH T 4 . ? -8.014  -0.153  13.399  1.00 20.27 ? 218  HOH C O     1 
HETATM 1014 O O     . HOH T 4 . ? 0.176   -2.602  17.679  1.00 17.49 ? 219  HOH C O     1 
HETATM 1015 O O     . HOH T 4 . ? 9.929   0.446   4.121   1.00 31.48 ? 220  HOH C O     1 
HETATM 1016 O O     . HOH T 4 . ? -1.699  -7.314  15.484  1.00 28.36 ? 221  HOH C O     1 
HETATM 1017 O O     . HOH T 4 . ? 11.412  1.709   9.416   1.00 58.22 ? 222  HOH C O     1 
HETATM 1018 O O     . HOH T 4 . ? 6.471   4.175   12.964  1.00 9.62  ? 223  HOH C O     1 
HETATM 1019 O O     . HOH T 4 . ? -2.266  1.361   18.668  1.00 20.75 ? 224  HOH C O     1 
HETATM 1020 O O     . HOH T 4 . ? 9.351   0.627   7.640   1.00 33.97 ? 225  HOH C O     1 
HETATM 1021 O O     . HOH T 4 . ? 10.713  5.270   6.551   1.00 18.59 ? 226  HOH C O     1 
HETATM 1022 O O     . HOH T 4 . ? -2.713  3.960   12.102  1.00 29.18 ? 227  HOH C O     1 
HETATM 1023 O O     . HOH U 4 . ? 10.088  -10.780 2.418   1.00 6.75  ? 101  HOH D O     1 
HETATM 1024 O O     . HOH U 4 . ? 13.674  -6.795  2.407   1.00 10.60 ? 102  HOH D O     1 
HETATM 1025 O O     . HOH U 4 . ? 8.016   -1.616  2.807   1.00 26.19 ? 103  HOH D O     1 
HETATM 1026 O O     . HOH U 4 . ? 12.543  -9.365  8.901   1.00 19.81 ? 104  HOH D O     1 
HETATM 1027 O O     . HOH U 4 . ? 8.433   -3.500  5.590   1.00 9.43  ? 105  HOH D O     1 
HETATM 1028 O O     . HOH U 4 . ? 6.163   -11.073 20.584  1.00 15.94 ? 106  HOH D O     1 
HETATM 1029 O O     . HOH U 4 . ? 11.589  -10.256 0.433   1.00 9.65  ? 107  HOH D O     1 
HETATM 1030 O O     . HOH U 4 . ? 7.482   -2.066  12.578  1.00 18.20 ? 108  HOH D O     1 
HETATM 1031 O O     . HOH U 4 . ? 4.770   -10.117 16.613  1.00 21.10 ? 109  HOH D O     1 
HETATM 1032 O O     . HOH U 4 . ? 13.292  -7.157  10.258  1.00 20.72 ? 110  HOH D O     1 
HETATM 1033 O O     . HOH U 4 . ? 12.282  -12.086 3.839   1.00 24.74 ? 111  HOH D O     1 
HETATM 1034 O O     . HOH U 4 . ? 13.708  -4.285  6.323   1.00 22.90 ? 112  HOH D O     1 
HETATM 1035 O O     . HOH U 4 . ? 6.750   -3.109  9.612   1.00 12.74 ? 113  HOH D O     1 
HETATM 1036 O O     . HOH U 4 . ? 9.735   -1.254  16.870  1.00 13.02 ? 114  HOH D O     1 
HETATM 1037 O O     . HOH U 4 . ? 5.663   -6.945  14.864  1.00 16.79 ? 115  HOH D O     1 
HETATM 1038 O O     . HOH U 4 . ? 2.717   -8.148  17.658  1.00 29.55 ? 116  HOH D O     1 
HETATM 1039 O O     . HOH U 4 . ? 11.718  -3.986  -0.231  1.00 13.40 ? 117  HOH D O     1 
HETATM 1040 O O     . HOH U 4 . ? 5.093   -3.863  -8.619  1.00 14.57 ? 118  HOH D O     1 
HETATM 1041 O O     . HOH U 4 . ? 10.307  -9.941  9.266   1.00 25.79 ? 119  HOH D O     1 
HETATM 1042 O O     . HOH U 4 . ? 12.728  -6.842  -1.410  1.00 28.36 ? 120  HOH D O     1 
HETATM 1043 O O     . HOH U 4 . ? 11.498  -10.123 -2.568  1.00 19.24 ? 121  HOH D O     1 
HETATM 1044 O O     . HOH U 4 . ? 10.709  -5.540  -5.603  1.00 40.00 ? 122  HOH D O     1 
HETATM 1045 O O     . HOH U 4 . ? 12.861  -1.727  1.324   1.00 37.06 ? 123  HOH D O     1 
HETATM 1046 O O     . HOH U 4 . ? 6.129   -7.335  -9.875  1.00 25.78 ? 124  HOH D O     1 
HETATM 1047 O O     . HOH U 4 . ? 0.211   -6.420  18.481  1.00 37.91 ? 125  HOH D O     1 
HETATM 1048 O O     . HOH U 4 . ? 3.748   -8.489  -1.990  1.00 15.81 ? 126  HOH D O     1 
HETATM 1049 O O     . HOH U 4 . ? 6.692   -11.124 18.113  1.00 20.94 ? 127  HOH D O     1 
HETATM 1050 O O     . HOH V 4 . ? -7.333  10.627  -5.478  1.00 4.82  ? 3101 HOH E O     1 
HETATM 1051 O O     . HOH V 4 . ? -8.511  7.711   -5.965  1.00 4.32  ? 3102 HOH E O     1 
HETATM 1052 O O     . HOH V 4 . ? -6.475  7.148   -13.401 1.00 6.34  ? 3103 HOH E O     1 
HETATM 1053 O O     . HOH V 4 . ? -7.668  -0.125  -5.577  1.00 17.79 ? 3104 HOH E O     1 
HETATM 1054 O O     . HOH V 4 . ? 0.752   -1.963  -9.759  1.00 16.30 ? 3105 HOH E O     1 
HETATM 1055 O O     . HOH V 4 . ? -2.146  -5.418  -12.100 1.00 14.60 ? 3106 HOH E O     1 
HETATM 1056 O O     . HOH V 4 . ? -13.317 14.087  -6.220  1.00 17.25 ? 3107 HOH E O     1 
HETATM 1057 O O     . HOH V 4 . ? -0.718  -7.622  -11.422 1.00 20.75 ? 3108 HOH E O     1 
HETATM 1058 O O     . HOH V 4 . ? -14.089 11.601  -7.820  1.00 20.68 ? 3109 HOH E O     1 
HETATM 1059 O O     . HOH V 4 . ? -12.530 3.814   -2.100  1.00 23.07 ? 3110 HOH E O     1 
HETATM 1060 O O     . HOH V 4 . ? -5.120  -6.336  -11.614 1.00 18.54 ? 3111 HOH E O     1 
HETATM 1061 O O     . HOH V 4 . ? -14.150 10.812  -4.449  1.00 13.05 ? 3112 HOH E O     1 
HETATM 1062 O O     . HOH V 4 . ? -9.543  -1.811  -12.739 1.00 25.34 ? 3113 HOH E O     1 
HETATM 1063 O O     . HOH V 4 . ? -13.055 3.932   -10.458 1.00 22.14 ? 3114 HOH E O     1 
HETATM 1064 O O     . HOH V 4 . ? -11.175 4.895   -4.515  1.00 23.22 ? 3115 HOH E O     1 
HETATM 1065 O O     . HOH V 4 . ? -7.635  3.088   -6.867  1.00 17.51 ? 3116 HOH E O     1 
HETATM 1066 O O     . HOH V 4 . ? 7.322   -9.192  -5.006  1.00 25.85 ? 3117 HOH E O     1 
HETATM 1067 O O     . HOH V 4 . ? 4.788   -9.200  -6.910  1.00 40.56 ? 3118 HOH E O     1 
HETATM 1068 O O     . HOH V 4 . ? -9.328  1.310   -4.296  1.00 30.75 ? 3119 HOH E O     1 
HETATM 1069 O O     . HOH V 4 . ? -10.912 1.478   -7.299  1.00 25.20 ? 3120 HOH E O     1 
HETATM 1070 O O     . HOH V 4 . ? 2.592   -7.236  -7.973  1.00 13.80 ? 3121 HOH E O     1 
HETATM 1071 O O     . HOH V 4 . ? -12.024 -1.082  -8.559  1.00 30.91 ? 3122 HOH E O     1 
HETATM 1072 O O     . HOH V 4 . ? -6.805  -4.026  -12.972 1.00 13.52 ? 3123 HOH E O     1 
HETATM 1073 O O     . HOH V 4 . ? -3.961  8.272   -14.493 1.00 30.53 ? 3124 HOH E O     1 
HETATM 1074 O O     . HOH V 4 . ? -8.685  -3.530  -8.347  1.00 23.04 ? 3125 HOH E O     1 
HETATM 1075 O O     . HOH W 4 . ? 3.434   13.164  -2.265  1.00 8.03  ? 1001 HOH F O     1 
HETATM 1076 O O     . HOH W 4 . ? -8.951  8.257   3.831   1.00 11.98 ? 1002 HOH F O     1 
HETATM 1077 O O     . HOH W 4 . ? -10.095 11.281  -2.984  1.00 8.17  ? 1003 HOH F O     1 
HETATM 1078 O O     . HOH W 4 . ? -2.999  10.201  1.075   1.00 9.52  ? 1004 HOH F O     1 
HETATM 1079 O O     . HOH W 4 . ? -6.416  11.952  4.410   1.00 20.07 ? 1005 HOH F O     1 
HETATM 1080 O O     . HOH W 4 . ? 0.873   12.419  -0.092  1.00 6.44  ? 1006 HOH F O     1 
HETATM 1081 O O     . HOH W 4 . ? -8.576  3.869   -4.472  1.00 12.62 ? 1007 HOH F O     1 
HETATM 1082 O O     . HOH W 4 . ? -9.564  12.571  2.621   1.00 11.09 ? 1008 HOH F O     1 
HETATM 1083 O O     . HOH W 4 . ? 7.374   16.191  -0.638  1.00 20.85 ? 1009 HOH F O     1 
HETATM 1084 O O     . HOH W 4 . ? -11.140 6.012   5.037   1.00 16.05 ? 1010 HOH F O     1 
HETATM 1085 O O     . HOH W 4 . ? 5.464   14.202  0.711   1.00 8.26  ? 1011 HOH F O     1 
HETATM 1086 O O     . HOH W 4 . ? -11.845 10.789  -1.086  1.00 11.13 ? 1012 HOH F O     1 
HETATM 1087 O O     . HOH W 4 . ? 6.354   14.727  3.050   1.00 22.24 ? 1013 HOH F O     1 
HETATM 1088 O O     . HOH W 4 . ? -1.379  23.760  5.092   1.00 23.36 ? 1014 HOH F O     1 
HETATM 1089 O O     . HOH W 4 . ? -12.549 6.813   1.310   1.00 20.50 ? 1015 HOH F O     1 
HETATM 1090 O O     . HOH W 4 . ? -0.775  20.335  -0.534  1.00 13.12 ? 1016 HOH F O     1 
HETATM 1091 O O     . HOH W 4 . ? -0.019  18.428  3.370   1.00 25.94 ? 1017 HOH F O     1 
HETATM 1092 O O     . HOH W 4 . ? 4.342   17.135  3.238   1.00 18.78 ? 1018 HOH F O     1 
HETATM 1093 O O     . HOH W 4 . ? -13.039 -0.468  -2.651  1.00 45.95 ? 1019 HOH F O     1 
HETATM 1094 O O     . HOH W 4 . ? -10.438 -2.386  -0.883  1.00 24.02 ? 1020 HOH F O     1 
HETATM 1095 O O     . HOH W 4 . ? -10.821 -1.772  1.639   1.00 25.00 ? 1021 HOH F O     1 
HETATM 1096 O O     . HOH W 4 . ? -4.458  18.321  3.904   1.00 18.55 ? 1022 HOH F O     1 
HETATM 1097 O O     . HOH W 4 . ? -11.892 -4.422  -2.375  1.00 27.62 ? 1023 HOH F O     1 
HETATM 1098 O O     . HOH W 4 . ? -0.336  19.610  -3.906  1.00 36.60 ? 1024 HOH F O     1 
HETATM 1099 O O     . HOH W 4 . ? -5.299  14.275  3.595   1.00 28.54 ? 1025 HOH F O     1 
HETATM 1100 O O     . HOH W 4 . ? -3.778  17.313  1.935   1.00 16.12 ? 1026 HOH F O     1 
HETATM 1101 O O     . HOH X 4 . ? -2.997  2.779   -13.081 1.00 9.64  ? 101  HOH G O     1 
HETATM 1102 O O     . HOH X 4 . ? -0.782  0.753   -12.323 1.00 7.60  ? 102  HOH G O     1 
HETATM 1103 O O     . HOH X 4 . ? -5.513  -0.031  -14.217 1.00 11.68 ? 103  HOH G O     1 
HETATM 1104 O O     . HOH X 4 . ? 10.442  3.024   -10.931 1.00 8.66  ? 104  HOH G O     1 
HETATM 1105 O O     . HOH X 4 . ? 8.509   4.196   -3.273  1.00 14.62 ? 105  HOH G O     1 
HETATM 1106 O O     . HOH X 4 . ? 5.311   5.982   -14.635 1.00 20.09 ? 106  HOH G O     1 
HETATM 1107 O O     . HOH X 4 . ? 6.395   1.367   -17.131 1.00 15.39 ? 107  HOH G O     1 
HETATM 1108 O O     . HOH X 4 . ? -4.987  -1.753  -16.669 1.00 22.96 ? 108  HOH G O     1 
HETATM 1109 O O     . HOH X 4 . ? 10.913  2.361   2.215   1.00 20.32 ? 109  HOH G O     1 
HETATM 1110 O O     . HOH X 4 . ? 13.545  -4.746  -6.888  1.00 48.15 ? 110  HOH G O     1 
HETATM 1111 O O     . HOH X 4 . ? 10.612  2.848   -14.363 1.00 28.85 ? 111  HOH G O     1 
HETATM 1112 O O     . HOH X 4 . ? 9.038   4.258   -1.027  1.00 17.59 ? 112  HOH G O     1 
HETATM 1113 O O     . HOH X 4 . ? 11.684  -2.691  -7.967  1.00 24.76 ? 113  HOH G O     1 
HETATM 1114 O O     . HOH X 4 . ? 3.009   -0.452  -10.287 1.00 11.43 ? 114  HOH G O     1 
HETATM 1115 O O     . HOH X 4 . ? 12.807  1.466   -3.811  1.00 23.12 ? 115  HOH G O     1 
HETATM 1116 O O     . HOH X 4 . ? 9.034   -3.625  -8.244  1.00 15.74 ? 116  HOH G O     1 
HETATM 1117 O O     . HOH X 4 . ? 6.164   4.177   -16.171 1.00 20.72 ? 117  HOH G O     1 
HETATM 1118 O O     . HOH X 4 . ? -2.968  -0.114  -19.314 1.00 32.35 ? 118  HOH G O     1 
HETATM 1119 O O     . HOH X 4 . ? 0.507   -3.092  -12.590 1.00 18.04 ? 119  HOH G O     1 
HETATM 1120 O O     . HOH X 4 . ? 2.174   -5.134  -11.811 1.00 18.16 ? 120  HOH G O     1 
HETATM 1121 O O     . HOH X 4 . ? 2.728   9.761   -11.643 1.00 15.31 ? 121  HOH G O     1 
HETATM 1122 O O     . HOH X 4 . ? 12.743  -3.830  -4.155  1.00 22.23 ? 122  HOH G O     1 
HETATM 1123 O O     . HOH X 4 . ? -2.158  -2.695  -14.295 1.00 16.41 ? 123  HOH G O     1 
HETATM 1124 O O     . HOH X 4 . ? -8.904  1.113   -22.121 1.00 17.63 ? 124  HOH G O     1 
HETATM 1125 O O     . HOH X 4 . ? -5.339  0.403   -20.444 1.00 28.72 ? 125  HOH G O     1 
HETATM 1126 O O     . HOH X 4 . ? 1.686   -4.675  -16.492 1.00 31.90 ? 126  HOH G O     1 
HETATM 1127 O O     . HOH X 4 . ? 4.593   -5.815  -12.998 1.00 43.20 ? 127  HOH G O     1 
HETATM 1128 O O     . HOH X 4 . ? -6.665  1.362   -22.312 1.00 39.36 ? 128  HOH G O     1 
HETATM 1129 O O     . HOH Y 4 . ? 7.404   5.848   -9.840  1.00 7.75  ? 101  HOH H O     1 
HETATM 1130 O O     . HOH Y 4 . ? 12.904  4.899   -6.781  1.00 20.45 ? 102  HOH H O     1 
HETATM 1131 O O     . HOH Y 4 . ? 8.627   5.808   -6.709  1.00 8.99  ? 103  HOH H O     1 
HETATM 1132 O O     . HOH Y 4 . ? 8.500   8.307   4.382   1.00 17.99 ? 104  HOH H O     1 
HETATM 1133 O O     . HOH Y 4 . ? 13.553  12.260  -12.832 1.00 10.91 ? 105  HOH H O     1 
HETATM 1134 O O     . HOH Y 4 . ? -0.855  9.842   2.627   1.00 9.43  ? 106  HOH H O     1 
HETATM 1135 O O     . HOH Y 4 . ? 9.277   14.266  -5.320  1.00 22.08 ? 107  HOH H O     1 
HETATM 1136 O O     . HOH Y 4 . ? 13.267  12.385  -4.573  1.00 17.36 ? 108  HOH H O     1 
HETATM 1137 O O     . HOH Y 4 . ? 4.973   14.653  -3.973  1.00 18.22 ? 109  HOH H O     1 
HETATM 1138 O O     . HOH Y 4 . ? 6.177   16.437  -2.861  1.00 37.31 ? 110  HOH H O     1 
HETATM 1139 O O     . HOH Y 4 . ? 9.259   12.254  2.642   1.00 17.37 ? 111  HOH H O     1 
HETATM 1140 O O     . HOH Y 4 . ? -0.342  11.184  5.056   1.00 26.41 ? 112  HOH H O     1 
HETATM 1141 O O     . HOH Y 4 . ? 7.710   6.844   -2.159  1.00 10.10 ? 113  HOH H O     1 
HETATM 1142 O O     . HOH Y 4 . ? 6.543   13.641  -6.048  1.00 16.94 ? 114  HOH H O     1 
HETATM 1143 O O     . HOH Y 4 . ? 13.775  9.872   -4.559  1.00 19.06 ? 115  HOH H O     1 
HETATM 1144 O O     . HOH Y 4 . ? 10.583  14.483  -10.009 1.00 25.99 ? 116  HOH H O     1 
HETATM 1145 O O     . HOH Y 4 . ? 14.886  6.952   -8.923  1.00 22.96 ? 117  HOH H O     1 
HETATM 1146 O O     . HOH Y 4 . ? 4.389   9.865   9.828   1.00 25.89 ? 118  HOH H O     1 
HETATM 1147 O O     . HOH Y 4 . ? 7.733   15.271  -11.145 1.00 25.23 ? 119  HOH H O     1 
HETATM 1148 O O     . HOH Y 4 . ? 5.954   11.771  6.229   1.00 29.73 ? 120  HOH H O     1 
HETATM 1149 O O     . HOH Y 4 . ? 4.645   14.111  -9.432  1.00 18.38 ? 121  HOH H O     1 
HETATM 1150 O O     . HOH Y 4 . ? 15.552  5.731   -15.300 1.00 26.44 ? 122  HOH H O     1 
HETATM 1151 O O     . HOH Y 4 . ? 1.669   13.997  4.501   1.00 33.43 ? 123  HOH H O     1 
HETATM 1152 O O     . HOH Y 4 . ? 8.625   14.610  -8.043  1.00 28.15 ? 124  HOH H O     1 
HETATM 1153 O O     . HOH Y 4 . ? 13.631  4.702   -11.243 1.00 26.01 ? 125  HOH H O     1 
HETATM 1154 O O     . HOH Y 4 . ? 11.336  4.814   -4.556  1.00 18.13 ? 126  HOH H O     1 
HETATM 1155 O O     . HOH Y 4 . ? 0.288   12.592  3.205   1.00 14.01 ? 127  HOH H O     1 
HETATM 1156 O O     . HOH Y 4 . ? 8.638   5.820   1.462   1.00 22.91 ? 128  HOH H O     1 
HETATM 1157 O O     . HOH Y 4 . ? 11.960  12.361  -0.955  1.00 19.08 ? 129  HOH H O     1 
HETATM 1158 O O     . HOH Y 4 . ? 13.972  4.706   -2.979  1.00 20.60 ? 130  HOH H O     1 
HETATM 1159 O O     . HOH Y 4 . ? 13.668  2.931   -7.612  1.00 22.94 ? 131  HOH H O     1 
HETATM 1160 O O     . HOH Y 4 . ? -0.257  15.946  5.735   1.00 31.16 ? 132  HOH H O     1 
HETATM 1161 O O     . HOH Y 4 . ? 11.005  14.665  -7.304  1.00 33.24 ? 133  HOH H O     1 
HETATM 1162 O O     . HOH Y 4 . ? 15.343  4.780   -6.911  1.00 31.01 ? 134  HOH H O     1 
HETATM 1163 O O     . HOH Y 4 . ? 10.942  13.855  -3.382  1.00 25.15 ? 135  HOH H O     1 
HETATM 1164 O O     . HOH Y 4 . ? 8.386   8.526   -17.100 1.00 35.06 ? 136  HOH H O     1 
# 
loop_
_pdbx_poly_seq_scheme.asym_id 
_pdbx_poly_seq_scheme.entity_id 
_pdbx_poly_seq_scheme.seq_id 
_pdbx_poly_seq_scheme.mon_id 
_pdbx_poly_seq_scheme.ndb_seq_num 
_pdbx_poly_seq_scheme.pdb_seq_num 
_pdbx_poly_seq_scheme.auth_seq_num 
_pdbx_poly_seq_scheme.pdb_mon_id 
_pdbx_poly_seq_scheme.auth_mon_id 
_pdbx_poly_seq_scheme.pdb_strand_id 
_pdbx_poly_seq_scheme.pdb_ins_code 
_pdbx_poly_seq_scheme.hetero 
A 1 1 TLN 1 1 1 TLN TLN A . n 
A 1 2 LCG 2 2 2 LCG LCG A . n 
A 1 3 LCG 3 3 3 LCG LCG A . n 
A 1 4 LCG 4 4 4 LCG LCG A . n 
A 1 5 TLN 5 5 5 TLN TLN A . n 
B 1 1 TLN 1 1 1 TLN TLN B . n 
B 1 2 LCG 2 2 2 LCG LCG B . n 
B 1 3 LCG 3 3 3 LCG LCG B . n 
B 1 4 LCG 4 4 4 LCG LCG B . n 
B 1 5 TLN 5 5 5 TLN TLN B . n 
C 1 1 TLN 1 1 1 TLN TLN C . n 
C 1 2 LCG 2 2 2 LCG LCG C . n 
C 1 3 LCG 3 3 3 LCG LCG C . n 
C 1 4 LCG 4 4 4 LCG LCG C . n 
C 1 5 TLN 5 5 5 TLN TLN C . n 
D 1 1 TLN 1 1 1 TLN TLN D . n 
D 1 2 LCG 2 2 2 LCG LCG D . n 
D 1 3 LCG 3 3 3 LCG LCG D . n 
D 1 4 LCG 4 4 4 LCG LCG D . n 
D 1 5 TLN 5 5 5 TLN TLN D . n 
E 1 1 TLN 1 1 1 TLN TLN E . n 
E 1 2 LCG 2 2 2 LCG LCG E . n 
E 1 3 LCG 3 3 3 LCG LCG E . n 
E 1 4 LCG 4 4 4 LCG LCG E . n 
E 1 5 TLN 5 5 5 TLN TLN E . n 
F 1 1 TLN 1 1 1 TLN TLN F . n 
F 1 2 LCG 2 2 2 LCG LCG F . n 
F 1 3 LCG 3 3 3 LCG LCG F . n 
F 1 4 LCG 4 4 4 LCG LCG F . n 
F 1 5 TLN 5 5 5 TLN TLN F . n 
G 1 1 TLN 1 1 1 TLN TLN G . n 
G 1 2 LCG 2 2 2 LCG LCG G . n 
G 1 3 LCG 3 3 3 LCG LCG G . n 
G 1 4 LCG 4 4 4 LCG LCG G . n 
G 1 5 TLN 5 5 5 TLN TLN G . n 
H 1 1 TLN 1 1 1 TLN TLN H . n 
H 1 2 LCG 2 2 2 LCG LCG H . n 
H 1 3 LCG 3 3 3 LCG LCG H . n 
H 1 4 LCG 4 4 4 LCG LCG H . n 
H 1 5 TLN 5 5 5 TLN TLN H . n 
# 
loop_
_pdbx_nonpoly_scheme.asym_id 
_pdbx_nonpoly_scheme.entity_id 
_pdbx_nonpoly_scheme.mon_id 
_pdbx_nonpoly_scheme.ndb_seq_num 
_pdbx_nonpoly_scheme.pdb_seq_num 
_pdbx_nonpoly_scheme.auth_seq_num 
_pdbx_nonpoly_scheme.pdb_mon_id 
_pdbx_nonpoly_scheme.auth_mon_id 
_pdbx_nonpoly_scheme.pdb_strand_id 
_pdbx_nonpoly_scheme.pdb_ins_code 
I 2 K   1  101  2002 K   K   A . 
J 2 K   1  102  2003 K   K   A . 
K 2 K   1  103  2005 K   K   A . 
L 3 GOL 1  101  3003 GOL GOL C . 
M 3 GOL 1  3001 3001 GOL GOL E . 
N 3 GOL 1  3002 3002 GOL GOL E . 
O 2 K   1  3003 2001 K   K   E . 
P 2 K   1  3004 2004 K   K   E . 
Q 2 K   1  3005 2006 K   K   E . 
R 4 HOH 1  201  1004 HOH HOH A . 
R 4 HOH 2  202  1016 HOH HOH A . 
R 4 HOH 3  203  1027 HOH HOH A . 
R 4 HOH 4  204  1038 HOH HOH A . 
R 4 HOH 5  205  1040 HOH HOH A . 
R 4 HOH 6  206  1044 HOH HOH A . 
R 4 HOH 7  207  1046 HOH HOH A . 
R 4 HOH 8  208  1047 HOH HOH A . 
R 4 HOH 9  209  1058 HOH HOH A . 
R 4 HOH 10 210  1063 HOH HOH A . 
R 4 HOH 11 211  1076 HOH HOH A . 
R 4 HOH 12 212  1083 HOH HOH A . 
R 4 HOH 13 213  1091 HOH HOH A . 
R 4 HOH 14 214  1094 HOH HOH A . 
R 4 HOH 15 215  1096 HOH HOH A . 
R 4 HOH 16 216  1097 HOH HOH A . 
R 4 HOH 17 217  1099 HOH HOH A . 
R 4 HOH 18 218  1108 HOH HOH A . 
R 4 HOH 19 219  1113 HOH HOH A . 
R 4 HOH 20 220  1117 HOH HOH A . 
R 4 HOH 21 221  1122 HOH HOH A . 
R 4 HOH 22 222  1141 HOH HOH A . 
R 4 HOH 23 223  1152 HOH HOH A . 
R 4 HOH 24 224  1160 HOH HOH A . 
R 4 HOH 25 225  1163 HOH HOH A . 
R 4 HOH 26 226  1164 HOH HOH A . 
R 4 HOH 27 227  1165 HOH HOH A . 
R 4 HOH 28 228  1172 HOH HOH A . 
R 4 HOH 29 229  1178 HOH HOH A . 
R 4 HOH 30 230  1181 HOH HOH A . 
R 4 HOH 31 231  1184 HOH HOH A . 
R 4 HOH 32 232  1189 HOH HOH A . 
R 4 HOH 33 233  1205 HOH HOH A . 
R 4 HOH 34 234  1212 HOH HOH A . 
R 4 HOH 35 235  1224 HOH HOH A . 
R 4 HOH 36 236  1225 HOH HOH A . 
R 4 HOH 37 237  1234 HOH HOH A . 
R 4 HOH 38 238  1235 HOH HOH A . 
R 4 HOH 39 239  1236 HOH HOH A . 
S 4 HOH 1  101  1008 HOH HOH B . 
S 4 HOH 2  102  1010 HOH HOH B . 
S 4 HOH 3  103  1014 HOH HOH B . 
S 4 HOH 4  104  1019 HOH HOH B . 
S 4 HOH 5  105  1022 HOH HOH B . 
S 4 HOH 6  106  1033 HOH HOH B . 
S 4 HOH 7  107  1037 HOH HOH B . 
S 4 HOH 8  108  1039 HOH HOH B . 
S 4 HOH 9  109  1048 HOH HOH B . 
S 4 HOH 10 110  1052 HOH HOH B . 
S 4 HOH 11 111  1055 HOH HOH B . 
S 4 HOH 12 112  1056 HOH HOH B . 
S 4 HOH 13 113  1067 HOH HOH B . 
S 4 HOH 14 114  1070 HOH HOH B . 
S 4 HOH 15 115  1084 HOH HOH B . 
S 4 HOH 16 116  1111 HOH HOH B . 
S 4 HOH 17 117  1134 HOH HOH B . 
S 4 HOH 18 118  1135 HOH HOH B . 
S 4 HOH 19 119  1138 HOH HOH B . 
S 4 HOH 20 120  1144 HOH HOH B . 
S 4 HOH 21 121  1147 HOH HOH B . 
S 4 HOH 22 122  1156 HOH HOH B . 
S 4 HOH 23 123  1161 HOH HOH B . 
S 4 HOH 24 124  1168 HOH HOH B . 
S 4 HOH 25 125  1174 HOH HOH B . 
S 4 HOH 26 126  1192 HOH HOH B . 
S 4 HOH 27 127  1208 HOH HOH B . 
S 4 HOH 28 128  1215 HOH HOH B . 
T 4 HOH 1  201  1002 HOH HOH C . 
T 4 HOH 2  202  1013 HOH HOH C . 
T 4 HOH 3  203  1017 HOH HOH C . 
T 4 HOH 4  204  1030 HOH HOH C . 
T 4 HOH 5  205  1049 HOH HOH C . 
T 4 HOH 6  206  1062 HOH HOH C . 
T 4 HOH 7  207  1066 HOH HOH C . 
T 4 HOH 8  208  1075 HOH HOH C . 
T 4 HOH 9  209  1089 HOH HOH C . 
T 4 HOH 10 210  1090 HOH HOH C . 
T 4 HOH 11 211  1092 HOH HOH C . 
T 4 HOH 12 212  1093 HOH HOH C . 
T 4 HOH 13 213  1103 HOH HOH C . 
T 4 HOH 14 214  1106 HOH HOH C . 
T 4 HOH 15 215  1107 HOH HOH C . 
T 4 HOH 16 216  1125 HOH HOH C . 
T 4 HOH 17 217  1130 HOH HOH C . 
T 4 HOH 18 218  1136 HOH HOH C . 
T 4 HOH 19 219  1177 HOH HOH C . 
T 4 HOH 20 220  1190 HOH HOH C . 
T 4 HOH 21 221  1199 HOH HOH C . 
T 4 HOH 22 222  1209 HOH HOH C . 
T 4 HOH 23 223  1213 HOH HOH C . 
T 4 HOH 24 224  1218 HOH HOH C . 
T 4 HOH 25 225  1229 HOH HOH C . 
T 4 HOH 26 226  1237 HOH HOH C . 
T 4 HOH 27 227  1240 HOH HOH C . 
U 4 HOH 1  101  1005 HOH HOH D . 
U 4 HOH 2  102  1018 HOH HOH D . 
U 4 HOH 3  103  1024 HOH HOH D . 
U 4 HOH 4  104  1041 HOH HOH D . 
U 4 HOH 5  105  1054 HOH HOH D . 
U 4 HOH 6  106  1068 HOH HOH D . 
U 4 HOH 7  107  1069 HOH HOH D . 
U 4 HOH 8  108  1072 HOH HOH D . 
U 4 HOH 9  109  1078 HOH HOH D . 
U 4 HOH 10 110  1080 HOH HOH D . 
U 4 HOH 11 111  1085 HOH HOH D . 
U 4 HOH 12 112  1086 HOH HOH D . 
U 4 HOH 13 113  1087 HOH HOH D . 
U 4 HOH 14 114  1100 HOH HOH D . 
U 4 HOH 15 115  1115 HOH HOH D . 
U 4 HOH 16 116  1119 HOH HOH D . 
U 4 HOH 17 117  1123 HOH HOH D . 
U 4 HOH 18 118  1133 HOH HOH D . 
U 4 HOH 19 119  1145 HOH HOH D . 
U 4 HOH 20 120  1146 HOH HOH D . 
U 4 HOH 21 121  1167 HOH HOH D . 
U 4 HOH 22 122  1193 HOH HOH D . 
U 4 HOH 23 123  1196 HOH HOH D . 
U 4 HOH 24 124  1207 HOH HOH D . 
U 4 HOH 25 125  1222 HOH HOH D . 
U 4 HOH 26 126  1228 HOH HOH D . 
U 4 HOH 27 127  1239 HOH HOH D . 
V 4 HOH 1  3101 1003 HOH HOH E . 
V 4 HOH 2  3102 1006 HOH HOH E . 
V 4 HOH 3  3103 1009 HOH HOH E . 
V 4 HOH 4  3104 1023 HOH HOH E . 
V 4 HOH 5  3105 1028 HOH HOH E . 
V 4 HOH 6  3106 1031 HOH HOH E . 
V 4 HOH 7  3107 1045 HOH HOH E . 
V 4 HOH 8  3108 1088 HOH HOH E . 
V 4 HOH 9  3109 1109 HOH HOH E . 
V 4 HOH 10 3110 1116 HOH HOH E . 
V 4 HOH 11 3111 1128 HOH HOH E . 
V 4 HOH 12 3112 1129 HOH HOH E . 
V 4 HOH 13 3113 1137 HOH HOH E . 
V 4 HOH 14 3114 1139 HOH HOH E . 
V 4 HOH 15 3115 1148 HOH HOH E . 
V 4 HOH 16 3116 1150 HOH HOH E . 
V 4 HOH 17 3117 1151 HOH HOH E . 
V 4 HOH 18 3118 1154 HOH HOH E . 
V 4 HOH 19 3119 1176 HOH HOH E . 
V 4 HOH 20 3120 1187 HOH HOH E . 
V 4 HOH 21 3121 1197 HOH HOH E . 
V 4 HOH 22 3122 1210 HOH HOH E . 
V 4 HOH 23 3123 1221 HOH HOH E . 
V 4 HOH 24 3124 1226 HOH HOH E . 
V 4 HOH 25 3125 1227 HOH HOH E . 
W 4 HOH 1  1001 1001 HOH HOH F . 
W 4 HOH 2  1002 1007 HOH HOH F . 
W 4 HOH 3  1003 1011 HOH HOH F . 
W 4 HOH 4  1004 1034 HOH HOH F . 
W 4 HOH 5  1005 1050 HOH HOH F . 
W 4 HOH 6  1006 1051 HOH HOH F . 
W 4 HOH 7  1007 1053 HOH HOH F . 
W 4 HOH 8  1008 1057 HOH HOH F . 
W 4 HOH 9  1009 1059 HOH HOH F . 
W 4 HOH 10 1010 1060 HOH HOH F . 
W 4 HOH 11 1011 1065 HOH HOH F . 
W 4 HOH 12 1012 1071 HOH HOH F . 
W 4 HOH 13 1013 1074 HOH HOH F . 
W 4 HOH 14 1014 1102 HOH HOH F . 
W 4 HOH 15 1015 1104 HOH HOH F . 
W 4 HOH 16 1016 1114 HOH HOH F . 
W 4 HOH 17 1017 1127 HOH HOH F . 
W 4 HOH 18 1018 1162 HOH HOH F . 
W 4 HOH 19 1019 1171 HOH HOH F . 
W 4 HOH 20 1020 1175 HOH HOH F . 
W 4 HOH 21 1021 1195 HOH HOH F . 
W 4 HOH 22 1022 1203 HOH HOH F . 
W 4 HOH 23 1023 1217 HOH HOH F . 
W 4 HOH 24 1024 1219 HOH HOH F . 
W 4 HOH 25 1025 1231 HOH HOH F . 
W 4 HOH 26 1026 1233 HOH HOH F . 
X 4 HOH 1  101  1012 HOH HOH G . 
X 4 HOH 2  102  1015 HOH HOH G . 
X 4 HOH 3  103  1025 HOH HOH G . 
X 4 HOH 4  104  1029 HOH HOH G . 
X 4 HOH 5  105  1035 HOH HOH G . 
X 4 HOH 6  106  1036 HOH HOH G . 
X 4 HOH 7  107  1073 HOH HOH G . 
X 4 HOH 8  108  1081 HOH HOH G . 
X 4 HOH 9  109  1095 HOH HOH G . 
X 4 HOH 10 110  1098 HOH HOH G . 
X 4 HOH 11 111  1101 HOH HOH G . 
X 4 HOH 12 112  1105 HOH HOH G . 
X 4 HOH 13 113  1112 HOH HOH G . 
X 4 HOH 14 114  1121 HOH HOH G . 
X 4 HOH 15 115  1126 HOH HOH G . 
X 4 HOH 16 116  1131 HOH HOH G . 
X 4 HOH 17 117  1143 HOH HOH G . 
X 4 HOH 18 118  1153 HOH HOH G . 
X 4 HOH 19 119  1158 HOH HOH G . 
X 4 HOH 20 120  1166 HOH HOH G . 
X 4 HOH 21 121  1169 HOH HOH G . 
X 4 HOH 22 122  1170 HOH HOH G . 
X 4 HOH 23 123  1173 HOH HOH G . 
X 4 HOH 24 124  1180 HOH HOH G . 
X 4 HOH 25 125  1198 HOH HOH G . 
X 4 HOH 26 126  1220 HOH HOH G . 
X 4 HOH 27 127  1223 HOH HOH G . 
X 4 HOH 28 128  1238 HOH HOH G . 
Y 4 HOH 1  101  1020 HOH HOH H . 
Y 4 HOH 2  102  1021 HOH HOH H . 
Y 4 HOH 3  103  1026 HOH HOH H . 
Y 4 HOH 4  104  1032 HOH HOH H . 
Y 4 HOH 5  105  1042 HOH HOH H . 
Y 4 HOH 6  106  1043 HOH HOH H . 
Y 4 HOH 7  107  1061 HOH HOH H . 
Y 4 HOH 8  108  1064 HOH HOH H . 
Y 4 HOH 9  109  1077 HOH HOH H . 
Y 4 HOH 10 110  1082 HOH HOH H . 
Y 4 HOH 11 111  1110 HOH HOH H . 
Y 4 HOH 12 112  1118 HOH HOH H . 
Y 4 HOH 13 113  1120 HOH HOH H . 
Y 4 HOH 14 114  1124 HOH HOH H . 
Y 4 HOH 15 115  1132 HOH HOH H . 
Y 4 HOH 16 116  1140 HOH HOH H . 
Y 4 HOH 17 117  1142 HOH HOH H . 
Y 4 HOH 18 118  1149 HOH HOH H . 
Y 4 HOH 19 119  1155 HOH HOH H . 
Y 4 HOH 20 120  1157 HOH HOH H . 
Y 4 HOH 21 121  1159 HOH HOH H . 
Y 4 HOH 22 122  1179 HOH HOH H . 
Y 4 HOH 23 123  1182 HOH HOH H . 
Y 4 HOH 24 124  1183 HOH HOH H . 
Y 4 HOH 25 125  1185 HOH HOH H . 
Y 4 HOH 26 126  1186 HOH HOH H . 
Y 4 HOH 27 127  1188 HOH HOH H . 
Y 4 HOH 28 128  1191 HOH HOH H . 
Y 4 HOH 29 129  1200 HOH HOH H . 
Y 4 HOH 30 130  1201 HOH HOH H . 
Y 4 HOH 31 131  1202 HOH HOH H . 
Y 4 HOH 32 132  1204 HOH HOH H . 
Y 4 HOH 33 133  1206 HOH HOH H . 
Y 4 HOH 34 134  1214 HOH HOH H . 
Y 4 HOH 35 135  1216 HOH HOH H . 
Y 4 HOH 36 136  1230 HOH HOH H . 
# 
loop_
_pdbx_struct_mod_residue.id 
_pdbx_struct_mod_residue.label_asym_id 
_pdbx_struct_mod_residue.label_comp_id 
_pdbx_struct_mod_residue.label_seq_id 
_pdbx_struct_mod_residue.auth_asym_id 
_pdbx_struct_mod_residue.auth_comp_id 
_pdbx_struct_mod_residue.auth_seq_id 
_pdbx_struct_mod_residue.PDB_ins_code 
_pdbx_struct_mod_residue.parent_comp_id 
_pdbx_struct_mod_residue.details 
1  A TLN 1 A TLN 1 ? DU ? 
2  A LCG 2 A LCG 2 ? DG ? 
3  A LCG 3 A LCG 3 ? DG ? 
4  A LCG 4 A LCG 4 ? DG ? 
5  A TLN 5 A TLN 5 ? DU ? 
6  B TLN 1 B TLN 1 ? DU ? 
7  B LCG 2 B LCG 2 ? DG ? 
8  B LCG 3 B LCG 3 ? DG ? 
9  B LCG 4 B LCG 4 ? DG ? 
10 B TLN 5 B TLN 5 ? DU ? 
11 C TLN 1 C TLN 1 ? DU ? 
12 C LCG 2 C LCG 2 ? DG ? 
13 C LCG 3 C LCG 3 ? DG ? 
14 C LCG 4 C LCG 4 ? DG ? 
15 C TLN 5 C TLN 5 ? DU ? 
16 D TLN 1 D TLN 1 ? DU ? 
17 D LCG 2 D LCG 2 ? DG ? 
18 D LCG 3 D LCG 3 ? DG ? 
19 D LCG 4 D LCG 4 ? DG ? 
20 D TLN 5 D TLN 5 ? DU ? 
21 E TLN 1 E TLN 1 ? DU ? 
22 E LCG 2 E LCG 2 ? DG ? 
23 E LCG 3 E LCG 3 ? DG ? 
24 E LCG 4 E LCG 4 ? DG ? 
25 E TLN 5 E TLN 5 ? DU ? 
26 F TLN 1 F TLN 1 ? DU ? 
27 F LCG 2 F LCG 2 ? DG ? 
28 F LCG 3 F LCG 3 ? DG ? 
29 F LCG 4 F LCG 4 ? DG ? 
30 F TLN 5 F TLN 5 ? DU ? 
31 G TLN 1 G TLN 1 ? DU ? 
32 G LCG 2 G LCG 2 ? DG ? 
33 G LCG 3 G LCG 3 ? DG ? 
34 G LCG 4 G LCG 4 ? DG ? 
35 G TLN 5 G TLN 5 ? DU ? 
36 H TLN 1 H TLN 1 ? DU ? 
37 H LCG 2 H LCG 2 ? DG ? 
38 H LCG 3 H LCG 3 ? DG ? 
39 H LCG 4 H LCG 4 ? DG ? 
40 H TLN 5 H TLN 5 ? DU ? 
# 
loop_
_pdbx_struct_assembly.id 
_pdbx_struct_assembly.details 
_pdbx_struct_assembly.method_details 
_pdbx_struct_assembly.oligomeric_details 
_pdbx_struct_assembly.oligomeric_count 
1 author_defined_assembly ? tetrameric 4 
2 author_defined_assembly ? tetrameric 4 
# 
loop_
_pdbx_struct_assembly_gen.assembly_id 
_pdbx_struct_assembly_gen.oper_expression 
_pdbx_struct_assembly_gen.asym_id_list 
1 1 A,B,C,D,I,J,K,L,R,S,T,U   
2 1 E,F,G,H,M,N,O,P,Q,V,W,X,Y 
# 
_pdbx_struct_oper_list.id                   1 
_pdbx_struct_oper_list.type                 'identity operation' 
_pdbx_struct_oper_list.name                 1_555 
_pdbx_struct_oper_list.symmetry_operation   x,y,z 
_pdbx_struct_oper_list.matrix[1][1]         1.0000000000 
_pdbx_struct_oper_list.matrix[1][2]         0.0000000000 
_pdbx_struct_oper_list.matrix[1][3]         0.0000000000 
_pdbx_struct_oper_list.vector[1]            0.0000000000 
_pdbx_struct_oper_list.matrix[2][1]         0.0000000000 
_pdbx_struct_oper_list.matrix[2][2]         1.0000000000 
_pdbx_struct_oper_list.matrix[2][3]         0.0000000000 
_pdbx_struct_oper_list.vector[2]            0.0000000000 
_pdbx_struct_oper_list.matrix[3][1]         0.0000000000 
_pdbx_struct_oper_list.matrix[3][2]         0.0000000000 
_pdbx_struct_oper_list.matrix[3][3]         1.0000000000 
_pdbx_struct_oper_list.vector[3]            0.0000000000 
# 
loop_
_pdbx_struct_conn_angle.id 
_pdbx_struct_conn_angle.ptnr1_label_atom_id 
_pdbx_struct_conn_angle.ptnr1_label_alt_id 
_pdbx_struct_conn_angle.ptnr1_label_asym_id 
_pdbx_struct_conn_angle.ptnr1_label_comp_id 
_pdbx_struct_conn_angle.ptnr1_label_seq_id 
_pdbx_struct_conn_angle.ptnr1_auth_atom_id 
_pdbx_struct_conn_angle.ptnr1_auth_asym_id 
_pdbx_struct_conn_angle.ptnr1_auth_comp_id 
_pdbx_struct_conn_angle.ptnr1_auth_seq_id 
_pdbx_struct_conn_angle.ptnr1_PDB_ins_code 
_pdbx_struct_conn_angle.ptnr1_symmetry 
_pdbx_struct_conn_angle.ptnr2_label_atom_id 
_pdbx_struct_conn_angle.ptnr2_label_alt_id 
_pdbx_struct_conn_angle.ptnr2_label_asym_id 
_pdbx_struct_conn_angle.ptnr2_label_comp_id 
_pdbx_struct_conn_angle.ptnr2_label_seq_id 
_pdbx_struct_conn_angle.ptnr2_auth_atom_id 
_pdbx_struct_conn_angle.ptnr2_auth_asym_id 
_pdbx_struct_conn_angle.ptnr2_auth_comp_id 
_pdbx_struct_conn_angle.ptnr2_auth_seq_id 
_pdbx_struct_conn_angle.ptnr2_PDB_ins_code 
_pdbx_struct_conn_angle.ptnr2_symmetry 
_pdbx_struct_conn_angle.ptnr3_label_atom_id 
_pdbx_struct_conn_angle.ptnr3_label_alt_id 
_pdbx_struct_conn_angle.ptnr3_label_asym_id 
_pdbx_struct_conn_angle.ptnr3_label_comp_id 
_pdbx_struct_conn_angle.ptnr3_label_seq_id 
_pdbx_struct_conn_angle.ptnr3_auth_atom_id 
_pdbx_struct_conn_angle.ptnr3_auth_asym_id 
_pdbx_struct_conn_angle.ptnr3_auth_comp_id 
_pdbx_struct_conn_angle.ptnr3_auth_seq_id 
_pdbx_struct_conn_angle.ptnr3_PDB_ins_code 
_pdbx_struct_conn_angle.ptnr3_symmetry 
_pdbx_struct_conn_angle.value 
_pdbx_struct_conn_angle.value_esd 
1   O6 ? A LCG 2 ? A LCG 2 ? 1_555 K ? K K . ? A K 103  ? 1_555 O6 ? A LCG 3 ? A LCG 3 ? 1_555 76.5  ? 
2   O6 ? A LCG 2 ? A LCG 2 ? 1_555 K ? K K . ? A K 103  ? 1_555 O6 ? B LCG 2 ? B LCG 2 ? 1_555 74.8  ? 
3   O6 ? A LCG 3 ? A LCG 3 ? 1_555 K ? K K . ? A K 103  ? 1_555 O6 ? B LCG 2 ? B LCG 2 ? 1_555 131.6 ? 
4   O6 ? A LCG 2 ? A LCG 2 ? 1_555 K ? K K . ? A K 103  ? 1_555 O6 ? B LCG 3 ? B LCG 3 ? 1_555 87.3  ? 
5   O6 ? A LCG 3 ? A LCG 3 ? 1_555 K ? K K . ? A K 103  ? 1_555 O6 ? B LCG 3 ? B LCG 3 ? 1_555 65.5  ? 
6   O6 ? B LCG 2 ? B LCG 2 ? 1_555 K ? K K . ? A K 103  ? 1_555 O6 ? B LCG 3 ? B LCG 3 ? 1_555 74.9  ? 
7   O6 ? A LCG 2 ? A LCG 2 ? 1_555 K ? K K . ? A K 103  ? 1_555 O6 ? C LCG 2 ? C LCG 2 ? 1_555 78.3  ? 
8   O6 ? A LCG 3 ? A LCG 3 ? 1_555 K ? K K . ? A K 103  ? 1_555 O6 ? C LCG 2 ? C LCG 2 ? 1_555 85.8  ? 
9   O6 ? B LCG 2 ? B LCG 2 ? 1_555 K ? K K . ? A K 103  ? 1_555 O6 ? C LCG 2 ? C LCG 2 ? 1_555 124.5 ? 
10  O6 ? B LCG 3 ? B LCG 3 ? 1_555 K ? K K . ? A K 103  ? 1_555 O6 ? C LCG 2 ? C LCG 2 ? 1_555 150.3 ? 
11  O6 ? A LCG 2 ? A LCG 2 ? 1_555 K ? K K . ? A K 103  ? 1_555 O6 ? C LCG 3 ? C LCG 3 ? 1_555 132.2 ? 
12  O6 ? A LCG 3 ? A LCG 3 ? 1_555 K ? K K . ? A K 103  ? 1_555 O6 ? C LCG 3 ? C LCG 3 ? 1_555 65.2  ? 
13  O6 ? B LCG 2 ? B LCG 2 ? 1_555 K ? K K . ? A K 103  ? 1_555 O6 ? C LCG 3 ? C LCG 3 ? 1_555 152.9 ? 
14  O6 ? B LCG 3 ? B LCG 3 ? 1_555 K ? K K . ? A K 103  ? 1_555 O6 ? C LCG 3 ? C LCG 3 ? 1_555 100.9 ? 
15  O6 ? C LCG 2 ? C LCG 2 ? 1_555 K ? K K . ? A K 103  ? 1_555 O6 ? C LCG 3 ? C LCG 3 ? 1_555 71.7  ? 
16  O6 ? A LCG 2 ? A LCG 2 ? 1_555 K ? K K . ? A K 103  ? 1_555 O6 ? D LCG 2 ? D LCG 2 ? 1_555 119.0 ? 
17  O6 ? A LCG 3 ? A LCG 3 ? 1_555 K ? K K . ? A K 103  ? 1_555 O6 ? D LCG 2 ? D LCG 2 ? 1_555 153.8 ? 
18  O6 ? B LCG 2 ? B LCG 2 ? 1_555 K ? K K . ? A K 103  ? 1_555 O6 ? D LCG 2 ? D LCG 2 ? 1_555 74.5  ? 
19  O6 ? B LCG 3 ? B LCG 3 ? 1_555 K ? K K . ? A K 103  ? 1_555 O6 ? D LCG 2 ? D LCG 2 ? 1_555 131.7 ? 
20  O6 ? C LCG 2 ? C LCG 2 ? 1_555 K ? K K . ? A K 103  ? 1_555 O6 ? D LCG 2 ? D LCG 2 ? 1_555 77.8  ? 
21  O6 ? C LCG 3 ? C LCG 3 ? 1_555 K ? K K . ? A K 103  ? 1_555 O6 ? D LCG 2 ? D LCG 2 ? 1_555 90.2  ? 
22  O6 ? A LCG 2 ? A LCG 2 ? 1_555 K ? K K . ? A K 103  ? 1_555 O6 ? D LCG 3 ? D LCG 3 ? 1_555 149.4 ? 
23  O6 ? A LCG 3 ? A LCG 3 ? 1_555 K ? K K . ? A K 103  ? 1_555 O6 ? D LCG 3 ? D LCG 3 ? 1_555 100.5 ? 
24  O6 ? B LCG 2 ? B LCG 2 ? 1_555 K ? K K . ? A K 103  ? 1_555 O6 ? D LCG 3 ? D LCG 3 ? 1_555 85.9  ? 
25  O6 ? B LCG 3 ? B LCG 3 ? 1_555 K ? K K . ? A K 103  ? 1_555 O6 ? D LCG 3 ? D LCG 3 ? 1_555 64.6  ? 
26  O6 ? C LCG 2 ? C LCG 2 ? 1_555 K ? K K . ? A K 103  ? 1_555 O6 ? D LCG 3 ? D LCG 3 ? 1_555 132.2 ? 
27  O6 ? C LCG 3 ? C LCG 3 ? 1_555 K ? K K . ? A K 103  ? 1_555 O6 ? D LCG 3 ? D LCG 3 ? 1_555 68.6  ? 
28  O6 ? D LCG 2 ? D LCG 2 ? 1_555 K ? K K . ? A K 103  ? 1_555 O6 ? D LCG 3 ? D LCG 3 ? 1_555 76.7  ? 
29  O6 ? A LCG 3 ? A LCG 3 ? 1_555 K ? I K . ? A K 101  ? 1_555 O6 ? A LCG 4 ? A LCG 4 ? 1_555 70.3  ? 
30  O6 ? A LCG 3 ? A LCG 3 ? 1_555 K ? I K . ? A K 101  ? 1_555 O6 ? B LCG 3 ? B LCG 3 ? 1_555 72.2  ? 
31  O6 ? A LCG 4 ? A LCG 4 ? 1_555 K ? I K . ? A K 101  ? 1_555 O6 ? B LCG 3 ? B LCG 3 ? 1_555 124.3 ? 
32  O6 ? A LCG 3 ? A LCG 3 ? 1_555 K ? I K . ? A K 101  ? 1_555 O6 ? B LCG 4 ? B LCG 4 ? 1_555 88.5  ? 
33  O6 ? A LCG 4 ? A LCG 4 ? 1_555 K ? I K . ? A K 101  ? 1_555 O6 ? B LCG 4 ? B LCG 4 ? 1_555 64.1  ? 
34  O6 ? B LCG 3 ? B LCG 3 ? 1_555 K ? I K . ? A K 101  ? 1_555 O6 ? B LCG 4 ? B LCG 4 ? 1_555 75.4  ? 
35  O6 ? A LCG 3 ? A LCG 3 ? 1_555 K ? I K . ? A K 101  ? 1_555 O6 ? C LCG 3 ? C LCG 3 ? 1_555 69.3  ? 
36  O6 ? A LCG 4 ? A LCG 4 ? 1_555 K ? I K . ? A K 101  ? 1_555 O6 ? C LCG 3 ? C LCG 3 ? 1_555 92.3  ? 
37  O6 ? B LCG 3 ? B LCG 3 ? 1_555 K ? I K . ? A K 101  ? 1_555 O6 ? C LCG 3 ? C LCG 3 ? 1_555 110.8 ? 
38  O6 ? B LCG 4 ? B LCG 4 ? 1_555 K ? I K . ? A K 101  ? 1_555 O6 ? C LCG 3 ? C LCG 3 ? 1_555 152.5 ? 
39  O6 ? A LCG 3 ? A LCG 3 ? 1_555 K ? I K . ? A K 101  ? 1_555 O6 ? C LCG 4 ? C LCG 4 ? 1_555 125.8 ? 
40  O6 ? A LCG 4 ? A LCG 4 ? 1_555 K ? I K . ? A K 101  ? 1_555 O6 ? C LCG 4 ? C LCG 4 ? 1_555 71.1  ? 
41  O6 ? B LCG 3 ? B LCG 3 ? 1_555 K ? I K . ? A K 101  ? 1_555 O6 ? C LCG 4 ? C LCG 4 ? 1_555 161.5 ? 
42  O6 ? B LCG 4 ? B LCG 4 ? 1_555 K ? I K . ? A K 101  ? 1_555 O6 ? C LCG 4 ? C LCG 4 ? 1_555 106.9 ? 
43  O6 ? C LCG 3 ? C LCG 3 ? 1_555 K ? I K . ? A K 101  ? 1_555 O6 ? C LCG 4 ? C LCG 4 ? 1_555 75.9  ? 
44  O6 ? A LCG 3 ? A LCG 3 ? 1_555 K ? I K . ? A K 101  ? 1_555 O6 ? D LCG 3 ? D LCG 3 ? 1_555 114.6 ? 
45  O6 ? A LCG 4 ? A LCG 4 ? 1_555 K ? I K . ? A K 101  ? 1_555 O6 ? D LCG 3 ? D LCG 3 ? 1_555 162.0 ? 
46  O6 ? B LCG 3 ? B LCG 3 ? 1_555 K ? I K . ? A K 101  ? 1_555 O6 ? D LCG 3 ? D LCG 3 ? 1_555 72.7  ? 
47  O6 ? B LCG 4 ? B LCG 4 ? 1_555 K ? I K . ? A K 101  ? 1_555 O6 ? D LCG 3 ? D LCG 3 ? 1_555 131.4 ? 
48  O6 ? C LCG 3 ? C LCG 3 ? 1_555 K ? I K . ? A K 101  ? 1_555 O6 ? D LCG 3 ? D LCG 3 ? 1_555 74.5  ? 
49  O6 ? C LCG 4 ? C LCG 4 ? 1_555 K ? I K . ? A K 101  ? 1_555 O6 ? D LCG 3 ? D LCG 3 ? 1_555 93.4  ? 
50  O6 ? A LCG 3 ? A LCG 3 ? 1_555 K ? I K . ? A K 101  ? 1_555 O6 ? D LCG 4 ? D LCG 4 ? 1_555 154.9 ? 
51  O6 ? A LCG 4 ? A LCG 4 ? 1_555 K ? I K . ? A K 101  ? 1_555 O6 ? D LCG 4 ? D LCG 4 ? 1_555 106.0 ? 
52  O6 ? B LCG 3 ? B LCG 3 ? 1_555 K ? I K . ? A K 101  ? 1_555 O6 ? D LCG 4 ? D LCG 4 ? 1_555 91.8  ? 
53  O6 ? B LCG 4 ? B LCG 4 ? 1_555 K ? I K . ? A K 101  ? 1_555 O6 ? D LCG 4 ? D LCG 4 ? 1_555 68.4  ? 
54  O6 ? C LCG 3 ? C LCG 3 ? 1_555 K ? I K . ? A K 101  ? 1_555 O6 ? D LCG 4 ? D LCG 4 ? 1_555 135.6 ? 
55  O6 ? C LCG 4 ? C LCG 4 ? 1_555 K ? I K . ? A K 101  ? 1_555 O6 ? D LCG 4 ? D LCG 4 ? 1_555 72.6  ? 
56  O6 ? D LCG 3 ? D LCG 3 ? 1_555 K ? I K . ? A K 101  ? 1_555 O6 ? D LCG 4 ? D LCG 4 ? 1_555 76.9  ? 
57  O6 ? A LCG 4 ? A LCG 4 ? 1_555 K ? J K . ? A K 102  ? 1_555 O4 ? A TLN 5 ? A TLN 5 ? 1_555 64.4  ? 
58  O6 ? A LCG 4 ? A LCG 4 ? 1_555 K ? J K . ? A K 102  ? 1_555 O6 ? B LCG 4 ? B LCG 4 ? 1_555 63.9  ? 
59  O4 ? A TLN 5 ? A TLN 5 ? 1_555 K ? J K . ? A K 102  ? 1_555 O6 ? B LCG 4 ? B LCG 4 ? 1_555 103.2 ? 
60  O6 ? A LCG 4 ? A LCG 4 ? 1_555 K ? J K . ? A K 102  ? 1_555 O4 ? B TLN 5 ? B TLN 5 ? 1_555 104.7 ? 
61  O4 ? A TLN 5 ? A TLN 5 ? 1_555 K ? J K . ? A K 102  ? 1_555 O4 ? B TLN 5 ? B TLN 5 ? 1_555 78.9  ? 
62  O6 ? B LCG 4 ? B LCG 4 ? 1_555 K ? J K . ? A K 102  ? 1_555 O4 ? B TLN 5 ? B TLN 5 ? 1_555 64.4  ? 
63  O6 ? A LCG 4 ? A LCG 4 ? 1_555 K ? J K . ? A K 102  ? 1_555 O6 ? C LCG 4 ? C LCG 4 ? 1_555 67.6  ? 
64  O4 ? A TLN 5 ? A TLN 5 ? 1_555 K ? J K . ? A K 102  ? 1_555 O6 ? C LCG 4 ? C LCG 4 ? 1_555 107.7 ? 
65  O6 ? B LCG 4 ? B LCG 4 ? 1_555 K ? J K . ? A K 102  ? 1_555 O6 ? C LCG 4 ? C LCG 4 ? 1_555 100.3 ? 
66  O4 ? B TLN 5 ? B TLN 5 ? 1_555 K ? J K . ? A K 102  ? 1_555 O6 ? C LCG 4 ? C LCG 4 ? 1_555 164.7 ? 
67  O6 ? A LCG 4 ? A LCG 4 ? 1_555 K ? J K . ? A K 102  ? 1_555 O4 ? C TLN 5 ? C TLN 5 ? 1_555 102.9 ? 
68  O4 ? A TLN 5 ? A TLN 5 ? 1_555 K ? J K . ? A K 102  ? 1_555 O4 ? C TLN 5 ? C TLN 5 ? 1_555 75.9  ? 
69  O6 ? B LCG 4 ? B LCG 4 ? 1_555 K ? J K . ? A K 102  ? 1_555 O4 ? C TLN 5 ? C TLN 5 ? 1_555 164.8 ? 
70  O4 ? B TLN 5 ? B TLN 5 ? 1_555 K ? J K . ? A K 102  ? 1_555 O4 ? C TLN 5 ? C TLN 5 ? 1_555 129.2 ? 
71  O6 ? C LCG 4 ? C LCG 4 ? 1_555 K ? J K . ? A K 102  ? 1_555 O4 ? C TLN 5 ? C TLN 5 ? 1_555 66.1  ? 
72  O6 ? A LCG 4 ? A LCG 4 ? 1_555 K ? J K . ? A K 102  ? 1_555 O6 ? D LCG 4 ? D LCG 4 ? 1_555 102.8 ? 
73  O4 ? A TLN 5 ? A TLN 5 ? 1_555 K ? J K . ? A K 102  ? 1_555 O6 ? D LCG 4 ? D LCG 4 ? 1_555 166.9 ? 
74  O6 ? B LCG 4 ? B LCG 4 ? 1_555 K ? J K . ? A K 102  ? 1_555 O6 ? D LCG 4 ? D LCG 4 ? 1_555 66.9  ? 
75  O4 ? B TLN 5 ? B TLN 5 ? 1_555 K ? J K . ? A K 102  ? 1_555 O6 ? D LCG 4 ? D LCG 4 ? 1_555 103.0 ? 
76  O6 ? C LCG 4 ? C LCG 4 ? 1_555 K ? J K . ? A K 102  ? 1_555 O6 ? D LCG 4 ? D LCG 4 ? 1_555 67.4  ? 
77  O4 ? C TLN 5 ? C TLN 5 ? 1_555 K ? J K . ? A K 102  ? 1_555 O6 ? D LCG 4 ? D LCG 4 ? 1_555 111.3 ? 
78  O6 ? A LCG 4 ? A LCG 4 ? 1_555 K ? J K . ? A K 102  ? 1_555 O4 ? D TLN 5 ? D TLN 5 ? 1_555 168.5 ? 
79  O4 ? A TLN 5 ? A TLN 5 ? 1_555 K ? J K . ? A K 102  ? 1_555 O4 ? D TLN 5 ? D TLN 5 ? 1_555 127.1 ? 
80  O6 ? B LCG 4 ? B LCG 4 ? 1_555 K ? J K . ? A K 102  ? 1_555 O4 ? D TLN 5 ? D TLN 5 ? 1_555 109.3 ? 
81  O4 ? B TLN 5 ? B TLN 5 ? 1_555 K ? J K . ? A K 102  ? 1_555 O4 ? D TLN 5 ? D TLN 5 ? 1_555 79.0  ? 
82  O6 ? C LCG 4 ? C LCG 4 ? 1_555 K ? J K . ? A K 102  ? 1_555 O4 ? D TLN 5 ? D TLN 5 ? 1_555 106.1 ? 
83  O4 ? C TLN 5 ? C TLN 5 ? 1_555 K ? J K . ? A K 102  ? 1_555 O4 ? D TLN 5 ? D TLN 5 ? 1_555 82.2  ? 
84  O6 ? D LCG 4 ? D LCG 4 ? 1_555 K ? J K . ? A K 102  ? 1_555 O4 ? D TLN 5 ? D TLN 5 ? 1_555 65.7  ? 
85  O6 ? E LCG 2 ? E LCG 2 ? 1_555 K ? O K . ? E K 3003 ? 1_555 O6 ? E LCG 3 ? E LCG 3 ? 1_555 76.0  ? 
86  O6 ? E LCG 2 ? E LCG 2 ? 1_555 K ? O K . ? E K 3003 ? 1_555 O6 ? F LCG 2 ? F LCG 2 ? 1_555 78.8  ? 
87  O6 ? E LCG 3 ? E LCG 3 ? 1_555 K ? O K . ? E K 3003 ? 1_555 O6 ? F LCG 2 ? F LCG 2 ? 1_555 132.8 ? 
88  O6 ? E LCG 2 ? E LCG 2 ? 1_555 K ? O K . ? E K 3003 ? 1_555 O6 ? F LCG 3 ? F LCG 3 ? 1_555 86.5  ? 
89  O6 ? E LCG 3 ? E LCG 3 ? 1_555 K ? O K . ? E K 3003 ? 1_555 O6 ? F LCG 3 ? F LCG 3 ? 1_555 69.1  ? 
90  O6 ? F LCG 2 ? F LCG 2 ? 1_555 K ? O K . ? E K 3003 ? 1_555 O6 ? F LCG 3 ? F LCG 3 ? 1_555 70.2  ? 
91  O6 ? E LCG 2 ? E LCG 2 ? 1_555 K ? O K . ? E K 3003 ? 1_555 O6 ? G LCG 2 ? G LCG 2 ? 1_555 80.2  ? 
92  O6 ? E LCG 3 ? E LCG 3 ? 1_555 K ? O K . ? E K 3003 ? 1_555 O6 ? G LCG 2 ? G LCG 2 ? 1_555 88.1  ? 
93  O6 ? F LCG 2 ? F LCG 2 ? 1_555 K ? O K . ? E K 3003 ? 1_555 O6 ? G LCG 2 ? G LCG 2 ? 1_555 125.8 ? 
94  O6 ? F LCG 3 ? F LCG 3 ? 1_555 K ? O K . ? E K 3003 ? 1_555 O6 ? G LCG 2 ? G LCG 2 ? 1_555 155.9 ? 
95  O6 ? E LCG 2 ? E LCG 2 ? 1_555 K ? O K . ? E K 3003 ? 1_555 O6 ? G LCG 3 ? G LCG 3 ? 1_555 133.7 ? 
96  O6 ? E LCG 3 ? E LCG 3 ? 1_555 K ? O K . ? E K 3003 ? 1_555 O6 ? G LCG 3 ? G LCG 3 ? 1_555 66.1  ? 
97  O6 ? F LCG 2 ? F LCG 2 ? 1_555 K ? O K . ? E K 3003 ? 1_555 O6 ? G LCG 3 ? G LCG 3 ? 1_555 147.2 ? 
98  O6 ? F LCG 3 ? F LCG 3 ? 1_555 K ? O K . ? E K 3003 ? 1_555 O6 ? G LCG 3 ? G LCG 3 ? 1_555 102.9 ? 
99  O6 ? G LCG 2 ? G LCG 2 ? 1_555 K ? O K . ? E K 3003 ? 1_555 O6 ? G LCG 3 ? G LCG 3 ? 1_555 73.2  ? 
100 O6 ? E LCG 2 ? E LCG 2 ? 1_555 K ? O K . ? E K 3003 ? 1_555 O6 ? H LCG 2 ? H LCG 2 ? 1_555 124.2 ? 
101 O6 ? E LCG 3 ? E LCG 3 ? 1_555 K ? O K . ? E K 3003 ? 1_555 O6 ? H LCG 2 ? H LCG 2 ? 1_555 148.5 ? 
102 O6 ? F LCG 2 ? F LCG 2 ? 1_555 K ? O K . ? E K 3003 ? 1_555 O6 ? H LCG 2 ? H LCG 2 ? 1_555 78.0  ? 
103 O6 ? F LCG 3 ? F LCG 3 ? 1_555 K ? O K . ? E K 3003 ? 1_555 O6 ? H LCG 2 ? H LCG 2 ? 1_555 130.0 ? 
104 O6 ? G LCG 2 ? G LCG 2 ? 1_555 K ? O K . ? E K 3003 ? 1_555 O6 ? H LCG 2 ? H LCG 2 ? 1_555 73.9  ? 
105 O6 ? G LCG 3 ? G LCG 3 ? 1_555 K ? O K . ? E K 3003 ? 1_555 O6 ? H LCG 2 ? H LCG 2 ? 1_555 83.8  ? 
106 O6 ? E LCG 2 ? E LCG 2 ? 1_555 K ? O K . ? E K 3003 ? 1_555 O6 ? H LCG 3 ? H LCG 3 ? 1_555 150.7 ? 
107 O6 ? E LCG 3 ? E LCG 3 ? 1_555 K ? O K . ? E K 3003 ? 1_555 O6 ? H LCG 3 ? H LCG 3 ? 1_555 102.3 ? 
108 O6 ? F LCG 2 ? F LCG 2 ? 1_555 K ? O K . ? E K 3003 ? 1_555 O6 ? H LCG 3 ? H LCG 3 ? 1_555 81.7  ? 
109 O6 ? F LCG 3 ? F LCG 3 ? 1_555 K ? O K . ? E K 3003 ? 1_555 O6 ? H LCG 3 ? H LCG 3 ? 1_555 66.2  ? 
110 O6 ? G LCG 2 ? G LCG 2 ? 1_555 K ? O K . ? E K 3003 ? 1_555 O6 ? H LCG 3 ? H LCG 3 ? 1_555 129.1 ? 
111 O6 ? G LCG 3 ? G LCG 3 ? 1_555 K ? O K . ? E K 3003 ? 1_555 O6 ? H LCG 3 ? H LCG 3 ? 1_555 66.7  ? 
112 O6 ? H LCG 2 ? H LCG 2 ? 1_555 K ? O K . ? E K 3003 ? 1_555 O6 ? H LCG 3 ? H LCG 3 ? 1_555 71.9  ? 
113 O6 ? E LCG 3 ? E LCG 3 ? 1_555 K ? P K . ? E K 3004 ? 1_555 O6 ? E LCG 4 ? E LCG 4 ? 1_555 72.0  ? 
114 O6 ? E LCG 3 ? E LCG 3 ? 1_555 K ? P K . ? E K 3004 ? 1_555 O6 ? F LCG 3 ? F LCG 3 ? 1_555 72.6  ? 
115 O6 ? E LCG 4 ? E LCG 4 ? 1_555 K ? P K . ? E K 3004 ? 1_555 O6 ? F LCG 3 ? F LCG 3 ? 1_555 128.7 ? 
116 O6 ? E LCG 3 ? E LCG 3 ? 1_555 K ? P K . ? E K 3004 ? 1_555 O6 ? F LCG 4 ? F LCG 4 ? 1_555 92.8  ? 
117 O6 ? E LCG 4 ? E LCG 4 ? 1_555 K ? P K . ? E K 3004 ? 1_555 O6 ? F LCG 4 ? F LCG 4 ? 1_555 68.8  ? 
118 O6 ? F LCG 3 ? F LCG 3 ? 1_555 K ? P K . ? E K 3004 ? 1_555 O6 ? F LCG 4 ? F LCG 4 ? 1_555 77.3  ? 
119 O6 ? E LCG 3 ? E LCG 3 ? 1_555 K ? P K . ? E K 3004 ? 1_555 O6 ? G LCG 3 ? G LCG 3 ? 1_555 68.7  ? 
120 O6 ? E LCG 4 ? E LCG 4 ? 1_555 K ? P K . ? E K 3004 ? 1_555 O6 ? G LCG 3 ? G LCG 3 ? 1_555 88.0  ? 
121 O6 ? F LCG 3 ? F LCG 3 ? 1_555 K ? P K . ? E K 3004 ? 1_555 O6 ? G LCG 3 ? G LCG 3 ? 1_555 111.8 ? 
122 O6 ? F LCG 4 ? F LCG 4 ? 1_555 K ? P K . ? E K 3004 ? 1_555 O6 ? G LCG 3 ? G LCG 3 ? 1_555 154.3 ? 
123 O6 ? E LCG 3 ? E LCG 3 ? 1_555 K ? P K . ? E K 3004 ? 1_555 O6 ? G LCG 4 ? G LCG 4 ? 1_555 124.6 ? 
124 O6 ? E LCG 4 ? E LCG 4 ? 1_555 K ? P K . ? E K 3004 ? 1_555 O6 ? G LCG 4 ? G LCG 4 ? 1_555 68.1  ? 
125 O6 ? F LCG 3 ? F LCG 3 ? 1_555 K ? P K . ? E K 3004 ? 1_555 O6 ? G LCG 4 ? G LCG 4 ? 1_555 161.4 ? 
126 O6 ? F LCG 4 ? F LCG 4 ? 1_555 K ? P K . ? E K 3004 ? 1_555 O6 ? G LCG 4 ? G LCG 4 ? 1_555 106.4 ? 
127 O6 ? G LCG 3 ? G LCG 3 ? 1_555 K ? P K . ? E K 3004 ? 1_555 O6 ? G LCG 4 ? G LCG 4 ? 1_555 73.1  ? 
128 O6 ? E LCG 3 ? E LCG 3 ? 1_555 K ? P K . ? E K 3004 ? 1_555 O6 ? H LCG 3 ? H LCG 3 ? 1_555 110.9 ? 
129 O6 ? E LCG 4 ? E LCG 4 ? 1_555 K ? P K . ? E K 3004 ? 1_555 O6 ? H LCG 3 ? H LCG 3 ? 1_555 156.3 ? 
130 O6 ? F LCG 3 ? F LCG 3 ? 1_555 K ? P K . ? E K 3004 ? 1_555 O6 ? H LCG 3 ? H LCG 3 ? 1_555 72.4  ? 
131 O6 ? F LCG 4 ? F LCG 4 ? 1_555 K ? P K . ? E K 3004 ? 1_555 O6 ? H LCG 3 ? H LCG 3 ? 1_555 132.9 ? 
132 O6 ? G LCG 3 ? G LCG 3 ? 1_555 K ? P K . ? E K 3004 ? 1_555 O6 ? H LCG 3 ? H LCG 3 ? 1_555 72.2  ? 
133 O6 ? G LCG 4 ? G LCG 4 ? 1_555 K ? P K . ? E K 3004 ? 1_555 O6 ? H LCG 3 ? H LCG 3 ? 1_555 93.1  ? 
134 O6 ? E LCG 3 ? E LCG 3 ? 1_555 K ? P K . ? E K 3004 ? 1_555 O6 ? H LCG 4 ? H LCG 4 ? 1_555 162.3 ? 
135 O6 ? E LCG 4 ? E LCG 4 ? 1_555 K ? P K . ? E K 3004 ? 1_555 O6 ? H LCG 4 ? H LCG 4 ? 1_555 108.2 ? 
136 O6 ? F LCG 3 ? F LCG 3 ? 1_555 K ? P K . ? E K 3004 ? 1_555 O6 ? H LCG 4 ? H LCG 4 ? 1_555 95.4  ? 
137 O6 ? F LCG 4 ? F LCG 4 ? 1_555 K ? P K . ? E K 3004 ? 1_555 O6 ? H LCG 4 ? H LCG 4 ? 1_555 71.5  ? 
138 O6 ? G LCG 3 ? G LCG 3 ? 1_555 K ? P K . ? E K 3004 ? 1_555 O6 ? H LCG 4 ? H LCG 4 ? 1_555 128.8 ? 
139 O6 ? G LCG 4 ? G LCG 4 ? 1_555 K ? P K . ? E K 3004 ? 1_555 O6 ? H LCG 4 ? H LCG 4 ? 1_555 69.4  ? 
140 O6 ? H LCG 3 ? H LCG 3 ? 1_555 K ? P K . ? E K 3004 ? 1_555 O6 ? H LCG 4 ? H LCG 4 ? 1_555 76.4  ? 
141 O6 ? E LCG 4 ? E LCG 4 ? 1_555 K ? Q K . ? E K 3005 ? 1_555 O4 ? E TLN 5 ? E TLN 5 ? 1_555 70.3  ? 
142 O6 ? E LCG 4 ? E LCG 4 ? 1_555 K ? Q K . ? E K 3005 ? 1_555 O6 ? F LCG 4 ? F LCG 4 ? 1_555 66.5  ? 
143 O4 ? E TLN 5 ? E TLN 5 ? 1_555 K ? Q K . ? E K 3005 ? 1_555 O6 ? F LCG 4 ? F LCG 4 ? 1_555 108.0 ? 
144 O6 ? E LCG 4 ? E LCG 4 ? 1_555 K ? Q K . ? E K 3005 ? 1_555 O4 ? F TLN 5 ? F TLN 5 ? 1_555 111.5 ? 
145 O4 ? E TLN 5 ? E TLN 5 ? 1_555 K ? Q K . ? E K 3005 ? 1_555 O4 ? F TLN 5 ? F TLN 5 ? 1_555 81.5  ? 
146 O6 ? F LCG 4 ? F LCG 4 ? 1_555 K ? Q K . ? E K 3005 ? 1_555 O4 ? F TLN 5 ? F TLN 5 ? 1_555 65.6  ? 
147 O6 ? E LCG 4 ? E LCG 4 ? 1_555 K ? Q K . ? E K 3005 ? 1_555 O6 ? G LCG 4 ? G LCG 4 ? 1_555 67.3  ? 
148 O4 ? E TLN 5 ? E TLN 5 ? 1_555 K ? Q K . ? E K 3005 ? 1_555 O6 ? G LCG 4 ? G LCG 4 ? 1_555 110.1 ? 
149 O6 ? F LCG 4 ? F LCG 4 ? 1_555 K ? Q K . ? E K 3005 ? 1_555 O6 ? G LCG 4 ? G LCG 4 ? 1_555 102.5 ? 
150 O4 ? F TLN 5 ? F TLN 5 ? 1_555 K ? Q K . ? E K 3005 ? 1_555 O6 ? G LCG 4 ? G LCG 4 ? 1_555 166.0 ? 
151 O6 ? E LCG 4 ? E LCG 4 ? 1_555 K ? Q K . ? E K 3005 ? 1_555 O4 ? G TLN 5 ? G TLN 5 ? 1_555 107.9 ? 
152 O4 ? E TLN 5 ? E TLN 5 ? 1_555 K ? Q K . ? E K 3005 ? 1_555 O4 ? G TLN 5 ? G TLN 5 ? 1_555 80.5  ? 
153 O6 ? F LCG 4 ? F LCG 4 ? 1_555 K ? Q K . ? E K 3005 ? 1_555 O4 ? G TLN 5 ? G TLN 5 ? 1_555 166.2 ? 
154 O4 ? F TLN 5 ? F TLN 5 ? 1_555 K ? Q K . ? E K 3005 ? 1_555 O4 ? G TLN 5 ? G TLN 5 ? 1_555 127.5 ? 
155 O6 ? G LCG 4 ? G LCG 4 ? 1_555 K ? Q K . ? E K 3005 ? 1_555 O4 ? G TLN 5 ? G TLN 5 ? 1_555 64.0  ? 
156 O6 ? E LCG 4 ? E LCG 4 ? 1_555 K ? Q K . ? E K 3005 ? 1_555 O6 ? H LCG 4 ? H LCG 4 ? 1_555 97.9  ? 
157 O4 ? E TLN 5 ? E TLN 5 ? 1_555 K ? Q K . ? E K 3005 ? 1_555 O6 ? H LCG 4 ? H LCG 4 ? 1_555 168.2 ? 
158 O6 ? F LCG 4 ? F LCG 4 ? 1_555 K ? Q K . ? E K 3005 ? 1_555 O6 ? H LCG 4 ? H LCG 4 ? 1_555 64.9  ? 
159 O4 ? F TLN 5 ? F TLN 5 ? 1_555 K ? Q K . ? E K 3005 ? 1_555 O6 ? H LCG 4 ? H LCG 4 ? 1_555 102.7 ? 
160 O6 ? G LCG 4 ? G LCG 4 ? 1_555 K ? Q K . ? E K 3005 ? 1_555 O6 ? H LCG 4 ? H LCG 4 ? 1_555 64.4  ? 
161 O4 ? G TLN 5 ? G TLN 5 ? 1_555 K ? Q K . ? E K 3005 ? 1_555 O6 ? H LCG 4 ? H LCG 4 ? 1_555 104.8 ? 
162 O6 ? E LCG 4 ? E LCG 4 ? 1_555 K ? Q K . ? E K 3005 ? 1_555 O4 ? H TLN 5 ? H TLN 5 ? 1_555 161.5 ? 
163 O4 ? E TLN 5 ? E TLN 5 ? 1_555 K ? Q K . ? E K 3005 ? 1_555 O4 ? H TLN 5 ? H TLN 5 ? 1_555 128.2 ? 
164 O6 ? F LCG 4 ? F LCG 4 ? 1_555 K ? Q K . ? E K 3005 ? 1_555 O4 ? H TLN 5 ? H TLN 5 ? 1_555 102.6 ? 
165 O4 ? F TLN 5 ? F TLN 5 ? 1_555 K ? Q K . ? E K 3005 ? 1_555 O4 ? H TLN 5 ? H TLN 5 ? 1_555 74.5  ? 
166 O6 ? G LCG 4 ? G LCG 4 ? 1_555 K ? Q K . ? E K 3005 ? 1_555 O4 ? H TLN 5 ? H TLN 5 ? 1_555 102.5 ? 
167 O4 ? G TLN 5 ? G TLN 5 ? 1_555 K ? Q K . ? E K 3005 ? 1_555 O4 ? H TLN 5 ? H TLN 5 ? 1_555 79.1  ? 
168 O6 ? H LCG 4 ? H LCG 4 ? 1_555 K ? Q K . ? E K 3005 ? 1_555 O4 ? H TLN 5 ? H TLN 5 ? 1_555 63.6  ? 
# 
loop_
_pdbx_audit_revision_history.ordinal 
_pdbx_audit_revision_history.data_content_type 
_pdbx_audit_revision_history.major_revision 
_pdbx_audit_revision_history.minor_revision 
_pdbx_audit_revision_history.revision_date 
1 'Structure model' 1 0 2014-03-05 
2 'Structure model' 1 1 2023-09-20 
# 
_pdbx_audit_revision_details.ordinal             1 
_pdbx_audit_revision_details.revision_ordinal    1 
_pdbx_audit_revision_details.data_content_type   'Structure model' 
_pdbx_audit_revision_details.provider            repository 
_pdbx_audit_revision_details.type                'Initial release' 
_pdbx_audit_revision_details.description         ? 
_pdbx_audit_revision_details.details             ? 
# 
loop_
_pdbx_audit_revision_group.ordinal 
_pdbx_audit_revision_group.revision_ordinal 
_pdbx_audit_revision_group.data_content_type 
_pdbx_audit_revision_group.group 
1 2 'Structure model' 'Data collection'        
2 2 'Structure model' 'Database references'    
3 2 'Structure model' 'Derived calculations'   
4 2 'Structure model' 'Refinement description' 
# 
loop_
_pdbx_audit_revision_category.ordinal 
_pdbx_audit_revision_category.revision_ordinal 
_pdbx_audit_revision_category.data_content_type 
_pdbx_audit_revision_category.category 
1 2 'Structure model' chem_comp_atom                
2 2 'Structure model' chem_comp_bond                
3 2 'Structure model' database_2                    
4 2 'Structure model' pdbx_initial_refinement_model 
5 2 'Structure model' pdbx_struct_conn_angle        
6 2 'Structure model' struct_conn                   
7 2 'Structure model' struct_site                   
# 
loop_
_pdbx_audit_revision_item.ordinal 
_pdbx_audit_revision_item.revision_ordinal 
_pdbx_audit_revision_item.data_content_type 
_pdbx_audit_revision_item.item 
1  2 'Structure model' '_database_2.pdbx_DOI'                        
2  2 'Structure model' '_database_2.pdbx_database_accession'         
3  2 'Structure model' '_pdbx_struct_conn_angle.ptnr1_auth_asym_id'  
4  2 'Structure model' '_pdbx_struct_conn_angle.ptnr1_auth_comp_id'  
5  2 'Structure model' '_pdbx_struct_conn_angle.ptnr1_auth_seq_id'   
6  2 'Structure model' '_pdbx_struct_conn_angle.ptnr1_label_asym_id' 
7  2 'Structure model' '_pdbx_struct_conn_angle.ptnr1_label_atom_id' 
8  2 'Structure model' '_pdbx_struct_conn_angle.ptnr1_label_comp_id' 
9  2 'Structure model' '_pdbx_struct_conn_angle.ptnr1_label_seq_id'  
10 2 'Structure model' '_pdbx_struct_conn_angle.ptnr2_auth_asym_id'  
11 2 'Structure model' '_pdbx_struct_conn_angle.ptnr2_auth_seq_id'   
12 2 'Structure model' '_pdbx_struct_conn_angle.ptnr2_label_asym_id' 
13 2 'Structure model' '_pdbx_struct_conn_angle.ptnr3_auth_asym_id'  
14 2 'Structure model' '_pdbx_struct_conn_angle.ptnr3_auth_comp_id'  
15 2 'Structure model' '_pdbx_struct_conn_angle.ptnr3_auth_seq_id'   
16 2 'Structure model' '_pdbx_struct_conn_angle.ptnr3_label_asym_id' 
17 2 'Structure model' '_pdbx_struct_conn_angle.ptnr3_label_atom_id' 
18 2 'Structure model' '_pdbx_struct_conn_angle.ptnr3_label_comp_id' 
19 2 'Structure model' '_pdbx_struct_conn_angle.ptnr3_label_seq_id'  
20 2 'Structure model' '_pdbx_struct_conn_angle.value'               
21 2 'Structure model' '_struct_conn.pdbx_dist_value'                
22 2 'Structure model' '_struct_conn.pdbx_leaving_atom_flag'         
23 2 'Structure model' '_struct_conn.ptnr1_auth_asym_id'             
24 2 'Structure model' '_struct_conn.ptnr1_auth_comp_id'             
25 2 'Structure model' '_struct_conn.ptnr1_auth_seq_id'              
26 2 'Structure model' '_struct_conn.ptnr1_label_asym_id'            
27 2 'Structure model' '_struct_conn.ptnr1_label_atom_id'            
28 2 'Structure model' '_struct_conn.ptnr1_label_comp_id'            
29 2 'Structure model' '_struct_conn.ptnr1_label_seq_id'             
30 2 'Structure model' '_struct_conn.ptnr2_auth_asym_id'             
31 2 'Structure model' '_struct_conn.ptnr2_auth_comp_id'             
32 2 'Structure model' '_struct_conn.ptnr2_auth_seq_id'              
33 2 'Structure model' '_struct_conn.ptnr2_label_asym_id'            
34 2 'Structure model' '_struct_conn.ptnr2_label_atom_id'            
35 2 'Structure model' '_struct_conn.ptnr2_label_comp_id'            
36 2 'Structure model' '_struct_conn.ptnr2_label_seq_id'             
37 2 'Structure model' '_struct_site.pdbx_auth_asym_id'              
38 2 'Structure model' '_struct_site.pdbx_auth_comp_id'              
39 2 'Structure model' '_struct_site.pdbx_auth_seq_id'               
# 
loop_
_software.name 
_software.classification 
_software.version 
_software.citation_id 
_software.pdbx_ordinal 
CrystalClear 'data collection' .   ? 1 
PHASES       phasing           .   ? 2 
REFMAC       refinement        5.0 ? 3 
MOSFLM       'data reduction'  .   ? 4 
SCALA        'data scaling'    .   ? 5 
# 
_pdbx_validate_close_contact.id               1 
_pdbx_validate_close_contact.PDB_model_num    1 
_pdbx_validate_close_contact.auth_atom_id_1   O 
_pdbx_validate_close_contact.auth_asym_id_1   A 
_pdbx_validate_close_contact.auth_comp_id_1   HOH 
_pdbx_validate_close_contact.auth_seq_id_1    213 
_pdbx_validate_close_contact.PDB_ins_code_1   ? 
_pdbx_validate_close_contact.label_alt_id_1   ? 
_pdbx_validate_close_contact.auth_atom_id_2   O 
_pdbx_validate_close_contact.auth_asym_id_2   A 
_pdbx_validate_close_contact.auth_comp_id_2   HOH 
_pdbx_validate_close_contact.auth_seq_id_2    232 
_pdbx_validate_close_contact.PDB_ins_code_2   ? 
_pdbx_validate_close_contact.label_alt_id_2   ? 
_pdbx_validate_close_contact.dist             2.16 
# 
loop_
_pdbx_validate_symm_contact.id 
_pdbx_validate_symm_contact.PDB_model_num 
_pdbx_validate_symm_contact.auth_atom_id_1 
_pdbx_validate_symm_contact.auth_asym_id_1 
_pdbx_validate_symm_contact.auth_comp_id_1 
_pdbx_validate_symm_contact.auth_seq_id_1 
_pdbx_validate_symm_contact.PDB_ins_code_1 
_pdbx_validate_symm_contact.label_alt_id_1 
_pdbx_validate_symm_contact.site_symmetry_1 
_pdbx_validate_symm_contact.auth_atom_id_2 
_pdbx_validate_symm_contact.auth_asym_id_2 
_pdbx_validate_symm_contact.auth_comp_id_2 
_pdbx_validate_symm_contact.auth_seq_id_2 
_pdbx_validate_symm_contact.PDB_ins_code_2 
_pdbx_validate_symm_contact.label_alt_id_2 
_pdbx_validate_symm_contact.site_symmetry_2 
_pdbx_validate_symm_contact.dist 
1 1 O C HOH 221  ? ? 1_555 O E HOH 3109 ? ? 6_544 2.17 
2 1 O A HOH 231  ? ? 1_555 O D HOH 120  ? ? 1_665 2.17 
3 1 O F HOH 1009 ? ? 1_555 O G HOH 108  ? ? 1_455 2.19 
# 
loop_
_pdbx_validate_rmsd_angle.id 
_pdbx_validate_rmsd_angle.PDB_model_num 
_pdbx_validate_rmsd_angle.auth_atom_id_1 
_pdbx_validate_rmsd_angle.auth_asym_id_1 
_pdbx_validate_rmsd_angle.auth_comp_id_1 
_pdbx_validate_rmsd_angle.auth_seq_id_1 
_pdbx_validate_rmsd_angle.PDB_ins_code_1 
_pdbx_validate_rmsd_angle.label_alt_id_1 
_pdbx_validate_rmsd_angle.auth_atom_id_2 
_pdbx_validate_rmsd_angle.auth_asym_id_2 
_pdbx_validate_rmsd_angle.auth_comp_id_2 
_pdbx_validate_rmsd_angle.auth_seq_id_2 
_pdbx_validate_rmsd_angle.PDB_ins_code_2 
_pdbx_validate_rmsd_angle.label_alt_id_2 
_pdbx_validate_rmsd_angle.auth_atom_id_3 
_pdbx_validate_rmsd_angle.auth_asym_id_3 
_pdbx_validate_rmsd_angle.auth_comp_id_3 
_pdbx_validate_rmsd_angle.auth_seq_id_3 
_pdbx_validate_rmsd_angle.PDB_ins_code_3 
_pdbx_validate_rmsd_angle.label_alt_id_3 
_pdbx_validate_rmsd_angle.angle_value 
_pdbx_validate_rmsd_angle.angle_target_value 
_pdbx_validate_rmsd_angle.angle_deviation 
_pdbx_validate_rmsd_angle.angle_standard_deviation 
_pdbx_validate_rmsd_angle.linker_flag 
1 1 "O3'" E LCG 4 ? ? P E TLN 5 ? ? OP2 E TLN 5 ? ? 119.39 110.50 8.89 1.10 Y 
2 1 "O3'" H LCG 3 ? ? P H LCG 4 ? ? OP2 H LCG 4 ? ? 119.88 110.50 9.38 1.10 Y 
# 
loop_
_chem_comp_atom.comp_id 
_chem_comp_atom.atom_id 
_chem_comp_atom.type_symbol 
_chem_comp_atom.pdbx_aromatic_flag 
_chem_comp_atom.pdbx_stereo_config 
_chem_comp_atom.pdbx_ordinal 
GOL C1     C N N 1  
GOL O1     O N N 2  
GOL C2     C N N 3  
GOL O2     O N N 4  
GOL C3     C N N 5  
GOL O3     O N N 6  
GOL H11    H N N 7  
GOL H12    H N N 8  
GOL HO1    H N N 9  
GOL H2     H N N 10 
GOL HO2    H N N 11 
GOL H31    H N N 12 
GOL H32    H N N 13 
GOL HO3    H N N 14 
HOH O      O N N 15 
HOH H1     H N N 16 
HOH H2     H N N 17 
K   K      K N N 18 
LCG P      P N N 19 
LCG OP1    O N N 20 
LCG "O5'"  O N N 21 
LCG "C5'"  C N N 22 
LCG "C3'"  C N S 23 
LCG "C6'"  C N N 24 
LCG N9     N Y N 25 
LCG C8     C Y N 26 
LCG C4     C Y N 27 
LCG N7     N Y N 28 
LCG C5     C Y N 29 
LCG C6     C N N 30 
LCG "C2'"  C N R 31 
LCG O6     O N N 32 
LCG "C4'"  C N R 33 
LCG "C1'"  C N R 34 
LCG C2     C N N 35 
LCG N1     N N N 36 
LCG "O4'"  O N N 37 
LCG OP2    O N N 38 
LCG N2     N N N 39 
LCG N3     N N N 40 
LCG "O2'"  O N N 41 
LCG "O3'"  O N N 42 
LCG OP3    O N N 43 
LCG "H5'"  H N N 44 
LCG "H5''" H N N 45 
LCG "H3'"  H N N 46 
LCG "H6'1" H N N 47 
LCG "H6'2" H N N 48 
LCG H8     H N N 49 
LCG "H2'"  H N N 50 
LCG "H1'"  H N N 51 
LCG H1     H N N 52 
LCG HOP2   H N N 53 
LCG H21    H N N 54 
LCG H22    H N N 55 
LCG "HO3'" H N N 56 
LCG HOP3   H N N 57 
TLN P      P N N 58 
TLN OP1    O N N 59 
TLN OP2    O N N 60 
TLN OP3    O N N 61 
TLN "O5'"  O N N 62 
TLN "C5'"  C N N 63 
TLN "C4'"  C N R 64 
TLN "O4'"  O N N 65 
TLN "C1'"  C N R 66 
TLN N1     N N N 67 
TLN C6     C N N 68 
TLN C5     C N N 69 
TLN C5M    C N N 70 
TLN C4     C N N 71 
TLN O4     O N N 72 
TLN N3     N N N 73 
TLN C2     C N N 74 
TLN O2     O N N 75 
TLN "C3'"  C N S 76 
TLN "C2'"  C N R 77 
TLN "O2'"  O N N 78 
TLN "O3'"  O N N 79 
TLN "C6'"  C N N 80 
TLN HOP2   H N N 81 
TLN HOP3   H N N 82 
TLN "H5'"  H N N 83 
TLN "H5''" H N N 84 
TLN "H1'"  H N N 85 
TLN H6     H N N 86 
TLN H71    H N N 87 
TLN H72    H N N 88 
TLN H73    H N N 89 
TLN H3     H N N 90 
TLN "H3'"  H N N 91 
TLN "H2'"  H N N 92 
TLN "HO3'" H N N 93 
TLN "H6'1" H N N 94 
TLN "H6'2" H N N 95 
# 
loop_
_chem_comp_bond.comp_id 
_chem_comp_bond.atom_id_1 
_chem_comp_bond.atom_id_2 
_chem_comp_bond.value_order 
_chem_comp_bond.pdbx_aromatic_flag 
_chem_comp_bond.pdbx_stereo_config 
_chem_comp_bond.pdbx_ordinal 
GOL C1    O1     sing N N 1  
GOL C1    C2     sing N N 2  
GOL C1    H11    sing N N 3  
GOL C1    H12    sing N N 4  
GOL O1    HO1    sing N N 5  
GOL C2    O2     sing N N 6  
GOL C2    C3     sing N N 7  
GOL C2    H2     sing N N 8  
GOL O2    HO2    sing N N 9  
GOL C3    O3     sing N N 10 
GOL C3    H31    sing N N 11 
GOL C3    H32    sing N N 12 
GOL O3    HO3    sing N N 13 
HOH O     H1     sing N N 14 
HOH O     H2     sing N N 15 
LCG P     OP1    doub N N 16 
LCG P     "O5'"  sing N N 17 
LCG P     OP2    sing N N 18 
LCG P     OP3    sing N N 19 
LCG "O5'" "C5'"  sing N N 20 
LCG "C5'" "C4'"  sing N N 21 
LCG "C5'" "H5'"  sing N N 22 
LCG "C5'" "H5''" sing N N 23 
LCG "C3'" "C2'"  sing N N 24 
LCG "C3'" "C4'"  sing N N 25 
LCG "C3'" "O3'"  sing N N 26 
LCG "C3'" "H3'"  sing N N 27 
LCG "C6'" "C4'"  sing N N 28 
LCG "C6'" "O2'"  sing N N 29 
LCG "C6'" "H6'1" sing N N 30 
LCG "C6'" "H6'2" sing N N 31 
LCG N9    C8     sing Y N 32 
LCG N9    C4     sing Y N 33 
LCG N9    "C1'"  sing N N 34 
LCG C8    N7     doub Y N 35 
LCG C8    H8     sing N N 36 
LCG C4    C5     doub Y N 37 
LCG C4    N3     sing N N 38 
LCG N7    C5     sing Y N 39 
LCG C5    C6     sing N N 40 
LCG C6    O6     doub N N 41 
LCG C6    N1     sing N N 42 
LCG "C2'" "C1'"  sing N N 43 
LCG "C2'" "O2'"  sing N N 44 
LCG "C2'" "H2'"  sing N N 45 
LCG "C4'" "O4'"  sing N N 46 
LCG "C1'" "O4'"  sing N N 47 
LCG "C1'" "H1'"  sing N N 48 
LCG C2    N1     sing N N 49 
LCG C2    N2     sing N N 50 
LCG C2    N3     doub N N 51 
LCG N1    H1     sing N N 52 
LCG OP2   HOP2   sing N N 53 
LCG N2    H21    sing N N 54 
LCG N2    H22    sing N N 55 
LCG "O3'" "HO3'" sing N N 56 
LCG OP3   HOP3   sing N N 57 
TLN P     OP1    doub N N 58 
TLN P     OP2    sing N N 59 
TLN P     OP3    sing N N 60 
TLN P     "O5'"  sing N N 61 
TLN OP2   HOP2   sing N N 62 
TLN OP3   HOP3   sing N N 63 
TLN "O5'" "C5'"  sing N N 64 
TLN "C5'" "C4'"  sing N N 65 
TLN "C5'" "H5'"  sing N N 66 
TLN "C5'" "H5''" sing N N 67 
TLN "C4'" "O4'"  sing N N 68 
TLN "C4'" "C3'"  sing N N 69 
TLN "C4'" "C6'"  sing N N 70 
TLN "O4'" "C1'"  sing N N 71 
TLN "C1'" N1     sing N N 72 
TLN "C1'" "C2'"  sing N N 73 
TLN "C1'" "H1'"  sing N N 74 
TLN N1    C6     sing N N 75 
TLN N1    C2     sing N N 76 
TLN C6    C5     doub N N 77 
TLN C6    H6     sing N N 78 
TLN C5    C5M    sing N N 79 
TLN C5    C4     sing N N 80 
TLN C5M   H71    sing N N 81 
TLN C5M   H72    sing N N 82 
TLN C5M   H73    sing N N 83 
TLN C4    O4     doub N N 84 
TLN C4    N3     sing N N 85 
TLN N3    C2     sing N N 86 
TLN N3    H3     sing N N 87 
TLN C2    O2     doub N N 88 
TLN "C3'" "C2'"  sing N N 89 
TLN "C3'" "O3'"  sing N N 90 
TLN "C3'" "H3'"  sing N N 91 
TLN "C2'" "O2'"  sing N N 92 
TLN "C2'" "H2'"  sing N N 93 
TLN "O2'" "C6'"  sing N N 94 
TLN "O3'" "HO3'" sing N N 95 
TLN "C6'" "H6'1" sing N N 96 
TLN "C6'" "H6'2" sing N N 97 
# 
_ndb_struct_conf_na.entry_id   4L0A 
_ndb_struct_conf_na.feature    'quadruple helix' 
# 
loop_
_pdbx_entity_nonpoly.entity_id 
_pdbx_entity_nonpoly.name 
_pdbx_entity_nonpoly.comp_id 
2 'POTASSIUM ION' K   
3 GLYCEROL        GOL 
4 water           HOH 
# 
_pdbx_initial_refinement_model.id               1 
_pdbx_initial_refinement_model.entity_id_list   ? 
_pdbx_initial_refinement_model.type             'experimental model' 
_pdbx_initial_refinement_model.source_name      PDB 
_pdbx_initial_refinement_model.accession_code   1S9L 
_pdbx_initial_refinement_model.details          ? 
# 
